data_8TGW
#
_entry.id   8TGW
#
_cell.length_a   1.00
_cell.length_b   1.00
_cell.length_c   1.00
_cell.angle_alpha   90.00
_cell.angle_beta   90.00
_cell.angle_gamma   90.00
#
_symmetry.space_group_name_H-M   'P 1'
#
loop_
_entity.id
_entity.type
_entity.pdbx_description
1 polymer '1059 SOSIP Surface protein gp120'
2 polymer '1059 SOSIP Transmembrane protein gp41'
3 branched 2-acetamido-2-deoxy-beta-D-glucopyranose-(1-4)-2-acetamido-2-deoxy-beta-D-glucopyranose
4 branched beta-D-mannopyranose-(1-4)-beta-D-mannopyranose
5 branched beta-D-mannopyranose-(1-4)-2-acetamido-2-deoxy-beta-D-glucopyranose-(1-4)-2-acetamido-2-deoxy-beta-D-glucopyranose
6 non-polymer 2-acetamido-2-deoxy-beta-D-glucopyranose
#
loop_
_entity_poly.entity_id
_entity_poly.type
_entity_poly.pdbx_seq_one_letter_code
_entity_poly.pdbx_strand_id
1 'polypeptide(L)'
;AEQLWVTVYYGVPVWKEATTTLFCASDAKAYTAEAHNVWATHACVPTDPNPQEVVLENVTENFNMWKNNMVEQMHEDIIS
LWDQSLKPCVKLTPLCVTLNCTDLANNTNLANNTNSSISSWEKMEKGEIKNCSFNITTVIKDKIQKNYALFNRLDIVPID
DDDTNVTNNASYRLISCNTSVITQACPKISFEPIPIHYCAPAGFAILKCNDKKFNGTGPCTNVSTVQCTHGIKPVVSTQL
LLNGSLAEEEVVIRSENFTDNVKTIIVQLNESVIINCTRPNNNTRKSITFGPGRAFYTTGDIIGDIRKAYCNISSTQWNN
TLRQIARRLREQFKDKTIVFNSSSGGDPEIVMHSFNCGGEFFYCNTTQLFNSTWNGNDTGEFNNTGKNITYITLPCRIKQ
IINMWQEVGKAMYAPPIAGQIRCSSNITGILLTRDGGNSSEDKEIFRPEGGNMRDNWRSELYKYKVVKIEPLGVAPTKCK
RRVVQRRRRRR
;
A,B,C
2 'polypeptide(L)'
;AVGIGAVFLGFLGAAGSTMGAASMTLTVQARLLLSGIVQQQNNLLRAPEAQQHLLQLTVWGIKQLQARVLAVERYLKDQQ
LLGIWGCSGKLICCTAVPWNASWSNRSLDNIWNNMTWMEWDREINNYTNLIYNLIEESQNQQEKNEQELLELD
;
a,b,c
#
# COMPACT_ATOMS: atom_id res chain seq x y z
N GLU A 2 -53.12 27.35 1.98
CA GLU A 2 -52.46 26.42 1.07
C GLU A 2 -50.98 26.78 0.89
N GLN A 3 -50.13 26.19 1.72
CA GLN A 3 -48.69 26.42 1.65
C GLN A 3 -47.97 25.09 1.76
N LEU A 4 -46.93 24.93 0.96
CA LEU A 4 -46.15 23.71 0.90
C LEU A 4 -44.78 23.97 1.51
N TRP A 5 -44.37 23.12 2.44
CA TRP A 5 -43.07 23.26 3.10
C TRP A 5 -42.23 21.99 2.88
N VAL A 6 -40.91 22.16 2.95
CA VAL A 6 -39.97 21.16 2.47
C VAL A 6 -39.88 19.98 3.42
N THR A 7 -39.96 18.77 2.87
CA THR A 7 -39.84 17.53 3.62
C THR A 7 -38.61 16.76 3.14
N VAL A 8 -37.86 16.20 4.09
CA VAL A 8 -36.63 15.49 3.81
C VAL A 8 -36.84 14.01 4.06
N TYR A 9 -36.58 13.18 3.07
CA TYR A 9 -36.73 11.74 3.20
C TYR A 9 -35.37 11.06 3.09
N TYR A 10 -35.24 9.96 3.81
CA TYR A 10 -34.05 9.11 3.76
C TYR A 10 -34.45 7.71 3.37
N GLY A 11 -33.64 7.09 2.52
CA GLY A 11 -33.98 5.79 1.98
C GLY A 11 -34.78 5.82 0.70
N VAL A 12 -34.70 6.92 -0.05
CA VAL A 12 -35.44 7.06 -1.31
C VAL A 12 -34.85 6.11 -2.36
N PRO A 13 -35.67 5.30 -3.04
CA PRO A 13 -35.17 4.36 -4.05
C PRO A 13 -34.87 4.98 -5.43
N VAL A 14 -33.74 5.67 -5.54
CA VAL A 14 -33.24 6.13 -6.82
C VAL A 14 -31.79 5.67 -6.97
N TRP A 15 -31.34 5.61 -8.23
CA TRP A 15 -29.99 5.21 -8.52
C TRP A 15 -29.46 5.99 -9.72
N LYS A 16 -28.15 6.11 -9.79
CA LYS A 16 -27.47 6.71 -10.93
C LYS A 16 -26.29 5.84 -11.31
N GLU A 17 -25.89 5.91 -12.57
CA GLU A 17 -24.80 5.09 -13.07
C GLU A 17 -23.45 5.58 -12.54
N ALA A 18 -22.63 4.63 -12.11
CA ALA A 18 -21.31 4.94 -11.59
C ALA A 18 -20.41 3.72 -11.74
N THR A 19 -19.11 3.95 -11.63
CA THR A 19 -18.12 2.89 -11.67
C THR A 19 -17.45 2.78 -10.30
N THR A 20 -17.42 1.57 -9.76
CA THR A 20 -16.90 1.35 -8.42
C THR A 20 -15.86 0.25 -8.45
N THR A 21 -15.24 0.03 -7.28
CA THR A 21 -14.19 -0.98 -7.13
C THR A 21 -14.83 -2.26 -6.58
N LEU A 22 -15.24 -3.12 -7.49
CA LEU A 22 -15.85 -4.38 -7.13
C LEU A 22 -14.81 -5.35 -6.61
N PHE A 23 -15.03 -5.92 -5.43
CA PHE A 23 -14.12 -6.87 -4.82
C PHE A 23 -14.61 -8.29 -5.07
N CYS A 24 -13.67 -9.22 -5.15
CA CYS A 24 -14.02 -10.60 -5.43
C CYS A 24 -14.50 -11.30 -4.16
N ALA A 25 -15.31 -12.34 -4.36
CA ALA A 25 -15.76 -13.19 -3.26
C ALA A 25 -15.96 -14.60 -3.79
N SER A 26 -15.60 -15.59 -2.98
CA SER A 26 -15.73 -16.98 -3.39
C SER A 26 -15.93 -17.90 -2.18
N GLN A 52 -31.49 -14.30 -2.79
CA GLN A 52 -30.90 -12.97 -2.63
C GLN A 52 -31.46 -12.02 -3.68
N GLU A 53 -31.94 -12.57 -4.78
CA GLU A 53 -32.47 -11.77 -5.88
C GLU A 53 -33.83 -11.21 -5.51
N VAL A 54 -34.04 -9.93 -5.82
CA VAL A 54 -35.30 -9.25 -5.57
C VAL A 54 -35.81 -8.66 -6.87
N VAL A 55 -37.11 -8.79 -7.11
CA VAL A 55 -37.69 -8.43 -8.41
C VAL A 55 -38.18 -6.98 -8.33
N LEU A 56 -37.71 -6.16 -9.26
CA LEU A 56 -38.08 -4.75 -9.34
C LEU A 56 -39.18 -4.61 -10.38
N GLU A 57 -40.34 -4.10 -9.97
CA GLU A 57 -41.51 -4.03 -10.83
C GLU A 57 -41.69 -2.64 -11.42
N ASN A 58 -42.27 -2.59 -12.61
CA ASN A 58 -42.64 -1.39 -13.37
C ASN A 58 -41.46 -0.47 -13.66
N VAL A 59 -40.24 -0.99 -13.75
CA VAL A 59 -39.06 -0.19 -14.03
C VAL A 59 -38.39 -0.72 -15.30
N THR A 60 -37.97 0.19 -16.16
CA THR A 60 -37.27 -0.15 -17.40
C THR A 60 -35.90 0.51 -17.38
N GLU A 61 -34.85 -0.30 -17.45
CA GLU A 61 -33.48 0.18 -17.42
C GLU A 61 -32.75 -0.31 -18.65
N ASN A 62 -32.04 0.60 -19.32
CA ASN A 62 -31.26 0.26 -20.49
C ASN A 62 -29.94 -0.38 -20.11
N PHE A 63 -29.44 -1.25 -20.99
CA PHE A 63 -28.20 -1.96 -20.76
C PHE A 63 -27.32 -1.84 -21.99
N ASN A 64 -26.00 -1.97 -21.78
CA ASN A 64 -25.04 -1.93 -22.88
C ASN A 64 -23.82 -2.70 -22.39
N MET A 65 -23.66 -3.93 -22.87
CA MET A 65 -22.57 -4.78 -22.41
C MET A 65 -21.24 -4.48 -23.09
N TRP A 66 -21.26 -3.75 -24.21
CA TRP A 66 -19.99 -3.32 -24.80
C TRP A 66 -19.38 -2.16 -24.03
N LYS A 67 -20.20 -1.31 -23.41
CA LYS A 67 -19.71 -0.23 -22.57
C LYS A 67 -19.73 -0.58 -21.09
N ASN A 68 -19.88 -1.86 -20.76
CA ASN A 68 -19.88 -2.29 -19.37
C ASN A 68 -18.47 -2.20 -18.80
N ASN A 69 -18.38 -1.68 -17.58
CA ASN A 69 -17.08 -1.50 -16.94
C ASN A 69 -16.67 -2.69 -16.08
N MET A 70 -17.55 -3.67 -15.88
CA MET A 70 -17.18 -4.87 -15.13
C MET A 70 -16.18 -5.72 -15.90
N VAL A 71 -16.25 -5.68 -17.24
CA VAL A 71 -15.33 -6.44 -18.08
C VAL A 71 -13.91 -5.92 -17.94
N GLU A 72 -13.74 -4.59 -17.94
CA GLU A 72 -12.41 -4.01 -17.78
C GLU A 72 -11.86 -4.27 -16.38
N GLN A 73 -12.73 -4.22 -15.37
CA GLN A 73 -12.31 -4.51 -13.99
C GLN A 73 -11.85 -5.95 -13.85
N MET A 74 -12.60 -6.90 -14.44
CA MET A 74 -12.21 -8.30 -14.38
C MET A 74 -10.94 -8.57 -15.16
N HIS A 75 -10.78 -7.91 -16.31
CA HIS A 75 -9.58 -8.08 -17.14
C HIS A 75 -8.33 -7.56 -16.44
N GLU A 76 -8.44 -6.40 -15.80
CA GLU A 76 -7.32 -5.85 -15.05
C GLU A 76 -6.99 -6.69 -13.83
N ASP A 77 -8.01 -7.23 -13.16
CA ASP A 77 -7.77 -8.08 -11.99
C ASP A 77 -7.10 -9.39 -12.37
N ILE A 78 -7.49 -9.97 -13.51
CA ILE A 78 -6.88 -11.23 -13.95
C ILE A 78 -5.43 -11.02 -14.37
N ILE A 79 -5.14 -9.90 -15.07
CA ILE A 79 -3.76 -9.59 -15.42
C ILE A 79 -2.90 -9.31 -14.19
N SER A 80 -3.47 -8.62 -13.19
CA SER A 80 -2.73 -8.35 -11.96
C SER A 80 -2.47 -9.63 -11.17
N LEU A 81 -3.43 -10.56 -11.17
CA LEU A 81 -3.22 -11.85 -10.51
C LEU A 81 -2.14 -12.68 -11.21
N TRP A 82 -2.14 -12.66 -12.55
CA TRP A 82 -1.12 -13.39 -13.31
C TRP A 82 0.27 -12.81 -13.08
N ASP A 83 0.36 -11.47 -13.04
CA ASP A 83 1.65 -10.82 -12.80
C ASP A 83 2.12 -11.00 -11.37
N GLN A 84 1.18 -11.11 -10.42
CA GLN A 84 1.56 -11.42 -9.05
C GLN A 84 2.05 -12.86 -8.92
N SER A 85 1.47 -13.78 -9.70
CA SER A 85 1.90 -15.17 -9.66
C SER A 85 3.26 -15.35 -10.32
N LEU A 86 3.56 -14.58 -11.37
CA LEU A 86 4.83 -14.76 -12.07
C LEU A 86 5.96 -13.92 -11.51
N LYS A 87 5.76 -13.23 -10.39
CA LYS A 87 6.81 -12.34 -9.89
C LYS A 87 7.98 -13.06 -9.20
N PRO A 88 7.80 -13.91 -8.19
CA PRO A 88 8.98 -14.44 -7.49
C PRO A 88 9.51 -15.78 -8.01
N CYS A 89 9.11 -16.25 -9.19
CA CYS A 89 9.33 -17.63 -9.57
C CYS A 89 10.50 -17.85 -10.52
N VAL A 90 11.51 -16.96 -10.48
CA VAL A 90 12.88 -16.96 -11.03
C VAL A 90 12.93 -17.08 -12.56
N LYS A 91 13.90 -16.42 -13.19
CA LYS A 91 14.03 -16.39 -14.64
C LYS A 91 14.69 -17.67 -15.14
N LEU A 92 14.76 -17.79 -16.47
CA LEU A 92 15.38 -18.95 -17.11
C LEU A 92 16.78 -18.69 -17.64
N THR A 93 17.21 -17.44 -17.69
CA THR A 93 18.61 -17.13 -17.96
C THR A 93 19.47 -17.72 -16.83
N PRO A 94 20.53 -18.48 -17.15
CA PRO A 94 21.21 -18.70 -18.44
C PRO A 94 20.75 -19.85 -19.35
N LEU A 95 19.47 -19.98 -19.69
CA LEU A 95 19.12 -20.74 -20.88
C LEU A 95 19.31 -19.87 -22.12
N CYS A 96 18.70 -20.30 -23.23
CA CYS A 96 18.92 -19.85 -24.62
C CYS A 96 20.35 -20.14 -25.07
N VAL A 97 20.95 -21.21 -24.58
CA VAL A 97 22.19 -21.70 -25.18
C VAL A 97 21.85 -22.46 -26.46
N THR A 98 22.88 -22.79 -27.23
CA THR A 98 22.66 -23.51 -28.48
C THR A 98 22.25 -24.95 -28.22
N LEU A 99 20.97 -25.24 -28.44
CA LEU A 99 20.43 -26.59 -28.30
C LEU A 99 20.79 -27.41 -29.52
N ASN A 100 21.34 -28.59 -29.29
CA ASN A 100 21.57 -29.58 -30.35
C ASN A 100 20.48 -30.63 -30.22
N CYS A 101 19.60 -30.71 -31.22
CA CYS A 101 18.45 -31.60 -31.17
C CYS A 101 18.53 -32.65 -32.27
N THR A 102 17.98 -33.82 -31.98
CA THR A 102 17.98 -34.92 -32.94
C THR A 102 16.97 -34.69 -34.04
N ILE A 129 7.89 -33.85 -31.63
CA ILE A 129 8.68 -33.79 -30.41
C ILE A 129 10.15 -33.97 -30.77
N LYS A 130 11.05 -33.49 -29.92
CA LYS A 130 12.48 -33.52 -30.19
C LYS A 130 13.23 -33.93 -28.93
N ASN A 131 14.42 -34.47 -29.12
CA ASN A 131 15.36 -34.77 -28.04
C ASN A 131 16.55 -33.84 -28.18
N CYS A 132 16.73 -32.95 -27.22
CA CYS A 132 17.73 -31.90 -27.31
C CYS A 132 18.72 -32.00 -26.16
N SER A 133 19.99 -31.75 -26.48
CA SER A 133 21.07 -31.73 -25.50
C SER A 133 21.79 -30.40 -25.57
N PHE A 134 22.24 -29.92 -24.42
CA PHE A 134 22.82 -28.59 -24.35
C PHE A 134 23.84 -28.54 -23.22
N ASN A 135 24.75 -27.57 -23.33
CA ASN A 135 25.72 -27.29 -22.28
C ASN A 135 25.22 -26.14 -21.42
N ILE A 136 25.32 -26.31 -20.10
CA ILE A 136 24.85 -25.30 -19.17
C ILE A 136 25.81 -25.28 -17.98
N THR A 137 25.87 -24.14 -17.30
CA THR A 137 26.70 -24.05 -16.11
C THR A 137 26.03 -24.76 -14.94
N THR A 138 26.84 -25.36 -14.08
CA THR A 138 26.35 -26.04 -12.91
C THR A 138 26.24 -25.05 -11.74
N VAL A 139 26.05 -25.57 -10.53
CA VAL A 139 25.87 -24.73 -9.35
C VAL A 139 27.17 -24.01 -9.01
N ILE A 140 28.32 -24.61 -9.33
CA ILE A 140 29.60 -23.92 -9.27
C ILE A 140 29.78 -23.14 -10.57
N LYS A 141 30.22 -21.88 -10.44
CA LYS A 141 30.17 -20.93 -11.55
C LYS A 141 31.11 -21.31 -12.69
N ASP A 142 32.32 -21.78 -12.38
CA ASP A 142 33.34 -22.00 -13.38
C ASP A 142 33.32 -23.41 -14.00
N LYS A 143 32.25 -24.17 -13.81
CA LYS A 143 32.18 -25.53 -14.35
C LYS A 143 30.92 -25.67 -15.19
N ILE A 144 31.03 -26.46 -16.26
CA ILE A 144 29.96 -26.64 -17.23
C ILE A 144 29.58 -28.12 -17.29
N GLN A 145 28.30 -28.40 -17.11
CA GLN A 145 27.78 -29.76 -17.14
C GLN A 145 27.02 -29.99 -18.45
N LYS A 146 26.85 -31.27 -18.79
CA LYS A 146 26.08 -31.66 -19.96
C LYS A 146 24.74 -32.24 -19.53
N ASN A 147 23.67 -31.78 -20.17
CA ASN A 147 22.32 -32.24 -19.87
C ASN A 147 21.58 -32.53 -21.16
N TYR A 148 20.45 -33.23 -21.03
CA TYR A 148 19.58 -33.52 -22.15
C TYR A 148 18.13 -33.34 -21.71
N ALA A 149 17.28 -32.98 -22.66
CA ALA A 149 15.91 -32.62 -22.33
C ALA A 149 15.01 -32.88 -23.53
N LEU A 150 13.79 -33.35 -23.25
CA LEU A 150 12.77 -33.49 -24.27
C LEU A 150 11.92 -32.24 -24.33
N PHE A 151 11.89 -31.58 -25.49
CA PHE A 151 11.10 -30.39 -25.70
C PHE A 151 10.11 -30.65 -26.82
N ASN A 152 8.97 -29.97 -26.76
CA ASN A 152 8.01 -30.05 -27.85
C ASN A 152 8.49 -29.24 -29.04
N ARG A 153 7.85 -29.45 -30.19
CA ARG A 153 8.31 -28.80 -31.41
C ARG A 153 7.97 -27.32 -31.43
N LEU A 154 6.80 -26.93 -30.90
CA LEU A 154 6.39 -25.54 -30.95
C LEU A 154 7.17 -24.65 -29.98
N ASP A 155 7.86 -25.24 -29.00
CA ASP A 155 8.69 -24.46 -28.09
C ASP A 155 10.05 -24.10 -28.67
N ILE A 156 10.38 -24.62 -29.85
CA ILE A 156 11.71 -24.55 -30.41
C ILE A 156 11.66 -23.86 -31.77
N VAL A 157 12.52 -22.85 -31.95
CA VAL A 157 12.68 -22.21 -33.25
C VAL A 157 14.10 -22.49 -33.73
N PRO A 158 14.33 -22.74 -35.03
CA PRO A 158 15.70 -22.88 -35.54
C PRO A 158 16.46 -21.56 -35.56
N TYR A 172 19.51 -25.13 -32.38
CA TYR A 172 18.17 -24.63 -32.13
C TYR A 172 18.12 -23.64 -30.98
N ARG A 173 16.93 -23.15 -30.65
CA ARG A 173 16.74 -22.07 -29.71
C ARG A 173 15.29 -22.09 -29.24
N LEU A 174 15.05 -21.68 -27.99
CA LEU A 174 13.69 -21.57 -27.48
C LEU A 174 12.92 -20.47 -28.22
N ILE A 175 11.60 -20.63 -28.26
CA ILE A 175 10.76 -19.83 -29.16
C ILE A 175 10.68 -18.38 -28.70
N SER A 176 10.62 -18.15 -27.40
CA SER A 176 10.46 -16.81 -26.85
C SER A 176 11.77 -16.25 -26.34
N CYS A 177 12.84 -16.49 -27.10
CA CYS A 177 14.17 -16.07 -26.66
C CYS A 177 14.48 -14.64 -27.07
N ASN A 178 14.12 -14.25 -28.29
CA ASN A 178 14.46 -12.92 -28.78
C ASN A 178 13.36 -11.89 -28.58
N THR A 179 12.24 -12.26 -27.95
CA THR A 179 11.14 -11.34 -27.72
C THR A 179 10.94 -10.94 -26.27
N SER A 180 11.04 -11.87 -25.32
CA SER A 180 10.61 -11.62 -23.95
C SER A 180 11.50 -12.38 -22.99
N VAL A 181 11.52 -11.92 -21.75
CA VAL A 181 12.19 -12.66 -20.69
C VAL A 181 11.28 -13.81 -20.25
N ILE A 182 11.85 -14.99 -20.10
CA ILE A 182 11.08 -16.19 -19.81
C ILE A 182 11.16 -16.46 -18.32
N THR A 183 10.10 -16.12 -17.60
CA THR A 183 10.01 -16.41 -16.18
C THR A 183 9.37 -17.77 -16.01
N GLN A 184 10.12 -18.70 -15.43
CA GLN A 184 9.65 -20.06 -15.22
C GLN A 184 8.53 -20.07 -14.19
N ALA A 185 7.54 -20.94 -14.39
CA ALA A 185 6.42 -20.99 -13.48
C ALA A 185 6.68 -21.98 -12.36
N CYS A 186 6.34 -21.55 -11.14
CA CYS A 186 6.65 -22.31 -9.91
C CYS A 186 5.98 -23.67 -9.93
N PRO A 187 6.66 -24.72 -9.45
CA PRO A 187 6.08 -26.08 -9.55
C PRO A 187 4.85 -26.31 -8.69
N LYS A 188 4.58 -25.43 -7.72
CA LYS A 188 3.35 -25.51 -6.95
C LYS A 188 2.13 -25.06 -7.73
N ILE A 189 2.32 -24.32 -8.83
CA ILE A 189 1.23 -23.55 -9.44
C ILE A 189 0.21 -24.49 -10.10
N SER A 190 -1.03 -24.01 -10.18
CA SER A 190 -2.13 -24.78 -10.74
C SER A 190 -3.04 -23.81 -11.50
N PHE A 191 -3.39 -24.17 -12.73
CA PHE A 191 -4.19 -23.32 -13.59
C PHE A 191 -5.66 -23.67 -13.56
N GLU A 192 -6.13 -24.37 -12.53
CA GLU A 192 -7.53 -24.73 -12.45
C GLU A 192 -8.37 -23.51 -12.08
N PRO A 193 -9.42 -23.22 -12.85
CA PRO A 193 -10.28 -22.09 -12.51
C PRO A 193 -11.16 -22.36 -11.30
N ILE A 194 -11.26 -21.34 -10.45
CA ILE A 194 -12.17 -21.36 -9.30
C ILE A 194 -13.21 -20.29 -9.56
N PRO A 195 -14.50 -20.54 -9.30
CA PRO A 195 -15.52 -19.52 -9.53
C PRO A 195 -15.32 -18.29 -8.64
N ILE A 196 -15.51 -17.12 -9.24
CA ILE A 196 -15.31 -15.83 -8.58
C ILE A 196 -16.60 -15.04 -8.69
N HIS A 197 -17.16 -14.64 -7.56
CA HIS A 197 -18.33 -13.78 -7.52
C HIS A 197 -17.87 -12.34 -7.30
N TYR A 198 -18.35 -11.43 -8.14
CA TYR A 198 -18.02 -10.02 -8.01
C TYR A 198 -19.13 -9.35 -7.20
N CYS A 199 -18.77 -8.76 -6.07
CA CYS A 199 -19.72 -8.15 -5.16
C CYS A 199 -19.52 -6.65 -5.13
N ALA A 200 -20.61 -5.93 -4.84
CA ALA A 200 -20.62 -4.48 -4.75
C ALA A 200 -20.62 -4.04 -3.30
N PRO A 201 -19.91 -2.95 -2.96
CA PRO A 201 -19.88 -2.50 -1.56
C PRO A 201 -21.18 -1.86 -1.12
N ALA A 202 -21.24 -1.38 0.13
CA ALA A 202 -22.43 -0.73 0.63
C ALA A 202 -22.63 0.62 -0.05
N GLY A 203 -23.87 0.88 -0.46
CA GLY A 203 -24.19 2.07 -1.23
C GLY A 203 -24.25 1.85 -2.73
N PHE A 204 -23.79 0.71 -3.22
CA PHE A 204 -23.86 0.37 -4.63
C PHE A 204 -24.71 -0.89 -4.80
N ALA A 205 -25.20 -1.08 -6.02
CA ALA A 205 -26.08 -2.21 -6.31
C ALA A 205 -25.78 -2.71 -7.71
N ILE A 206 -26.12 -3.97 -7.95
CA ILE A 206 -25.91 -4.63 -9.23
C ILE A 206 -27.28 -5.01 -9.78
N LEU A 207 -27.58 -4.53 -10.99
CA LEU A 207 -28.86 -4.80 -11.64
C LEU A 207 -28.70 -5.88 -12.69
N LYS A 208 -29.63 -6.82 -12.70
CA LYS A 208 -29.59 -7.96 -13.61
C LYS A 208 -30.79 -7.90 -14.54
N CYS A 209 -30.56 -8.02 -15.84
CA CYS A 209 -31.63 -8.05 -16.83
C CYS A 209 -32.10 -9.48 -17.02
N ASN A 210 -33.41 -9.68 -16.92
CA ASN A 210 -33.99 -11.01 -16.92
C ASN A 210 -34.77 -11.35 -18.19
N ASP A 211 -34.56 -10.59 -19.27
CA ASP A 211 -35.21 -10.92 -20.53
C ASP A 211 -34.60 -12.17 -21.14
N LYS A 212 -35.46 -13.08 -21.60
CA LYS A 212 -35.01 -14.35 -22.13
C LYS A 212 -34.42 -14.24 -23.53
N LYS A 213 -34.72 -13.17 -24.26
CA LYS A 213 -34.18 -12.95 -25.60
C LYS A 213 -33.43 -11.63 -25.67
N PHE A 214 -32.62 -11.35 -24.65
CA PHE A 214 -31.88 -10.08 -24.60
C PHE A 214 -30.71 -10.11 -25.58
N ASN A 215 -30.58 -9.05 -26.38
CA ASN A 215 -29.60 -9.01 -27.45
C ASN A 215 -28.36 -8.19 -27.10
N GLY A 216 -28.21 -7.79 -25.84
CA GLY A 216 -27.02 -7.10 -25.37
C GLY A 216 -27.19 -5.61 -25.16
N THR A 217 -27.89 -4.92 -26.06
CA THR A 217 -28.13 -3.49 -25.91
C THR A 217 -29.63 -3.24 -25.83
N GLY A 218 -29.99 -1.99 -25.59
CA GLY A 218 -31.38 -1.59 -25.56
C GLY A 218 -32.01 -1.77 -24.20
N PRO A 219 -33.25 -1.33 -24.06
CA PRO A 219 -33.92 -1.41 -22.74
C PRO A 219 -34.32 -2.83 -22.40
N CYS A 220 -34.34 -3.12 -21.09
CA CYS A 220 -34.75 -4.41 -20.56
C CYS A 220 -36.04 -4.22 -19.78
N THR A 221 -37.03 -5.07 -20.08
CA THR A 221 -38.34 -4.92 -19.44
C THR A 221 -38.32 -5.36 -17.98
N ASN A 222 -37.71 -6.50 -17.70
CA ASN A 222 -37.70 -7.07 -16.36
C ASN A 222 -36.31 -6.95 -15.75
N VAL A 223 -36.20 -6.16 -14.68
CA VAL A 223 -34.93 -5.86 -14.04
C VAL A 223 -35.00 -6.38 -12.60
N SER A 224 -33.94 -7.05 -12.17
CA SER A 224 -33.85 -7.53 -10.80
C SER A 224 -32.48 -7.17 -10.24
N THR A 225 -32.41 -7.11 -8.91
CA THR A 225 -31.21 -6.67 -8.20
C THR A 225 -30.62 -7.81 -7.39
N VAL A 226 -29.31 -8.01 -7.50
CA VAL A 226 -28.60 -9.04 -6.77
C VAL A 226 -27.44 -8.40 -6.02
N GLN A 227 -27.01 -9.04 -4.93
CA GLN A 227 -25.86 -8.54 -4.18
C GLN A 227 -24.55 -8.81 -4.91
N CYS A 228 -24.39 -10.02 -5.46
CA CYS A 228 -23.17 -10.42 -6.15
C CYS A 228 -23.55 -11.14 -7.44
N THR A 229 -22.58 -11.21 -8.36
CA THR A 229 -22.78 -11.92 -9.61
C THR A 229 -22.75 -13.43 -9.38
N HIS A 230 -23.00 -14.18 -10.45
CA HIS A 230 -23.01 -15.63 -10.35
C HIS A 230 -21.58 -16.17 -10.42
N GLY A 231 -21.44 -17.48 -10.52
CA GLY A 231 -20.13 -18.11 -10.47
C GLY A 231 -19.35 -18.03 -11.76
N ILE A 232 -18.75 -16.88 -12.03
CA ILE A 232 -17.98 -16.69 -13.26
C ILE A 232 -16.66 -17.45 -13.13
N LYS A 233 -16.44 -18.42 -14.02
CA LYS A 233 -15.20 -19.18 -14.03
C LYS A 233 -14.23 -18.54 -15.02
N PRO A 234 -13.02 -18.17 -14.60
CA PRO A 234 -12.04 -17.60 -15.54
C PRO A 234 -11.39 -18.65 -16.43
N VAL A 235 -12.17 -19.18 -17.36
CA VAL A 235 -11.67 -20.15 -18.32
C VAL A 235 -11.05 -19.41 -19.49
N VAL A 236 -9.78 -19.72 -19.79
CA VAL A 236 -9.05 -19.09 -20.89
C VAL A 236 -9.11 -20.04 -22.08
N SER A 237 -9.74 -19.58 -23.16
CA SER A 237 -9.86 -20.36 -24.38
C SER A 237 -10.08 -19.41 -25.54
N THR A 238 -9.48 -19.74 -26.69
CA THR A 238 -9.45 -18.77 -27.79
C THR A 238 -10.72 -18.79 -28.64
N GLN A 239 -11.00 -19.92 -29.30
CA GLN A 239 -12.08 -19.94 -30.28
C GLN A 239 -13.39 -20.40 -29.70
N LEU A 240 -13.36 -21.40 -28.82
CA LEU A 240 -14.57 -22.02 -28.29
C LEU A 240 -14.65 -21.72 -26.80
N LEU A 241 -15.75 -21.10 -26.37
CA LEU A 241 -15.96 -20.83 -24.96
C LEU A 241 -16.34 -22.11 -24.24
N LEU A 242 -15.66 -22.39 -23.13
CA LEU A 242 -15.87 -23.61 -22.38
C LEU A 242 -16.38 -23.27 -20.98
N ASN A 243 -17.27 -24.14 -20.48
CA ASN A 243 -17.79 -24.09 -19.11
C ASN A 243 -18.50 -22.77 -18.80
N GLY A 244 -19.22 -22.23 -19.78
CA GLY A 244 -19.92 -20.99 -19.62
C GLY A 244 -21.37 -21.19 -19.21
N SER A 245 -22.14 -20.11 -19.35
CA SER A 245 -23.56 -20.13 -19.02
C SER A 245 -24.39 -20.31 -20.29
N LEU A 246 -25.24 -21.33 -20.31
CA LEU A 246 -26.07 -21.62 -21.45
C LEU A 246 -27.26 -20.67 -21.50
N ALA A 247 -27.74 -20.43 -22.72
CA ALA A 247 -28.91 -19.58 -22.90
C ALA A 247 -30.18 -20.31 -22.45
N GLU A 248 -31.25 -19.54 -22.27
CA GLU A 248 -32.45 -20.08 -21.65
C GLU A 248 -33.30 -20.86 -22.66
N GLU A 249 -33.57 -20.28 -23.82
CA GLU A 249 -34.51 -20.86 -24.77
C GLU A 249 -33.85 -21.40 -26.03
N GLU A 250 -33.11 -20.57 -26.75
CA GLU A 250 -32.57 -20.95 -28.06
C GLU A 250 -31.12 -20.52 -28.14
N VAL A 251 -30.48 -20.88 -29.26
CA VAL A 251 -29.15 -20.35 -29.55
C VAL A 251 -29.28 -18.87 -29.86
N VAL A 252 -28.54 -18.04 -29.13
CA VAL A 252 -28.69 -16.60 -29.24
C VAL A 252 -27.40 -16.01 -29.78
N ILE A 253 -27.49 -15.33 -30.92
CA ILE A 253 -26.38 -14.64 -31.54
C ILE A 253 -26.56 -13.15 -31.31
N ARG A 254 -25.54 -12.53 -30.73
CA ARG A 254 -25.62 -11.12 -30.36
C ARG A 254 -24.30 -10.44 -30.69
N SER A 255 -24.40 -9.21 -31.22
CA SER A 255 -23.23 -8.43 -31.61
C SER A 255 -23.58 -6.95 -31.51
N GLU A 256 -22.54 -6.11 -31.61
CA GLU A 256 -22.74 -4.67 -31.46
C GLU A 256 -23.50 -4.09 -32.66
N ASN A 257 -23.04 -4.42 -33.87
CA ASN A 257 -23.87 -4.29 -35.06
C ASN A 257 -23.42 -5.35 -36.04
N PHE A 258 -24.38 -6.01 -36.69
CA PHE A 258 -24.04 -7.15 -37.52
C PHE A 258 -23.50 -6.74 -38.88
N THR A 259 -23.66 -5.47 -39.28
CA THR A 259 -23.22 -5.07 -40.61
C THR A 259 -21.72 -4.82 -40.66
N ASP A 260 -21.10 -4.44 -39.54
CA ASP A 260 -19.66 -4.21 -39.50
C ASP A 260 -18.93 -5.55 -39.44
N ASN A 261 -17.96 -5.74 -40.33
CA ASN A 261 -17.24 -6.99 -40.40
C ASN A 261 -16.14 -7.09 -39.36
N VAL A 262 -15.70 -5.96 -38.80
CA VAL A 262 -14.57 -5.99 -37.88
C VAL A 262 -15.02 -6.38 -36.48
N LYS A 263 -16.29 -6.17 -36.15
CA LYS A 263 -16.79 -6.47 -34.82
C LYS A 263 -16.98 -7.97 -34.63
N THR A 264 -16.57 -8.46 -33.48
CA THR A 264 -16.71 -9.89 -33.17
C THR A 264 -18.17 -10.24 -32.91
N ILE A 265 -18.49 -11.50 -33.15
CA ILE A 265 -19.85 -12.02 -33.01
C ILE A 265 -19.81 -13.11 -31.96
N ILE A 266 -20.61 -12.95 -30.90
CA ILE A 266 -20.64 -13.89 -29.79
C ILE A 266 -21.88 -14.76 -29.94
N VAL A 267 -21.66 -16.07 -30.06
CA VAL A 267 -22.74 -17.04 -30.16
C VAL A 267 -22.84 -17.77 -28.82
N GLN A 268 -24.07 -17.92 -28.32
CA GLN A 268 -24.31 -18.61 -27.07
C GLN A 268 -25.29 -19.74 -27.32
N LEU A 269 -24.90 -20.96 -26.95
CA LEU A 269 -25.70 -22.14 -27.20
C LEU A 269 -26.58 -22.46 -26.00
N ASN A 270 -27.73 -23.07 -26.26
CA ASN A 270 -28.61 -23.51 -25.19
C ASN A 270 -28.38 -24.97 -24.82
N GLU A 271 -27.75 -25.75 -25.70
CA GLU A 271 -27.40 -27.13 -25.42
C GLU A 271 -25.89 -27.27 -25.58
N SER A 272 -25.22 -27.68 -24.50
CA SER A 272 -23.77 -27.80 -24.51
C SER A 272 -23.34 -29.05 -25.28
N VAL A 273 -22.16 -28.96 -25.88
CA VAL A 273 -21.55 -30.07 -26.60
C VAL A 273 -20.33 -30.52 -25.82
N ILE A 274 -20.30 -31.79 -25.45
CA ILE A 274 -19.23 -32.32 -24.60
C ILE A 274 -18.01 -32.62 -25.47
N ILE A 275 -16.83 -32.35 -24.92
CA ILE A 275 -15.55 -32.60 -25.59
C ILE A 275 -14.66 -33.39 -24.65
N ASN A 276 -13.95 -34.37 -25.19
CA ASN A 276 -12.99 -35.16 -24.43
C ASN A 276 -11.61 -35.02 -25.04
N CYS A 277 -10.65 -34.56 -24.24
CA CYS A 277 -9.29 -34.34 -24.69
C CYS A 277 -8.33 -35.14 -23.82
N THR A 278 -7.26 -35.64 -24.43
CA THR A 278 -6.36 -36.52 -23.71
C THR A 278 -4.93 -36.30 -24.17
N ARG A 279 -3.98 -36.66 -23.32
CA ARG A 279 -2.55 -36.61 -23.59
C ARG A 279 -2.02 -38.01 -23.32
N PRO A 280 -2.04 -38.90 -24.32
CA PRO A 280 -1.77 -40.32 -24.04
C PRO A 280 -0.31 -40.64 -23.80
N ASN A 281 0.61 -39.71 -24.00
CA ASN A 281 2.02 -39.98 -23.70
C ASN A 281 2.24 -40.04 -22.20
N ASN A 282 3.07 -40.99 -21.77
CA ASN A 282 3.39 -41.18 -20.35
C ASN A 282 4.72 -40.49 -20.08
N ASN A 283 4.65 -39.18 -19.85
CA ASN A 283 5.85 -38.39 -19.64
C ASN A 283 6.36 -38.55 -18.20
N THR A 284 7.66 -38.33 -18.04
CA THR A 284 8.30 -38.31 -16.73
C THR A 284 9.05 -36.99 -16.57
N ARG A 285 9.02 -36.43 -15.37
CA ARG A 285 9.61 -35.12 -15.13
C ARG A 285 10.97 -35.25 -14.46
N LYS A 286 11.85 -34.28 -14.74
CA LYS A 286 13.23 -34.30 -14.28
C LYS A 286 13.64 -32.88 -13.92
N SER A 287 14.42 -32.75 -12.85
CA SER A 287 14.89 -31.46 -12.38
C SER A 287 16.30 -31.20 -12.88
N ILE A 288 16.51 -29.99 -13.42
CA ILE A 288 17.81 -29.55 -13.89
C ILE A 288 18.20 -28.32 -13.08
N THR A 289 19.35 -28.39 -12.41
CA THR A 289 19.86 -27.27 -11.63
C THR A 289 20.92 -26.53 -12.43
N PHE A 290 20.69 -25.23 -12.65
CA PHE A 290 21.58 -24.44 -13.48
C PHE A 290 22.20 -23.25 -12.74
N GLY A 291 22.13 -23.22 -11.42
CA GLY A 291 22.71 -22.14 -10.66
C GLY A 291 22.59 -22.37 -9.16
N PRO A 292 23.05 -21.40 -8.35
CA PRO A 292 22.91 -21.54 -6.90
C PRO A 292 21.47 -21.36 -6.43
N GLY A 293 20.83 -22.47 -6.08
CA GLY A 293 19.45 -22.43 -5.63
C GLY A 293 18.44 -22.15 -6.71
N ARG A 294 18.79 -22.33 -7.98
CA ARG A 294 17.91 -22.07 -9.11
C ARG A 294 17.79 -23.32 -9.96
N ALA A 295 16.57 -23.82 -10.15
CA ALA A 295 16.35 -25.05 -10.89
C ALA A 295 14.98 -25.01 -11.55
N PHE A 296 14.78 -25.88 -12.54
CA PHE A 296 13.54 -25.91 -13.29
C PHE A 296 13.28 -27.32 -13.81
N TYR A 297 12.02 -27.60 -14.10
CA TYR A 297 11.56 -28.95 -14.43
C TYR A 297 11.38 -29.11 -15.93
N THR A 298 11.81 -30.25 -16.44
CA THR A 298 11.66 -30.57 -17.86
C THR A 298 11.24 -32.04 -17.95
N THR A 299 10.67 -32.42 -19.09
CA THR A 299 10.30 -33.81 -19.33
C THR A 299 11.54 -34.66 -19.57
N GLY A 300 11.70 -35.71 -18.76
CA GLY A 300 12.85 -36.58 -18.88
C GLY A 300 12.76 -37.58 -20.02
N ASP A 301 11.80 -38.50 -19.97
CA ASP A 301 11.63 -39.49 -21.00
C ASP A 301 10.19 -39.97 -21.00
N ILE A 302 9.79 -40.60 -22.09
CA ILE A 302 8.44 -41.10 -22.29
C ILE A 302 8.48 -42.62 -22.27
N ILE A 303 7.54 -43.21 -21.53
CA ILE A 303 7.43 -44.66 -21.39
C ILE A 303 6.27 -45.14 -22.24
N GLY A 304 6.54 -46.04 -23.17
CA GLY A 304 5.51 -46.58 -24.03
C GLY A 304 5.55 -46.00 -25.43
N ASP A 305 4.48 -46.28 -26.17
CA ASP A 305 4.38 -45.82 -27.55
C ASP A 305 4.14 -44.32 -27.61
N ILE A 306 4.76 -43.66 -28.58
CA ILE A 306 4.58 -42.23 -28.79
C ILE A 306 3.29 -42.00 -29.55
N ARG A 307 2.40 -41.19 -28.99
CA ARG A 307 1.10 -40.93 -29.60
C ARG A 307 0.83 -39.43 -29.55
N LYS A 308 -0.05 -38.99 -30.44
CA LYS A 308 -0.42 -37.58 -30.50
C LYS A 308 -1.60 -37.30 -29.57
N ALA A 309 -1.71 -36.05 -29.14
CA ALA A 309 -2.81 -35.61 -28.30
C ALA A 309 -3.98 -35.17 -29.16
N TYR A 310 -5.18 -35.65 -28.84
CA TYR A 310 -6.34 -35.43 -29.68
C TYR A 310 -7.55 -35.10 -28.82
N CYS A 311 -8.53 -34.45 -29.44
CA CYS A 311 -9.80 -34.12 -28.81
C CYS A 311 -10.93 -34.72 -29.62
N ASN A 312 -11.96 -35.20 -28.93
CA ASN A 312 -13.07 -35.92 -29.55
C ASN A 312 -14.38 -35.17 -29.34
N ILE A 313 -15.11 -34.96 -30.43
CA ILE A 313 -16.41 -34.31 -30.41
C ILE A 313 -17.38 -35.20 -31.19
N SER A 314 -18.56 -35.44 -30.61
CA SER A 314 -19.60 -36.18 -31.33
C SER A 314 -20.06 -35.40 -32.56
N SER A 315 -20.17 -36.10 -33.69
CA SER A 315 -20.45 -35.42 -34.96
C SER A 315 -21.90 -35.00 -35.08
N THR A 316 -22.83 -35.78 -34.52
CA THR A 316 -24.25 -35.47 -34.62
C THR A 316 -24.59 -34.21 -33.82
N GLN A 317 -24.03 -34.09 -32.62
CA GLN A 317 -24.25 -32.91 -31.79
C GLN A 317 -23.68 -31.66 -32.44
N TRP A 318 -22.49 -31.77 -33.03
CA TRP A 318 -21.87 -30.61 -33.66
C TRP A 318 -22.60 -30.22 -34.93
N ASN A 319 -23.10 -31.20 -35.70
CA ASN A 319 -23.88 -30.89 -36.89
C ASN A 319 -25.19 -30.20 -36.53
N ASN A 320 -25.87 -30.68 -35.47
CA ASN A 320 -27.09 -30.03 -35.01
C ASN A 320 -26.82 -28.63 -34.47
N THR A 321 -25.69 -28.44 -33.80
CA THR A 321 -25.29 -27.14 -33.29
C THR A 321 -25.04 -26.14 -34.42
N LEU A 322 -24.31 -26.58 -35.46
CA LEU A 322 -24.06 -25.69 -36.60
C LEU A 322 -25.35 -25.39 -37.37
N ARG A 323 -26.26 -26.36 -37.46
CA ARG A 323 -27.53 -26.11 -38.15
C ARG A 323 -28.40 -25.15 -37.35
N GLN A 324 -28.39 -25.24 -36.03
CA GLN A 324 -29.14 -24.29 -35.21
C GLN A 324 -28.56 -22.89 -35.28
N ILE A 325 -27.22 -22.79 -35.28
CA ILE A 325 -26.55 -21.50 -35.41
C ILE A 325 -26.88 -20.87 -36.76
N ALA A 326 -26.87 -21.68 -37.83
CA ALA A 326 -27.20 -21.17 -39.17
C ALA A 326 -28.66 -20.74 -39.26
N ARG A 327 -29.57 -21.53 -38.67
CA ARG A 327 -30.99 -21.23 -38.71
C ARG A 327 -31.31 -19.94 -37.97
N ARG A 328 -30.70 -19.73 -36.80
CA ARG A 328 -30.96 -18.50 -36.07
C ARG A 328 -30.19 -17.31 -36.66
N LEU A 329 -29.05 -17.58 -37.30
CA LEU A 329 -28.25 -16.49 -37.84
C LEU A 329 -28.82 -15.97 -39.15
N ARG A 330 -29.54 -16.82 -39.90
CA ARG A 330 -30.13 -16.37 -41.15
C ARG A 330 -31.32 -15.43 -40.90
N GLU A 331 -31.93 -15.50 -39.72
CA GLU A 331 -33.02 -14.60 -39.38
C GLU A 331 -32.55 -13.15 -39.19
N GLN A 332 -31.26 -12.93 -38.94
CA GLN A 332 -30.80 -11.54 -38.80
C GLN A 332 -30.40 -11.01 -40.17
N PHE A 333 -29.53 -11.71 -40.88
CA PHE A 333 -29.07 -11.25 -42.18
C PHE A 333 -30.15 -11.43 -43.24
N LYS A 334 -29.87 -10.92 -44.43
CA LYS A 334 -30.80 -11.06 -45.52
C LYS A 334 -30.77 -12.48 -46.08
N ASP A 335 -31.66 -12.76 -47.02
CA ASP A 335 -31.84 -14.11 -47.53
C ASP A 335 -30.65 -14.50 -48.39
N LYS A 336 -29.67 -15.16 -47.77
CA LYS A 336 -28.42 -15.52 -48.42
C LYS A 336 -27.83 -16.72 -47.69
N THR A 337 -27.33 -17.69 -48.45
CA THR A 337 -26.71 -18.86 -47.86
C THR A 337 -25.39 -18.48 -47.19
N ILE A 338 -25.08 -19.17 -46.10
CA ILE A 338 -23.89 -18.88 -45.29
C ILE A 338 -23.04 -20.15 -45.19
N VAL A 339 -21.72 -19.96 -45.23
CA VAL A 339 -20.77 -21.05 -45.19
C VAL A 339 -19.77 -20.80 -44.06
N PHE A 340 -19.42 -21.87 -43.35
CA PHE A 340 -18.39 -21.80 -42.32
C PHE A 340 -17.05 -22.17 -42.92
N ASN A 341 -16.05 -21.34 -42.66
CA ASN A 341 -14.71 -21.53 -43.21
C ASN A 341 -13.71 -21.50 -42.07
N SER A 342 -12.54 -22.07 -42.32
CA SER A 342 -11.49 -22.09 -41.30
C SER A 342 -10.86 -20.72 -41.13
N SER A 343 -10.04 -20.59 -40.10
CA SER A 343 -9.39 -19.33 -39.78
C SER A 343 -8.26 -19.02 -40.76
N ASP A 347 1.98 -18.38 -35.49
CA ASP A 347 0.92 -17.84 -34.66
C ASP A 347 -0.21 -18.82 -34.24
N PRO A 348 0.09 -19.80 -33.37
CA PRO A 348 -0.98 -20.73 -32.97
C PRO A 348 -1.95 -20.19 -31.93
N GLU A 349 -1.68 -19.04 -31.29
CA GLU A 349 -2.59 -18.56 -30.26
C GLU A 349 -3.89 -18.00 -30.83
N ILE A 350 -3.94 -17.66 -32.11
CA ILE A 350 -5.13 -17.04 -32.68
C ILE A 350 -5.72 -17.89 -33.78
N VAL A 351 -4.90 -18.74 -34.41
CA VAL A 351 -5.39 -19.54 -35.53
C VAL A 351 -6.13 -20.77 -35.03
N MET A 352 -5.55 -21.52 -34.10
CA MET A 352 -6.16 -22.76 -33.63
C MET A 352 -6.61 -22.59 -32.19
N HIS A 353 -7.40 -23.57 -31.74
CA HIS A 353 -8.02 -23.54 -30.42
C HIS A 353 -6.98 -23.78 -29.34
N SER A 354 -6.75 -22.79 -28.50
CA SER A 354 -5.78 -22.87 -27.41
C SER A 354 -6.51 -22.86 -26.09
N PHE A 355 -6.28 -23.88 -25.27
CA PHE A 355 -6.93 -23.99 -23.97
C PHE A 355 -6.08 -24.84 -23.05
N ASN A 356 -6.38 -24.74 -21.76
CA ASN A 356 -5.68 -25.49 -20.74
C ASN A 356 -6.48 -26.74 -20.38
N CYS A 357 -5.78 -27.87 -20.27
CA CYS A 357 -6.42 -29.14 -19.96
C CYS A 357 -5.52 -29.91 -19.01
N GLY A 358 -5.88 -29.90 -17.72
CA GLY A 358 -5.13 -30.65 -16.74
C GLY A 358 -3.76 -30.10 -16.42
N GLY A 359 -3.47 -28.85 -16.78
CA GLY A 359 -2.18 -28.24 -16.53
C GLY A 359 -1.28 -28.11 -17.74
N GLU A 360 -1.63 -28.69 -18.88
CA GLU A 360 -0.88 -28.54 -20.12
C GLU A 360 -1.71 -27.72 -21.10
N PHE A 361 -1.04 -26.84 -21.85
CA PHE A 361 -1.74 -25.90 -22.72
C PHE A 361 -1.87 -26.52 -24.11
N PHE A 362 -3.04 -27.09 -24.37
CA PHE A 362 -3.31 -27.74 -25.65
C PHE A 362 -3.54 -26.70 -26.73
N TYR A 363 -3.16 -27.04 -27.96
CA TYR A 363 -3.37 -26.19 -29.12
C TYR A 363 -3.97 -27.07 -30.22
N CYS A 364 -5.28 -27.00 -30.40
CA CYS A 364 -6.00 -27.96 -31.23
C CYS A 364 -6.44 -27.33 -32.54
N ASN A 365 -6.13 -28.00 -33.65
CA ASN A 365 -6.48 -27.57 -35.00
C ASN A 365 -7.97 -27.82 -35.21
N THR A 366 -8.73 -26.75 -35.47
CA THR A 366 -10.18 -26.83 -35.60
C THR A 366 -10.68 -26.57 -37.01
N THR A 367 -10.03 -27.10 -38.04
CA THR A 367 -10.52 -26.89 -39.39
C THR A 367 -11.64 -27.86 -39.75
N GLN A 368 -11.85 -28.90 -38.93
CA GLN A 368 -12.90 -29.86 -39.24
C GLN A 368 -14.25 -29.42 -38.67
N LEU A 369 -14.24 -28.61 -37.61
CA LEU A 369 -15.49 -28.13 -37.04
C LEU A 369 -16.13 -27.04 -37.88
N PHE A 370 -15.35 -26.28 -38.64
CA PHE A 370 -15.87 -25.13 -39.37
C PHE A 370 -15.69 -25.31 -40.86
N ASN A 371 -16.04 -26.49 -41.37
CA ASN A 371 -15.93 -26.82 -42.79
C ASN A 371 -17.29 -27.41 -43.20
N SER A 372 -18.22 -26.53 -43.55
CA SER A 372 -19.59 -26.92 -43.89
C SER A 372 -20.21 -25.81 -44.71
N THR A 373 -21.38 -26.09 -45.28
CA THR A 373 -22.08 -25.13 -46.11
C THR A 373 -23.24 -24.45 -45.36
N THR A 390 -20.75 -41.28 -34.69
CA THR A 390 -19.32 -41.23 -34.90
C THR A 390 -18.72 -39.99 -34.23
N TYR A 391 -17.40 -39.96 -34.15
CA TYR A 391 -16.68 -38.90 -33.46
C TYR A 391 -15.77 -38.14 -34.43
N ILE A 392 -15.66 -36.83 -34.23
CA ILE A 392 -14.72 -36.03 -34.99
C ILE A 392 -13.45 -35.85 -34.15
N THR A 393 -12.31 -36.23 -34.71
CA THR A 393 -11.03 -36.19 -34.01
C THR A 393 -10.23 -34.98 -34.47
N LEU A 394 -9.82 -34.16 -33.50
CA LEU A 394 -9.04 -32.96 -33.79
C LEU A 394 -7.62 -33.14 -33.28
N PRO A 395 -6.60 -33.07 -34.15
CA PRO A 395 -5.22 -33.19 -33.66
C PRO A 395 -4.79 -31.95 -32.90
N CYS A 396 -4.00 -32.17 -31.85
CA CYS A 396 -3.57 -31.09 -30.97
C CYS A 396 -2.07 -31.17 -30.74
N ARG A 397 -1.48 -30.02 -30.46
CA ARG A 397 -0.09 -29.90 -30.06
C ARG A 397 0.00 -29.34 -28.66
N ILE A 398 1.18 -29.48 -28.04
CA ILE A 398 1.40 -29.05 -26.67
C ILE A 398 2.47 -27.98 -26.66
N LYS A 399 2.22 -26.89 -25.95
CA LYS A 399 3.21 -25.84 -25.73
C LYS A 399 3.47 -25.70 -24.24
N GLN A 400 4.72 -25.42 -23.89
CA GLN A 400 5.07 -25.13 -22.52
C GLN A 400 5.48 -23.68 -22.29
N ILE A 401 5.77 -22.93 -23.35
CA ILE A 401 6.18 -21.53 -23.24
C ILE A 401 5.08 -20.69 -23.87
N ILE A 402 4.25 -20.06 -23.05
CA ILE A 402 3.18 -19.22 -23.56
C ILE A 402 3.37 -17.81 -23.03
N ASN A 403 2.78 -16.85 -23.75
CA ASN A 403 2.94 -15.43 -23.47
C ASN A 403 1.60 -14.70 -23.57
N MET A 404 0.60 -15.23 -22.84
CA MET A 404 -0.80 -14.82 -22.92
C MET A 404 -1.05 -13.35 -22.63
N TRP A 405 -2.23 -12.87 -23.06
CA TRP A 405 -2.70 -11.48 -22.96
C TRP A 405 -1.78 -10.48 -23.67
N GLN A 406 -1.08 -10.93 -24.70
CA GLN A 406 -0.44 -10.13 -25.75
C GLN A 406 0.62 -9.15 -25.25
N GLU A 407 1.05 -9.22 -24.00
CA GLU A 407 1.99 -8.23 -23.47
C GLU A 407 3.42 -8.73 -23.63
N VAL A 408 4.24 -7.93 -24.31
CA VAL A 408 5.61 -8.29 -24.59
C VAL A 408 6.46 -8.10 -23.33
N GLY A 409 7.24 -9.12 -22.99
CA GLY A 409 8.06 -9.07 -21.81
C GLY A 409 7.58 -9.89 -20.65
N LYS A 410 6.55 -10.73 -20.84
CA LYS A 410 5.94 -11.47 -19.74
C LYS A 410 5.64 -12.92 -20.11
N ALA A 411 6.58 -13.61 -20.74
CA ALA A 411 6.36 -15.01 -21.09
C ALA A 411 6.49 -15.90 -19.86
N MET A 412 5.87 -17.08 -19.92
CA MET A 412 5.89 -18.03 -18.82
C MET A 412 6.22 -19.42 -19.33
N TYR A 413 7.15 -20.10 -18.66
CA TYR A 413 7.46 -21.50 -18.92
C TYR A 413 6.60 -22.35 -18.00
N ALA A 414 5.56 -22.96 -18.55
CA ALA A 414 4.69 -23.83 -17.77
C ALA A 414 5.40 -25.14 -17.48
N PRO A 415 5.37 -25.64 -16.23
CA PRO A 415 6.08 -26.87 -15.93
C PRO A 415 5.35 -28.07 -16.47
N PRO A 416 6.08 -29.10 -16.91
CA PRO A 416 5.41 -30.31 -17.43
C PRO A 416 4.85 -31.16 -16.29
N ILE A 417 3.87 -31.98 -16.64
CA ILE A 417 3.18 -32.85 -15.68
C ILE A 417 3.33 -34.29 -16.12
N ALA A 418 3.81 -35.14 -15.21
CA ALA A 418 4.02 -36.54 -15.50
C ALA A 418 2.70 -37.30 -15.57
N GLY A 419 2.73 -38.41 -16.32
CA GLY A 419 1.57 -39.26 -16.45
C GLY A 419 0.62 -38.79 -17.53
N GLN A 420 -0.34 -39.67 -17.86
CA GLN A 420 -1.35 -39.33 -18.84
C GLN A 420 -2.33 -38.30 -18.26
N ILE A 421 -2.72 -37.35 -19.10
CA ILE A 421 -3.60 -36.26 -18.70
C ILE A 421 -4.87 -36.33 -19.53
N ARG A 422 -6.01 -36.36 -18.84
CA ARG A 422 -7.31 -36.42 -19.48
C ARG A 422 -8.24 -35.42 -18.83
N CYS A 423 -9.06 -34.76 -19.66
CA CYS A 423 -10.02 -33.80 -19.15
C CYS A 423 -11.24 -33.79 -20.06
N SER A 424 -12.36 -33.32 -19.53
CA SER A 424 -13.59 -33.16 -20.27
C SER A 424 -14.15 -31.78 -20.05
N SER A 425 -14.79 -31.22 -21.06
CA SER A 425 -15.30 -29.87 -20.97
C SER A 425 -16.61 -29.77 -21.74
N ASN A 426 -17.39 -28.74 -21.41
CA ASN A 426 -18.64 -28.44 -22.08
C ASN A 426 -18.44 -27.22 -22.98
N ILE A 427 -18.74 -27.38 -24.26
CA ILE A 427 -18.65 -26.24 -25.17
C ILE A 427 -19.92 -25.41 -25.02
N THR A 428 -19.75 -24.17 -24.57
CA THR A 428 -20.85 -23.25 -24.34
C THR A 428 -21.04 -22.26 -25.48
N GLY A 429 -19.97 -21.62 -25.94
CA GLY A 429 -20.12 -20.61 -26.97
C GLY A 429 -18.99 -20.62 -27.96
N ILE A 430 -19.24 -20.00 -29.11
CA ILE A 430 -18.27 -19.89 -30.19
C ILE A 430 -18.17 -18.42 -30.57
N LEU A 431 -16.94 -17.93 -30.75
CA LEU A 431 -16.71 -16.57 -31.23
C LEU A 431 -16.52 -16.60 -32.73
N LEU A 432 -17.27 -15.78 -33.45
CA LEU A 432 -17.21 -15.71 -34.90
C LEU A 432 -16.78 -14.33 -35.36
N THR A 433 -16.36 -14.24 -36.62
CA THR A 433 -15.91 -13.00 -37.22
C THR A 433 -16.06 -13.10 -38.73
N ARG A 434 -16.78 -12.15 -39.32
CA ARG A 434 -16.91 -12.08 -40.77
C ARG A 434 -15.60 -11.68 -41.43
N GLU A 444 -22.84 -15.34 -46.54
CA GLU A 444 -21.60 -14.76 -46.06
C GLU A 444 -20.68 -15.84 -45.51
N ILE A 445 -19.41 -15.50 -45.30
CA ILE A 445 -18.41 -16.42 -44.78
C ILE A 445 -18.19 -16.12 -43.30
N PHE A 446 -18.03 -17.17 -42.50
CA PHE A 446 -17.83 -17.04 -41.06
C PHE A 446 -16.69 -17.94 -40.61
N ARG A 447 -15.74 -17.36 -39.89
CA ARG A 447 -14.58 -18.07 -39.40
C ARG A 447 -14.33 -17.69 -37.96
N PRO A 448 -13.88 -18.62 -37.12
CA PRO A 448 -13.66 -18.29 -35.71
C PRO A 448 -12.38 -17.48 -35.51
N GLU A 449 -12.52 -16.40 -34.74
CA GLU A 449 -11.38 -15.57 -34.38
C GLU A 449 -11.57 -15.13 -32.93
N GLY A 450 -10.64 -15.53 -32.06
CA GLY A 450 -10.76 -15.26 -30.65
C GLY A 450 -9.53 -14.66 -30.02
N GLY A 451 -8.89 -13.72 -30.71
CA GLY A 451 -7.61 -13.19 -30.27
C GLY A 451 -7.64 -12.45 -28.94
N ASN A 452 -8.72 -11.73 -28.67
CA ASN A 452 -8.87 -11.03 -27.40
C ASN A 452 -9.46 -11.96 -26.34
N MET A 453 -9.15 -11.66 -25.07
CA MET A 453 -9.69 -12.43 -23.96
C MET A 453 -10.84 -11.74 -23.25
N ARG A 454 -11.17 -10.51 -23.62
CA ARG A 454 -12.29 -9.83 -22.97
C ARG A 454 -13.63 -10.32 -23.50
N ASP A 455 -13.65 -10.94 -24.68
CA ASP A 455 -14.91 -11.50 -25.18
C ASP A 455 -15.26 -12.82 -24.51
N ASN A 456 -14.31 -13.44 -23.80
CA ASN A 456 -14.64 -14.60 -22.99
C ASN A 456 -15.49 -14.22 -21.80
N TRP A 457 -15.29 -13.00 -21.27
CA TRP A 457 -15.99 -12.55 -20.09
C TRP A 457 -17.20 -11.67 -20.39
N ARG A 458 -17.34 -11.20 -21.63
CA ARG A 458 -18.57 -10.50 -21.99
C ARG A 458 -19.73 -11.46 -22.16
N SER A 459 -19.46 -12.75 -22.36
CA SER A 459 -20.53 -13.73 -22.46
C SER A 459 -21.07 -14.13 -21.09
N GLU A 460 -20.37 -13.78 -20.02
CA GLU A 460 -20.82 -14.03 -18.66
C GLU A 460 -21.41 -12.80 -17.99
N LEU A 461 -20.80 -11.64 -18.22
CA LEU A 461 -21.22 -10.39 -17.60
C LEU A 461 -22.14 -9.58 -18.50
N TYR A 462 -22.96 -10.24 -19.32
CA TYR A 462 -23.86 -9.51 -20.21
C TYR A 462 -25.12 -9.07 -19.49
N LYS A 463 -25.52 -9.77 -18.43
CA LYS A 463 -26.74 -9.40 -17.71
C LYS A 463 -26.52 -8.20 -16.81
N TYR A 464 -25.32 -8.04 -16.26
CA TYR A 464 -25.11 -7.22 -15.07
C TYR A 464 -24.75 -5.78 -15.40
N LYS A 465 -25.04 -4.90 -14.44
CA LYS A 465 -24.80 -3.48 -14.53
C LYS A 465 -24.71 -2.93 -13.12
N VAL A 466 -23.75 -2.05 -12.87
CA VAL A 466 -23.50 -1.51 -11.53
C VAL A 466 -24.02 -0.08 -11.46
N VAL A 467 -24.76 0.23 -10.39
CA VAL A 467 -25.36 1.54 -10.18
C VAL A 467 -25.03 2.02 -8.77
N LYS A 468 -25.22 3.32 -8.55
CA LYS A 468 -24.94 3.94 -7.27
C LYS A 468 -26.24 4.43 -6.65
N ILE A 469 -26.55 3.93 -5.46
CA ILE A 469 -27.79 4.29 -4.77
C ILE A 469 -27.62 5.65 -4.12
N GLU A 470 -28.65 6.50 -4.25
CA GLU A 470 -28.65 7.84 -3.67
C GLU A 470 -29.84 7.94 -2.72
N PRO A 471 -29.62 7.76 -1.41
CA PRO A 471 -30.76 7.62 -0.50
C PRO A 471 -31.47 8.91 -0.15
N LEU A 472 -30.84 10.07 -0.27
CA LEU A 472 -31.46 11.31 0.17
C LEU A 472 -32.41 11.86 -0.90
N GLY A 473 -33.40 12.62 -0.45
CA GLY A 473 -34.34 13.25 -1.37
C GLY A 473 -35.23 14.22 -0.64
N VAL A 474 -35.73 15.20 -1.40
CA VAL A 474 -36.59 16.25 -0.85
C VAL A 474 -37.89 16.29 -1.65
N ALA A 475 -38.96 16.72 -0.98
CA ALA A 475 -40.30 16.79 -1.55
C ALA A 475 -41.13 17.75 -0.71
N PRO A 476 -42.19 18.33 -1.27
CA PRO A 476 -43.07 19.19 -0.46
C PRO A 476 -44.28 18.46 0.12
N THR A 477 -44.61 18.81 1.37
CA THR A 477 -45.78 18.31 2.08
C THR A 477 -46.41 19.46 2.84
N LYS A 478 -47.28 19.12 3.80
CA LYS A 478 -48.04 20.09 4.58
C LYS A 478 -47.68 20.08 6.06
N CYS A 479 -46.38 20.04 6.39
CA CYS A 479 -45.99 20.00 7.79
C CYS A 479 -46.13 21.34 8.49
N LYS A 480 -46.06 21.27 9.82
CA LYS A 480 -45.74 22.39 10.70
C LYS A 480 -46.76 23.55 10.61
N PHE B 8 -43.41 -7.49 2.59
CA PHE B 8 -41.98 -7.31 2.46
C PHE B 8 -41.57 -7.32 0.99
N LEU B 9 -41.39 -6.13 0.42
CA LEU B 9 -40.98 -6.02 -0.98
C LEU B 9 -39.51 -6.38 -1.18
N GLY B 10 -38.68 -6.15 -0.16
CA GLY B 10 -37.25 -6.32 -0.31
C GLY B 10 -36.53 -5.01 -0.59
N PHE B 11 -35.22 -5.12 -0.78
CA PHE B 11 -34.40 -3.95 -1.01
C PHE B 11 -34.63 -3.39 -2.41
N LEU B 12 -34.88 -2.08 -2.49
CA LEU B 12 -35.01 -1.28 -3.71
C LEU B 12 -36.19 -1.72 -4.57
N GLY B 13 -37.13 -2.49 -4.01
CA GLY B 13 -38.23 -3.04 -4.78
C GLY B 13 -39.38 -2.09 -5.02
N ALA B 14 -39.39 -0.94 -4.35
CA ALA B 14 -40.43 0.06 -4.55
C ALA B 14 -40.00 1.17 -5.50
N ALA B 15 -39.03 0.89 -6.37
CA ALA B 15 -38.52 1.92 -7.28
C ALA B 15 -39.53 2.27 -8.36
N GLY B 16 -40.30 1.28 -8.83
CA GLY B 16 -41.28 1.55 -9.87
C GLY B 16 -42.60 2.08 -9.36
N SER B 17 -42.86 1.95 -8.06
CA SER B 17 -44.09 2.45 -7.48
C SER B 17 -44.08 3.97 -7.40
N THR B 18 -45.25 4.54 -7.23
CA THR B 18 -45.35 5.98 -7.00
C THR B 18 -44.86 6.32 -5.60
N MET B 19 -44.50 7.59 -5.41
CA MET B 19 -43.84 7.99 -4.17
C MET B 19 -44.81 8.08 -3.00
N GLY B 20 -46.12 8.12 -3.29
CA GLY B 20 -47.10 7.98 -2.23
C GLY B 20 -47.08 6.62 -1.58
N ALA B 21 -46.77 5.58 -2.34
CA ALA B 21 -46.69 4.21 -1.82
C ALA B 21 -45.26 3.77 -1.54
N ALA B 22 -44.28 4.41 -2.18
CA ALA B 22 -42.88 4.07 -1.93
C ALA B 22 -42.38 4.63 -0.61
N SER B 23 -43.05 5.65 -0.08
CA SER B 23 -42.61 6.30 1.15
C SER B 23 -42.87 5.48 2.41
N MET B 24 -43.67 4.41 2.32
CA MET B 24 -43.85 3.55 3.49
C MET B 24 -42.78 2.47 3.57
N THR B 25 -41.90 2.36 2.58
CA THR B 25 -40.99 1.24 2.43
C THR B 25 -39.53 1.70 2.68
N LEU B 26 -39.35 2.89 3.26
CA LEU B 26 -38.02 3.47 3.42
C LEU B 26 -37.14 2.71 4.42
N THR B 27 -37.75 1.88 5.28
CA THR B 27 -36.99 1.18 6.31
C THR B 27 -36.08 0.11 5.72
N VAL B 28 -36.52 -0.58 4.68
CA VAL B 28 -35.71 -1.67 4.14
C VAL B 28 -34.58 -1.13 3.28
N GLN B 29 -34.72 0.09 2.75
CA GLN B 29 -33.57 0.74 2.11
C GLN B 29 -32.62 1.31 3.14
N ALA B 30 -33.15 1.80 4.26
CA ALA B 30 -32.30 2.43 5.27
C ALA B 30 -31.50 1.39 6.05
N ARG B 31 -32.09 0.21 6.29
CA ARG B 31 -31.43 -0.80 7.11
C ARG B 31 -30.28 -1.51 6.39
N LEU B 32 -30.21 -1.44 5.07
CA LEU B 32 -29.14 -2.13 4.36
C LEU B 32 -27.88 -1.28 4.27
N LEU B 33 -28.02 0.03 4.18
CA LEU B 33 -26.87 0.94 4.04
C LEU B 33 -26.12 1.02 5.37
N LEU B 34 -25.30 0.00 5.62
CA LEU B 34 -24.56 -0.16 6.86
C LEU B 34 -23.13 -0.61 6.59
N SER B 35 -22.34 -0.56 7.65
CA SER B 35 -20.96 -1.01 7.68
C SER B 35 -20.79 -2.05 8.77
N GLY B 36 -19.62 -2.68 8.80
CA GLY B 36 -19.30 -3.64 9.83
C GLY B 36 -19.80 -5.05 9.60
N ILE B 37 -20.67 -5.27 8.61
CA ILE B 37 -21.13 -6.61 8.30
C ILE B 37 -20.09 -7.33 7.47
N LYS B 63 -7.61 -4.23 -3.20
CA LYS B 63 -8.74 -3.40 -3.58
C LYS B 63 -9.84 -3.49 -2.53
N GLN B 64 -9.57 -4.20 -1.45
CA GLN B 64 -10.47 -4.18 -0.30
C GLN B 64 -10.46 -2.82 0.38
N LEU B 65 -9.28 -2.18 0.45
CA LEU B 65 -9.11 -0.94 1.20
C LEU B 65 -9.88 0.20 0.58
N GLN B 66 -9.87 0.30 -0.75
CA GLN B 66 -10.62 1.34 -1.44
C GLN B 66 -12.12 1.20 -1.22
N ALA B 67 -12.62 -0.03 -1.27
CA ALA B 67 -14.04 -0.27 -1.03
C ALA B 67 -14.45 0.04 0.41
N ARG B 68 -13.61 -0.35 1.37
CA ARG B 68 -13.93 -0.10 2.78
C ARG B 68 -13.90 1.39 3.11
N VAL B 69 -12.88 2.11 2.62
CA VAL B 69 -12.79 3.54 2.84
C VAL B 69 -13.92 4.28 2.14
N LEU B 70 -14.31 3.81 0.94
CA LEU B 70 -15.42 4.41 0.22
C LEU B 70 -16.74 4.22 0.94
N ALA B 71 -16.98 3.02 1.50
CA ALA B 71 -18.21 2.77 2.24
C ALA B 71 -18.27 3.61 3.52
N VAL B 72 -17.14 3.72 4.22
CA VAL B 72 -17.09 4.53 5.44
C VAL B 72 -17.35 6.00 5.12
N GLU B 73 -16.74 6.51 4.05
CA GLU B 73 -16.92 7.91 3.67
C GLU B 73 -18.34 8.21 3.24
N ARG B 74 -18.97 7.29 2.50
CA ARG B 74 -20.35 7.52 2.08
C ARG B 74 -21.32 7.51 3.26
N TYR B 75 -21.13 6.57 4.19
CA TYR B 75 -21.97 6.52 5.39
C TYR B 75 -21.82 7.77 6.24
N LEU B 76 -20.58 8.22 6.45
CA LEU B 76 -20.34 9.41 7.26
C LEU B 76 -20.82 10.68 6.56
N LYS B 77 -20.72 10.76 5.24
CA LYS B 77 -21.21 11.93 4.52
C LYS B 77 -22.73 12.03 4.60
N ASP B 78 -23.42 10.90 4.45
CA ASP B 78 -24.87 10.89 4.60
C ASP B 78 -25.30 11.27 6.02
N GLN B 79 -24.59 10.75 7.03
CA GLN B 79 -24.96 11.06 8.41
C GLN B 79 -24.67 12.52 8.77
N GLN B 80 -23.56 13.07 8.29
CA GLN B 80 -23.24 14.47 8.57
C GLN B 80 -24.22 15.41 7.88
N LEU B 81 -24.54 15.11 6.61
CA LEU B 81 -25.47 15.95 5.86
C LEU B 81 -26.88 15.85 6.43
N LEU B 82 -27.24 14.71 7.00
CA LEU B 82 -28.52 14.58 7.66
C LEU B 82 -28.52 15.26 9.03
N GLY B 83 -27.36 15.33 9.68
CA GLY B 83 -27.32 15.90 11.03
C GLY B 83 -27.22 17.41 11.06
N ILE B 84 -26.68 18.02 10.00
CA ILE B 84 -26.67 19.48 9.91
C ILE B 84 -28.10 19.99 9.70
N TRP B 85 -28.90 19.28 8.91
CA TRP B 85 -30.27 19.70 8.59
C TRP B 85 -31.22 19.59 9.76
N GLY B 86 -30.83 18.89 10.82
CA GLY B 86 -31.78 18.45 11.81
C GLY B 86 -32.39 17.12 11.44
N CYS B 87 -33.03 16.48 12.43
CA CYS B 87 -33.65 15.15 12.34
C CYS B 87 -32.62 14.10 11.93
N SER B 88 -31.66 13.89 12.83
CA SER B 88 -30.65 12.88 12.60
C SER B 88 -31.17 11.46 12.81
N GLY B 89 -32.17 11.29 13.67
CA GLY B 89 -32.58 9.96 14.07
C GLY B 89 -33.86 9.42 13.46
N LYS B 90 -34.33 10.02 12.37
CA LYS B 90 -35.56 9.54 11.75
C LYS B 90 -35.51 9.73 10.24
N LEU B 91 -36.31 8.90 9.55
CA LEU B 91 -36.28 8.81 8.10
C LEU B 91 -37.13 9.86 7.41
N ILE B 92 -38.22 10.29 8.03
CA ILE B 92 -39.08 11.33 7.48
C ILE B 92 -38.99 12.55 8.38
N CYS B 93 -38.42 13.63 7.86
CA CYS B 93 -38.31 14.88 8.61
C CYS B 93 -38.69 16.02 7.69
N CYS B 94 -39.16 17.10 8.30
CA CYS B 94 -39.66 18.21 7.51
C CYS B 94 -39.43 19.53 8.24
N THR B 95 -38.95 20.51 7.49
CA THR B 95 -38.37 21.74 8.01
C THR B 95 -39.32 22.92 7.78
N ALA B 96 -38.82 24.11 8.10
CA ALA B 96 -39.58 25.34 7.98
C ALA B 96 -39.31 26.09 6.69
N VAL B 97 -38.56 25.50 5.75
CA VAL B 97 -38.28 26.13 4.47
C VAL B 97 -39.53 26.10 3.61
N PRO B 98 -40.01 27.23 3.11
CA PRO B 98 -41.16 27.21 2.21
C PRO B 98 -40.78 26.77 0.81
N TRP B 99 -41.68 26.00 0.20
CA TRP B 99 -41.43 25.50 -1.15
C TRP B 99 -41.64 26.62 -2.16
N ASN B 100 -40.69 26.75 -3.08
CA ASN B 100 -40.73 27.76 -4.13
C ASN B 100 -41.34 27.14 -5.38
N ALA B 101 -42.24 27.87 -6.02
CA ALA B 101 -42.89 27.35 -7.22
C ALA B 101 -41.98 27.34 -8.44
N SER B 102 -40.85 28.05 -8.38
CA SER B 102 -39.90 28.04 -9.48
C SER B 102 -39.20 26.70 -9.61
N TRP B 103 -39.08 25.96 -8.49
CA TRP B 103 -38.50 24.62 -8.55
C TRP B 103 -39.44 23.65 -9.26
N SER B 104 -40.71 23.64 -8.85
CA SER B 104 -41.75 22.84 -9.48
C SER B 104 -43.11 23.39 -9.08
N ASN B 105 -44.00 23.59 -10.05
CA ASN B 105 -45.29 24.23 -9.80
C ASN B 105 -46.46 23.26 -9.85
N ARG B 106 -46.21 21.97 -10.03
CA ARG B 106 -47.31 21.01 -10.13
C ARG B 106 -47.89 20.69 -8.74
N SER B 107 -49.15 20.25 -8.74
CA SER B 107 -49.89 20.03 -7.51
C SER B 107 -49.48 18.73 -6.83
N LEU B 108 -50.02 18.52 -5.63
CA LEU B 108 -49.64 17.37 -4.82
C LEU B 108 -50.18 16.07 -5.40
N ASP B 109 -51.32 16.12 -6.08
CA ASP B 109 -51.86 14.91 -6.71
C ASP B 109 -51.00 14.50 -7.90
N ASN B 110 -50.35 15.46 -8.56
CA ASN B 110 -49.44 15.14 -9.65
C ASN B 110 -48.10 14.64 -9.08
N ILE B 111 -47.70 15.13 -7.91
CA ILE B 111 -46.41 14.72 -7.35
C ILE B 111 -46.51 13.35 -6.71
N TRP B 112 -47.45 13.17 -5.79
CA TRP B 112 -47.46 12.00 -4.91
C TRP B 112 -48.27 10.82 -5.46
N ASN B 113 -49.00 10.99 -6.56
CA ASN B 113 -49.83 9.92 -7.09
C ASN B 113 -49.61 9.64 -8.58
N ASN B 114 -48.80 10.45 -9.27
CA ASN B 114 -48.56 10.28 -10.69
C ASN B 114 -47.11 9.98 -11.04
N MET B 115 -46.17 10.27 -10.15
CA MET B 115 -44.75 10.17 -10.47
C MET B 115 -44.04 9.25 -9.48
N THR B 116 -42.98 8.62 -9.96
CA THR B 116 -42.10 7.84 -9.11
C THR B 116 -40.94 8.71 -8.64
N TRP B 117 -40.06 8.14 -7.81
CA TRP B 117 -38.96 8.92 -7.25
C TRP B 117 -37.89 9.22 -8.29
N MET B 118 -37.78 8.38 -9.33
CA MET B 118 -36.81 8.63 -10.39
C MET B 118 -37.16 9.88 -11.18
N GLU B 119 -38.43 10.03 -11.56
CA GLU B 119 -38.86 11.20 -12.32
C GLU B 119 -38.73 12.47 -11.49
N TRP B 120 -39.11 12.40 -10.21
CA TRP B 120 -39.02 13.58 -9.35
C TRP B 120 -37.57 13.95 -9.08
N ASP B 121 -36.68 12.96 -9.03
CA ASP B 121 -35.26 13.27 -8.98
C ASP B 121 -34.79 13.91 -10.28
N ARG B 122 -35.42 13.55 -11.40
CA ARG B 122 -35.05 14.15 -12.68
C ARG B 122 -35.56 15.58 -12.82
N GLU B 123 -36.66 15.93 -12.15
CA GLU B 123 -37.18 17.30 -12.25
C GLU B 123 -36.28 18.29 -11.51
N ILE B 124 -36.08 18.09 -10.22
CA ILE B 124 -35.53 19.12 -9.34
C ILE B 124 -34.03 18.94 -9.13
N ASN B 125 -33.37 18.25 -10.07
CA ASN B 125 -31.98 17.84 -9.89
C ASN B 125 -31.05 19.04 -9.82
N ASN B 126 -31.30 20.06 -10.64
CA ASN B 126 -30.45 21.25 -10.61
C ASN B 126 -30.81 22.20 -9.47
N TYR B 127 -31.89 21.95 -8.74
CA TYR B 127 -32.27 22.78 -7.61
C TYR B 127 -31.99 22.12 -6.26
N THR B 128 -31.30 20.97 -6.24
CA THR B 128 -31.05 20.29 -4.98
C THR B 128 -30.05 21.06 -4.11
N ASN B 129 -29.05 21.69 -4.74
CA ASN B 129 -28.03 22.39 -3.96
C ASN B 129 -28.59 23.65 -3.31
N LEU B 130 -29.49 24.35 -4.01
CA LEU B 130 -30.13 25.53 -3.43
C LEU B 130 -31.06 25.15 -2.29
N ILE B 131 -31.80 24.05 -2.44
CA ILE B 131 -32.70 23.58 -1.39
C ILE B 131 -31.90 23.13 -0.17
N TYR B 132 -30.79 22.42 -0.40
CA TYR B 132 -29.95 21.98 0.72
C TYR B 132 -29.31 23.17 1.43
N ASN B 133 -28.91 24.19 0.67
CA ASN B 133 -28.35 25.41 1.28
C ASN B 133 -29.40 26.14 2.10
N LEU B 134 -30.65 26.19 1.61
CA LEU B 134 -31.72 26.84 2.35
C LEU B 134 -32.07 26.08 3.63
N ILE B 135 -32.04 24.74 3.58
CA ILE B 135 -32.31 23.94 4.77
C ILE B 135 -31.20 24.12 5.80
N GLU B 136 -29.94 24.13 5.34
CA GLU B 136 -28.81 24.35 6.26
C GLU B 136 -28.83 25.74 6.87
N GLU B 137 -29.25 26.75 6.11
CA GLU B 137 -29.36 28.10 6.65
C GLU B 137 -30.52 28.21 7.63
N SER B 138 -31.65 27.56 7.34
CA SER B 138 -32.81 27.66 8.20
C SER B 138 -32.63 26.88 9.50
N GLN B 139 -31.83 25.82 9.48
CA GLN B 139 -31.60 25.08 10.71
C GLN B 139 -30.66 25.81 11.66
N ASN B 140 -29.82 26.72 11.15
CA ASN B 140 -28.94 27.48 12.03
C ASN B 140 -29.69 28.52 12.85
N GLN B 141 -30.91 28.86 12.49
CA GLN B 141 -31.73 29.73 13.31
C GLN B 141 -32.30 28.95 14.48
N GLU C 2 -25.14 38.49 37.13
CA GLU C 2 -25.72 37.21 36.75
C GLU C 2 -24.63 36.18 36.50
N GLN C 3 -24.98 34.91 36.63
CA GLN C 3 -24.01 33.84 36.36
C GLN C 3 -23.85 33.66 34.86
N LEU C 4 -22.69 33.14 34.46
CA LEU C 4 -22.39 32.86 33.06
C LEU C 4 -22.05 31.38 32.92
N TRP C 5 -22.58 30.75 31.88
CA TRP C 5 -22.45 29.32 31.69
C TRP C 5 -21.77 29.00 30.37
N VAL C 6 -21.16 27.82 30.31
CA VAL C 6 -20.29 27.43 29.21
C VAL C 6 -21.11 26.87 28.07
N THR C 7 -20.88 27.37 26.86
CA THR C 7 -21.48 26.82 25.65
C THR C 7 -20.39 26.26 24.75
N VAL C 8 -20.80 25.36 23.87
CA VAL C 8 -19.91 24.73 22.91
C VAL C 8 -20.42 25.02 21.50
N TYR C 9 -19.51 25.43 20.62
CA TYR C 9 -19.83 25.76 19.25
C TYR C 9 -19.10 24.81 18.32
N TYR C 10 -19.79 24.32 17.29
CA TYR C 10 -19.21 23.44 16.29
C TYR C 10 -19.22 24.16 14.95
N GLY C 11 -18.06 24.21 14.30
CA GLY C 11 -17.93 24.97 13.07
C GLY C 11 -17.27 26.32 13.24
N VAL C 12 -16.43 26.47 14.25
CA VAL C 12 -15.76 27.74 14.52
C VAL C 12 -14.69 28.00 13.46
N PRO C 13 -14.67 29.16 12.82
CA PRO C 13 -13.63 29.46 11.81
C PRO C 13 -12.28 29.88 12.39
N VAL C 14 -11.52 28.89 12.88
CA VAL C 14 -10.15 29.12 13.32
C VAL C 14 -9.26 28.05 12.70
N TRP C 15 -7.96 28.33 12.67
CA TRP C 15 -6.99 27.42 12.08
C TRP C 15 -5.72 27.43 12.91
N LYS C 16 -4.97 26.32 12.81
CA LYS C 16 -3.66 26.23 13.44
C LYS C 16 -2.69 25.59 12.43
N GLU C 17 -1.40 25.87 12.63
CA GLU C 17 -0.39 25.40 11.71
C GLU C 17 -0.14 23.90 11.89
N ALA C 18 0.02 23.20 10.77
CA ALA C 18 0.24 21.75 10.79
C ALA C 18 0.87 21.33 9.48
N THR C 19 1.25 20.06 9.42
CA THR C 19 1.77 19.42 8.22
C THR C 19 0.89 18.24 7.87
N THR C 20 0.58 18.09 6.58
CA THR C 20 -0.36 17.06 6.15
C THR C 20 0.17 16.36 4.91
N THR C 21 -0.60 15.40 4.41
CA THR C 21 -0.23 14.62 3.23
C THR C 21 -0.99 15.18 2.03
N LEU C 22 -0.37 16.13 1.36
CA LEU C 22 -0.94 16.72 0.15
C LEU C 22 -0.89 15.71 -0.99
N PHE C 23 -1.89 15.77 -1.86
CA PHE C 23 -1.94 14.89 -3.02
C PHE C 23 -1.98 15.71 -4.30
N CYS C 24 -1.50 15.10 -5.38
CA CYS C 24 -1.47 15.76 -6.68
C CYS C 24 -2.85 15.78 -7.30
N ALA C 25 -3.07 16.74 -8.20
CA ALA C 25 -4.31 16.82 -8.96
C ALA C 25 -4.02 17.52 -10.28
N SER C 26 -4.51 16.95 -11.37
CA SER C 26 -4.28 17.53 -12.68
C SER C 26 -5.39 17.17 -13.66
N GLN C 52 -12.22 26.95 -6.40
CA GLN C 52 -12.78 28.16 -5.78
C GLN C 52 -11.70 28.97 -5.08
N GLU C 53 -11.98 30.25 -4.86
CA GLU C 53 -11.09 31.12 -4.11
C GLU C 53 -11.92 32.17 -3.40
N VAL C 54 -11.74 32.28 -2.09
CA VAL C 54 -12.47 33.25 -1.29
C VAL C 54 -11.46 34.18 -0.62
N VAL C 55 -11.86 35.42 -0.39
CA VAL C 55 -10.99 36.37 0.28
C VAL C 55 -11.30 36.34 1.77
N LEU C 56 -10.26 36.55 2.58
CA LEU C 56 -10.38 36.50 4.04
C LEU C 56 -10.08 37.90 4.56
N GLU C 57 -11.13 38.68 4.78
CA GLU C 57 -10.95 40.06 5.20
C GLU C 57 -10.53 40.13 6.67
N ASN C 58 -9.81 41.21 7.00
CA ASN C 58 -9.46 41.60 8.37
C ASN C 58 -8.62 40.53 9.09
N VAL C 59 -7.76 39.83 8.35
CA VAL C 59 -6.88 38.83 8.95
C VAL C 59 -5.46 39.10 8.45
N THR C 60 -4.49 38.82 9.33
CA THR C 60 -3.09 39.15 9.12
C THR C 60 -2.20 37.96 9.45
N GLU C 61 -2.51 36.81 8.85
CA GLU C 61 -1.69 35.61 9.02
C GLU C 61 -0.30 35.82 8.42
N ASN C 62 0.73 35.41 9.15
CA ASN C 62 2.10 35.57 8.69
C ASN C 62 2.59 34.35 7.92
N PHE C 63 3.47 34.58 6.96
CA PHE C 63 3.98 33.54 6.09
C PHE C 63 5.49 33.43 6.25
N ASN C 64 6.04 32.31 5.78
CA ASN C 64 7.48 32.13 5.79
C ASN C 64 7.86 31.18 4.66
N MET C 65 8.62 31.68 3.68
CA MET C 65 8.97 30.88 2.51
C MET C 65 10.10 29.90 2.80
N TRP C 66 10.86 30.09 3.87
CA TRP C 66 12.02 29.24 4.15
C TRP C 66 11.74 28.15 5.16
N LYS C 67 10.51 28.04 5.68
CA LYS C 67 10.13 26.95 6.55
C LYS C 67 8.93 26.16 6.03
N ASN C 68 8.65 26.24 4.73
CA ASN C 68 7.51 25.53 4.16
C ASN C 68 7.77 24.03 4.13
N ASN C 69 6.79 23.26 4.56
CA ASN C 69 6.86 21.81 4.41
C ASN C 69 6.45 21.37 3.02
N MET C 70 5.77 22.22 2.26
CA MET C 70 5.32 21.85 0.93
C MET C 70 6.49 21.67 -0.03
N VAL C 71 7.56 22.45 0.16
CA VAL C 71 8.74 22.34 -0.69
C VAL C 71 9.47 21.03 -0.45
N GLU C 72 9.62 20.64 0.83
CA GLU C 72 10.24 19.37 1.17
C GLU C 72 9.40 18.19 0.69
N GLN C 73 8.08 18.31 0.81
CA GLN C 73 7.19 17.24 0.36
C GLN C 73 7.19 17.12 -1.16
N MET C 74 7.27 18.25 -1.87
CA MET C 74 7.37 18.23 -3.32
C MET C 74 8.68 17.61 -3.79
N HIS C 75 9.79 17.93 -3.11
CA HIS C 75 11.07 17.33 -3.47
C HIS C 75 11.09 15.83 -3.21
N GLU C 76 10.50 15.39 -2.09
CA GLU C 76 10.43 13.97 -1.81
C GLU C 76 9.52 13.25 -2.80
N ASP C 77 8.46 13.90 -3.24
CA ASP C 77 7.57 13.28 -4.22
C ASP C 77 8.21 13.20 -5.60
N ILE C 78 9.02 14.21 -5.97
CA ILE C 78 9.73 14.17 -7.24
C ILE C 78 10.80 13.08 -7.23
N ILE C 79 11.49 12.91 -6.10
CA ILE C 79 12.45 11.82 -5.95
C ILE C 79 11.76 10.46 -6.01
N SER C 80 10.59 10.34 -5.38
CA SER C 80 9.87 9.06 -5.39
C SER C 80 9.29 8.74 -6.76
N LEU C 81 8.93 9.77 -7.53
CA LEU C 81 8.42 9.54 -8.88
C LEU C 81 9.55 9.20 -9.85
N TRP C 82 10.72 9.81 -9.66
CA TRP C 82 11.84 9.52 -10.55
C TRP C 82 12.44 8.14 -10.25
N ASP C 83 12.28 7.67 -9.03
CA ASP C 83 12.79 6.34 -8.69
C ASP C 83 11.86 5.27 -9.26
N GLN C 84 10.54 5.49 -9.21
CA GLN C 84 9.58 4.46 -9.60
C GLN C 84 9.54 4.26 -11.11
N SER C 85 9.86 5.28 -11.90
CA SER C 85 9.80 5.14 -13.35
C SER C 85 10.99 4.34 -13.87
N LEU C 86 12.15 4.50 -13.26
CA LEU C 86 13.34 3.78 -13.67
C LEU C 86 13.48 2.41 -13.02
N LYS C 87 12.52 1.99 -12.19
CA LYS C 87 12.64 0.68 -11.55
C LYS C 87 12.52 -0.50 -12.52
N PRO C 88 11.45 -0.67 -13.32
CA PRO C 88 11.26 -1.99 -13.96
C PRO C 88 12.10 -2.27 -15.20
N CYS C 89 12.64 -1.25 -15.88
CA CYS C 89 13.23 -1.48 -17.18
C CYS C 89 14.74 -1.69 -17.12
N VAL C 90 15.38 -1.68 -18.29
CA VAL C 90 16.63 -2.40 -18.54
C VAL C 90 17.81 -1.74 -17.83
N LYS C 91 18.70 -2.56 -17.28
CA LYS C 91 19.95 -2.12 -16.67
C LYS C 91 21.08 -2.21 -17.70
N LEU C 92 22.03 -1.28 -17.62
CA LEU C 92 23.14 -1.19 -18.56
C LEU C 92 24.43 -1.77 -18.01
N THR C 93 24.36 -2.87 -17.27
CA THR C 93 25.56 -3.57 -16.83
C THR C 93 26.48 -4.08 -17.96
N PRO C 94 26.01 -4.75 -19.03
CA PRO C 94 27.00 -5.32 -19.98
C PRO C 94 27.67 -4.32 -20.91
N LEU C 95 27.44 -3.01 -20.77
CA LEU C 95 28.16 -2.02 -21.57
C LEU C 95 29.35 -1.41 -20.84
N CYS C 96 29.77 -1.98 -19.72
CA CYS C 96 31.02 -1.56 -19.08
C CYS C 96 32.17 -2.39 -19.66
N VAL C 97 32.41 -2.20 -20.95
CA VAL C 97 33.45 -2.89 -21.69
C VAL C 97 34.36 -1.86 -22.32
N THR C 98 35.49 -2.33 -22.85
CA THR C 98 36.45 -1.43 -23.48
C THR C 98 35.93 -0.97 -24.84
N LEU C 99 35.96 0.34 -25.06
CA LEU C 99 35.48 0.95 -26.28
C LEU C 99 36.66 1.41 -27.12
N ASN C 100 36.67 1.03 -28.40
CA ASN C 100 37.68 1.49 -29.34
C ASN C 100 37.16 2.75 -30.05
N CYS C 101 37.14 3.85 -29.29
CA CYS C 101 36.59 5.09 -29.79
C CYS C 101 37.57 5.79 -30.73
N THR C 102 37.03 6.37 -31.78
CA THR C 102 37.84 7.12 -32.75
C THR C 102 37.42 8.58 -32.81
N ILE C 129 31.51 14.57 -30.48
CA ILE C 129 31.09 13.20 -30.60
C ILE C 129 32.26 12.29 -30.96
N LYS C 130 32.09 11.00 -30.76
CA LYS C 130 33.10 10.00 -31.11
C LYS C 130 32.40 8.77 -31.68
N ASN C 131 33.11 8.05 -32.53
CA ASN C 131 32.63 6.79 -33.08
C ASN C 131 33.37 5.66 -32.39
N CYS C 132 32.63 4.77 -31.72
CA CYS C 132 33.22 3.72 -30.92
C CYS C 132 32.64 2.37 -31.33
N SER C 133 33.41 1.31 -31.08
CA SER C 133 32.99 -0.05 -31.36
C SER C 133 33.35 -0.93 -30.17
N PHE C 134 32.62 -2.02 -30.00
CA PHE C 134 32.80 -2.88 -28.84
C PHE C 134 32.31 -4.28 -29.16
N ASN C 135 32.75 -5.23 -28.32
CA ASN C 135 32.17 -6.57 -28.34
C ASN C 135 31.00 -6.65 -27.39
N ILE C 136 29.95 -7.35 -27.83
CA ILE C 136 28.76 -7.53 -27.01
C ILE C 136 28.15 -8.87 -27.37
N THR C 137 27.52 -9.53 -26.39
CA THR C 137 26.85 -10.79 -26.63
C THR C 137 25.49 -10.54 -27.27
N THR C 138 25.11 -11.42 -28.18
CA THR C 138 23.80 -11.35 -28.82
C THR C 138 22.79 -12.14 -27.98
N VAL C 139 21.60 -12.39 -28.54
CA VAL C 139 20.52 -13.00 -27.79
C VAL C 139 20.84 -14.45 -27.45
N ILE C 140 21.62 -15.12 -28.30
CA ILE C 140 22.20 -16.40 -27.94
C ILE C 140 23.43 -16.14 -27.07
N LYS C 141 23.49 -16.79 -25.90
CA LYS C 141 24.55 -16.53 -24.94
C LYS C 141 25.92 -16.97 -25.43
N ASP C 142 25.98 -17.96 -26.31
CA ASP C 142 27.27 -18.47 -26.79
C ASP C 142 27.93 -17.56 -27.82
N LYS C 143 27.17 -16.78 -28.56
CA LYS C 143 27.70 -16.00 -29.68
C LYS C 143 27.96 -14.56 -29.26
N ILE C 144 29.06 -13.99 -29.75
CA ILE C 144 29.45 -12.62 -29.47
C ILE C 144 29.58 -11.88 -30.81
N GLN C 145 28.95 -10.72 -30.92
CA GLN C 145 28.92 -9.96 -32.16
C GLN C 145 29.53 -8.58 -31.97
N LYS C 146 30.27 -8.13 -32.98
CA LYS C 146 30.84 -6.79 -32.98
C LYS C 146 29.80 -5.77 -33.43
N ASN C 147 29.76 -4.63 -32.73
CA ASN C 147 28.79 -3.58 -33.02
C ASN C 147 29.48 -2.24 -32.90
N TYR C 148 28.75 -1.17 -33.19
CA TYR C 148 29.28 0.18 -33.11
C TYR C 148 28.15 1.14 -32.76
N ALA C 149 28.52 2.26 -32.14
CA ALA C 149 27.56 3.28 -31.73
C ALA C 149 28.30 4.59 -31.50
N LEU C 150 27.66 5.70 -31.87
CA LEU C 150 28.23 7.01 -31.62
C LEU C 150 27.96 7.43 -30.19
N PHE C 151 28.94 8.05 -29.56
CA PHE C 151 28.82 8.52 -28.18
C PHE C 151 29.28 9.97 -28.09
N ASN C 152 28.63 10.72 -27.21
CA ASN C 152 29.09 12.07 -26.90
C ASN C 152 30.32 12.00 -26.00
N ARG C 153 31.03 13.13 -25.89
CA ARG C 153 32.29 13.12 -25.16
C ARG C 153 32.05 13.05 -23.65
N LEU C 154 30.97 13.66 -23.17
CA LEU C 154 30.71 13.65 -21.72
C LEU C 154 30.24 12.29 -21.22
N ASP C 155 29.79 11.41 -22.12
CA ASP C 155 29.37 10.07 -21.71
C ASP C 155 30.52 9.09 -21.58
N ILE C 156 31.70 9.42 -22.12
CA ILE C 156 32.81 8.48 -22.14
C ILE C 156 34.01 9.08 -21.42
N VAL C 157 34.81 8.19 -20.81
CA VAL C 157 36.01 8.60 -20.09
C VAL C 157 37.16 7.66 -20.45
N PRO C 158 38.37 8.22 -20.60
CA PRO C 158 39.50 7.32 -20.83
C PRO C 158 39.97 6.62 -19.57
N TYR C 172 38.36 3.52 -24.24
CA TYR C 172 37.40 4.30 -23.49
C TYR C 172 36.36 3.41 -22.81
N ARG C 173 35.57 4.00 -21.93
CA ARG C 173 34.48 3.31 -21.25
C ARG C 173 33.44 4.35 -20.87
N LEU C 174 32.25 3.88 -20.48
CA LEU C 174 31.20 4.78 -20.04
C LEU C 174 31.60 5.45 -18.72
N ILE C 175 31.13 6.69 -18.53
CA ILE C 175 31.68 7.54 -17.47
C ILE C 175 31.26 7.07 -16.09
N SER C 176 30.08 6.45 -15.98
CA SER C 176 29.57 6.02 -14.68
C SER C 176 29.53 4.51 -14.54
N CYS C 177 30.58 3.82 -14.99
CA CYS C 177 30.69 2.40 -14.70
C CYS C 177 31.09 2.14 -13.25
N ASN C 178 32.25 2.64 -12.84
CA ASN C 178 32.75 2.29 -11.51
C ASN C 178 32.02 3.00 -10.39
N THR C 179 31.40 4.16 -10.67
CA THR C 179 30.77 4.95 -9.62
C THR C 179 29.49 4.28 -9.13
N SER C 180 28.62 3.86 -10.04
CA SER C 180 27.34 3.27 -9.67
C SER C 180 26.84 2.44 -10.84
N VAL C 181 25.66 1.84 -10.65
CA VAL C 181 25.06 1.01 -11.69
C VAL C 181 24.17 1.89 -12.56
N ILE C 182 24.15 1.61 -13.86
CA ILE C 182 23.42 2.41 -14.83
C ILE C 182 22.13 1.68 -15.17
N THR C 183 21.01 2.27 -14.84
CA THR C 183 19.71 1.76 -15.25
C THR C 183 19.24 2.61 -16.42
N GLN C 184 19.06 1.98 -17.57
CA GLN C 184 18.58 2.69 -18.75
C GLN C 184 17.15 3.14 -18.55
N ALA C 185 16.85 4.35 -19.01
CA ALA C 185 15.48 4.83 -18.98
C ALA C 185 14.62 3.97 -19.90
N CYS C 186 13.37 3.80 -19.51
CA CYS C 186 12.45 2.98 -20.28
C CYS C 186 12.20 3.65 -21.63
N PRO C 187 12.22 2.89 -22.73
CA PRO C 187 12.37 3.51 -24.06
C PRO C 187 11.17 4.31 -24.55
N LYS C 188 10.05 4.31 -23.83
CA LYS C 188 8.87 5.04 -24.26
C LYS C 188 8.50 6.20 -23.35
N ILE C 189 9.27 6.44 -22.28
CA ILE C 189 8.92 7.52 -21.36
C ILE C 189 9.43 8.85 -21.90
N SER C 190 8.80 9.93 -21.44
CA SER C 190 9.14 11.28 -21.85
C SER C 190 9.19 12.18 -20.62
N PHE C 191 9.97 13.26 -20.73
CA PHE C 191 10.19 14.18 -19.62
C PHE C 191 9.52 15.52 -19.85
N GLU C 192 8.39 15.53 -20.55
CA GLU C 192 7.66 16.77 -20.75
C GLU C 192 6.99 17.18 -19.45
N PRO C 193 7.20 18.40 -18.97
CA PRO C 193 6.54 18.83 -17.74
C PRO C 193 5.05 19.06 -17.94
N ILE C 194 4.28 18.54 -17.01
CA ILE C 194 2.82 18.68 -17.00
C ILE C 194 2.47 19.34 -15.67
N PRO C 195 1.54 20.30 -15.63
CA PRO C 195 1.25 20.99 -14.37
C PRO C 195 0.65 20.08 -13.31
N ILE C 196 1.10 20.30 -12.07
CA ILE C 196 0.70 19.51 -10.91
C ILE C 196 0.17 20.47 -9.85
N HIS C 197 -1.08 20.27 -9.44
CA HIS C 197 -1.68 21.05 -8.37
C HIS C 197 -1.61 20.24 -7.09
N TYR C 198 -0.95 20.79 -6.07
CA TYR C 198 -0.83 20.14 -4.77
C TYR C 198 -2.04 20.51 -3.92
N CYS C 199 -2.84 19.52 -3.55
CA CYS C 199 -4.08 19.79 -2.84
C CYS C 199 -4.16 19.05 -1.52
N ALA C 200 -4.71 19.75 -0.52
CA ALA C 200 -4.85 19.39 0.88
C ALA C 200 -6.15 18.62 1.13
N PRO C 201 -6.16 17.67 2.07
CA PRO C 201 -7.38 16.90 2.32
C PRO C 201 -8.45 17.69 3.04
N ALA C 202 -9.58 17.04 3.34
CA ALA C 202 -10.65 17.70 4.07
C ALA C 202 -10.25 17.92 5.52
N GLY C 203 -10.63 19.07 6.05
CA GLY C 203 -10.20 19.48 7.37
C GLY C 203 -8.95 20.33 7.40
N PHE C 204 -8.28 20.50 6.26
CA PHE C 204 -7.14 21.40 6.13
C PHE C 204 -7.46 22.43 5.06
N ALA C 205 -6.67 23.49 5.03
CA ALA C 205 -6.87 24.54 4.04
C ALA C 205 -5.51 25.08 3.61
N ILE C 206 -5.46 25.64 2.41
CA ILE C 206 -4.25 26.23 1.86
C ILE C 206 -4.48 27.73 1.76
N LEU C 207 -3.73 28.51 2.52
CA LEU C 207 -3.82 29.96 2.49
C LEU C 207 -2.93 30.51 1.38
N LYS C 208 -3.25 31.71 0.93
CA LYS C 208 -2.47 32.39 -0.10
C LYS C 208 -2.34 33.86 0.26
N CYS C 209 -1.14 34.42 0.07
CA CYS C 209 -0.89 35.84 0.33
C CYS C 209 -0.89 36.59 -1.00
N ASN C 210 -1.87 37.46 -1.18
CA ASN C 210 -2.02 38.24 -2.41
C ASN C 210 -1.32 39.59 -2.36
N ASP C 211 -0.37 39.77 -1.45
CA ASP C 211 0.35 41.05 -1.37
C ASP C 211 1.32 41.18 -2.53
N LYS C 212 1.31 42.34 -3.18
CA LYS C 212 2.12 42.55 -4.37
C LYS C 212 3.61 42.70 -4.04
N LYS C 213 3.92 43.33 -2.90
CA LYS C 213 5.30 43.60 -2.49
C LYS C 213 5.80 42.57 -1.49
N PHE C 214 5.43 41.31 -1.71
CA PHE C 214 5.77 40.23 -0.78
C PHE C 214 7.26 39.92 -0.79
N ASN C 215 7.84 39.75 0.39
CA ASN C 215 9.26 39.51 0.55
C ASN C 215 9.63 38.18 1.22
N GLY C 216 8.68 37.28 1.38
CA GLY C 216 8.94 36.00 2.02
C GLY C 216 8.59 36.03 3.51
N THR C 217 9.61 36.18 4.35
CA THR C 217 9.39 36.23 5.79
C THR C 217 8.74 37.55 6.19
N GLY C 218 7.53 37.47 6.72
CA GLY C 218 6.85 38.64 7.22
C GLY C 218 5.35 38.46 7.20
N PRO C 219 4.63 39.37 7.85
CA PRO C 219 3.17 39.26 7.93
C PRO C 219 2.51 39.74 6.63
N CYS C 220 1.46 39.03 6.23
CA CYS C 220 0.69 39.40 5.05
C CYS C 220 -0.57 40.16 5.46
N THR C 221 -1.05 41.01 4.55
CA THR C 221 -2.24 41.81 4.80
C THR C 221 -3.43 41.45 3.93
N ASN C 222 -3.23 40.60 2.92
CA ASN C 222 -4.29 40.17 2.01
C ASN C 222 -4.22 38.65 1.91
N VAL C 223 -4.85 37.96 2.85
CA VAL C 223 -4.81 36.50 2.91
C VAL C 223 -6.06 35.96 2.24
N SER C 224 -5.90 34.87 1.49
CA SER C 224 -7.03 34.23 0.84
C SER C 224 -6.91 32.73 0.97
N THR C 225 -8.06 32.06 1.11
CA THR C 225 -8.13 30.61 1.13
C THR C 225 -8.47 30.11 -0.25
N VAL C 226 -7.59 29.28 -0.80
CA VAL C 226 -7.77 28.73 -2.14
C VAL C 226 -8.11 27.26 -1.98
N GLN C 227 -8.78 26.69 -2.99
CA GLN C 227 -9.06 25.26 -2.99
C GLN C 227 -7.77 24.46 -2.99
N CYS C 228 -6.88 24.73 -3.94
CA CYS C 228 -5.48 24.32 -3.92
C CYS C 228 -4.70 25.11 -4.97
N THR C 229 -3.43 24.74 -5.12
CA THR C 229 -2.43 25.59 -5.77
C THR C 229 -2.63 25.63 -7.28
N HIS C 230 -1.81 26.47 -7.92
CA HIS C 230 -1.87 26.66 -9.36
C HIS C 230 -1.06 25.59 -10.07
N GLY C 231 -0.83 25.77 -11.37
CA GLY C 231 -0.16 24.77 -12.18
C GLY C 231 1.34 24.78 -12.05
N ILE C 232 1.87 24.18 -10.98
CA ILE C 232 3.32 24.15 -10.77
C ILE C 232 3.93 23.13 -11.71
N LYS C 233 4.71 23.60 -12.67
CA LYS C 233 5.37 22.71 -13.61
C LYS C 233 6.70 22.23 -13.04
N PRO C 234 6.96 20.93 -12.97
CA PRO C 234 8.23 20.43 -12.44
C PRO C 234 9.38 20.52 -13.44
N VAL C 235 9.78 21.75 -13.76
CA VAL C 235 10.87 21.97 -14.68
C VAL C 235 12.20 21.86 -13.94
N VAL C 236 13.13 21.10 -14.51
CA VAL C 236 14.45 20.90 -13.94
C VAL C 236 15.42 21.89 -14.57
N SER C 237 16.09 22.68 -13.73
CA SER C 237 17.06 23.64 -14.19
C SER C 237 18.07 23.88 -13.09
N THR C 238 19.21 24.45 -13.46
CA THR C 238 20.31 24.65 -12.51
C THR C 238 20.56 26.11 -12.17
N GLN C 239 20.61 26.99 -13.16
CA GLN C 239 20.88 28.39 -12.90
C GLN C 239 19.71 29.30 -13.25
N LEU C 240 19.12 29.15 -14.43
CA LEU C 240 18.03 30.00 -14.87
C LEU C 240 16.73 29.23 -14.75
N LEU C 241 15.80 29.75 -13.96
CA LEU C 241 14.52 29.07 -13.75
C LEU C 241 13.62 29.30 -14.96
N LEU C 242 13.30 28.21 -15.67
CA LEU C 242 12.55 28.29 -16.92
C LEU C 242 11.08 27.96 -16.68
N ASN C 243 10.22 28.61 -17.48
CA ASN C 243 8.78 28.35 -17.54
C ASN C 243 8.09 28.53 -16.18
N GLY C 244 8.51 29.53 -15.43
CA GLY C 244 7.99 29.78 -14.10
C GLY C 244 6.88 30.82 -14.09
N SER C 245 6.58 31.28 -12.88
CA SER C 245 5.58 32.32 -12.67
C SER C 245 6.26 33.65 -12.41
N LEU C 246 5.80 34.68 -13.11
CA LEU C 246 6.44 35.99 -13.08
C LEU C 246 5.82 36.87 -12.00
N ALA C 247 6.60 37.85 -11.55
CA ALA C 247 6.10 38.84 -10.60
C ALA C 247 5.15 39.81 -11.30
N GLU C 248 4.36 40.50 -10.48
CA GLU C 248 3.30 41.35 -11.01
C GLU C 248 3.78 42.76 -11.33
N GLU C 249 4.57 43.37 -10.46
CA GLU C 249 4.95 44.77 -10.63
C GLU C 249 6.44 44.98 -10.87
N GLU C 250 7.29 44.50 -9.98
CA GLU C 250 8.72 44.82 -10.02
C GLU C 250 9.53 43.54 -9.98
N VAL C 251 10.81 43.67 -10.30
CA VAL C 251 11.75 42.57 -10.10
C VAL C 251 12.01 42.42 -8.61
N VAL C 252 11.71 41.25 -8.06
CA VAL C 252 11.70 41.05 -6.62
C VAL C 252 12.80 40.06 -6.26
N ILE C 253 13.66 40.46 -5.33
CA ILE C 253 14.75 39.64 -4.83
C ILE C 253 14.46 39.27 -3.38
N ARG C 254 14.44 37.96 -3.12
CA ARG C 254 14.09 37.45 -1.81
C ARG C 254 15.21 36.56 -1.29
N SER C 255 15.58 36.75 -0.03
CA SER C 255 16.59 35.91 0.59
C SER C 255 16.27 35.74 2.07
N GLU C 256 16.74 34.63 2.63
CA GLU C 256 16.58 34.39 4.06
C GLU C 256 17.40 35.36 4.87
N ASN C 257 18.62 35.65 4.41
CA ASN C 257 19.54 36.56 5.07
C ASN C 257 20.44 37.11 3.96
N PHE C 258 20.15 38.32 3.50
CA PHE C 258 20.92 38.88 2.39
C PHE C 258 22.28 39.41 2.86
N THR C 259 22.54 39.43 4.17
CA THR C 259 23.86 39.75 4.70
C THR C 259 24.67 38.50 5.04
N ASP C 260 24.33 37.36 4.44
CA ASP C 260 25.07 36.12 4.62
C ASP C 260 25.48 35.58 3.25
N ASN C 261 26.72 35.08 3.16
CA ASN C 261 27.24 34.61 1.90
C ASN C 261 26.75 33.21 1.55
N VAL C 262 26.41 32.40 2.55
CA VAL C 262 26.05 31.01 2.31
C VAL C 262 24.68 30.91 1.65
N LYS C 263 23.74 31.73 2.08
CA LYS C 263 22.35 31.60 1.65
C LYS C 263 22.18 32.06 0.20
N THR C 264 21.42 31.27 -0.57
CA THR C 264 21.18 31.56 -1.97
C THR C 264 20.20 32.73 -2.11
N ILE C 265 20.26 33.38 -3.26
CA ILE C 265 19.45 34.54 -3.58
C ILE C 265 18.56 34.19 -4.76
N ILE C 266 17.25 34.37 -4.60
CA ILE C 266 16.27 34.02 -5.61
C ILE C 266 15.70 35.31 -6.20
N VAL C 267 15.80 35.44 -7.52
CA VAL C 267 15.33 36.61 -8.24
C VAL C 267 14.13 36.21 -9.09
N GLN C 268 13.09 37.03 -9.09
CA GLN C 268 11.92 36.81 -9.93
C GLN C 268 11.74 37.99 -10.86
N LEU C 269 11.55 37.71 -12.15
CA LEU C 269 11.50 38.75 -13.17
C LEU C 269 10.06 39.11 -13.50
N ASN C 270 9.80 40.42 -13.59
CA ASN C 270 8.47 40.89 -13.98
C ASN C 270 8.22 40.74 -15.47
N GLU C 271 9.28 40.74 -16.28
CA GLU C 271 9.18 40.52 -17.72
C GLU C 271 10.13 39.41 -18.12
N SER C 272 9.61 38.44 -18.86
CA SER C 272 10.39 37.25 -19.19
C SER C 272 11.35 37.53 -20.35
N VAL C 273 12.41 36.72 -20.39
CA VAL C 273 13.39 36.76 -21.48
C VAL C 273 13.28 35.45 -22.23
N ILE C 274 13.03 35.51 -23.53
CA ILE C 274 12.82 34.31 -24.31
C ILE C 274 14.16 33.73 -24.73
N ILE C 275 14.27 32.41 -24.67
CA ILE C 275 15.47 31.68 -25.05
C ILE C 275 15.10 30.64 -26.10
N ASN C 276 15.90 30.52 -27.14
CA ASN C 276 15.74 29.49 -28.16
C ASN C 276 16.96 28.60 -28.19
N CYS C 277 16.74 27.28 -28.18
CA CYS C 277 17.83 26.32 -28.17
C CYS C 277 17.57 25.28 -29.24
N THR C 278 18.66 24.72 -29.78
CA THR C 278 18.51 23.78 -30.88
C THR C 278 19.65 22.76 -30.87
N ARG C 279 19.38 21.63 -31.53
CA ARG C 279 20.36 20.57 -31.76
C ARG C 279 20.31 20.25 -33.25
N PRO C 280 21.11 20.93 -34.07
CA PRO C 280 20.94 20.83 -35.52
C PRO C 280 21.46 19.53 -36.13
N ASN C 281 22.13 18.66 -35.36
CA ASN C 281 22.56 17.38 -35.90
C ASN C 281 21.35 16.46 -36.12
N ASN C 282 21.30 15.85 -37.29
CA ASN C 282 20.16 14.99 -37.66
C ASN C 282 20.52 13.55 -37.35
N ASN C 283 20.32 13.17 -36.09
CA ASN C 283 20.64 11.82 -35.65
C ASN C 283 19.59 10.81 -36.11
N THR C 284 20.00 9.55 -36.15
CA THR C 284 19.09 8.42 -36.39
C THR C 284 19.29 7.42 -35.27
N ARG C 285 18.26 6.63 -35.00
CA ARG C 285 18.23 5.76 -33.83
C ARG C 285 18.48 4.31 -34.22
N LYS C 286 19.41 3.66 -33.52
CA LYS C 286 19.75 2.27 -33.73
C LYS C 286 19.53 1.50 -32.43
N SER C 287 19.14 0.23 -32.56
CA SER C 287 18.85 -0.61 -31.42
C SER C 287 19.86 -1.76 -31.33
N ILE C 288 20.31 -2.04 -30.11
CA ILE C 288 21.26 -3.10 -29.83
C ILE C 288 20.66 -4.03 -28.79
N THR C 289 20.69 -5.33 -29.07
CA THR C 289 20.11 -6.34 -28.19
C THR C 289 21.19 -6.97 -27.33
N PHE C 290 20.87 -7.22 -26.06
CA PHE C 290 21.79 -7.89 -25.14
C PHE C 290 21.54 -9.38 -25.11
N GLY C 291 20.30 -9.76 -24.82
CA GLY C 291 19.92 -11.14 -24.65
C GLY C 291 18.42 -11.27 -24.66
N PRO C 292 17.87 -12.11 -23.80
CA PRO C 292 16.41 -12.23 -23.73
C PRO C 292 15.74 -11.04 -23.07
N GLY C 293 15.05 -10.24 -23.88
CA GLY C 293 14.21 -9.16 -23.38
C GLY C 293 14.93 -7.92 -22.95
N ARG C 294 16.20 -7.73 -23.33
CA ARG C 294 16.96 -6.55 -22.97
C ARG C 294 17.50 -5.91 -24.24
N ALA C 295 17.15 -4.64 -24.46
CA ALA C 295 17.59 -3.90 -25.64
C ALA C 295 18.18 -2.58 -25.20
N PHE C 296 18.66 -1.81 -26.19
CA PHE C 296 19.45 -0.63 -25.91
C PHE C 296 19.44 0.26 -27.15
N TYR C 297 18.99 1.50 -27.00
CA TYR C 297 18.82 2.42 -28.11
C TYR C 297 19.92 3.46 -28.11
N THR C 298 20.50 3.72 -29.28
CA THR C 298 21.64 4.62 -29.39
C THR C 298 21.67 5.20 -30.80
N THR C 299 22.46 6.26 -30.96
CA THR C 299 22.60 6.90 -32.26
C THR C 299 23.45 6.05 -33.19
N GLY C 300 22.99 5.90 -34.43
CA GLY C 300 23.72 5.12 -35.42
C GLY C 300 24.57 5.95 -36.34
N ASP C 301 23.98 6.99 -36.94
CA ASP C 301 24.69 7.88 -37.85
C ASP C 301 23.98 9.23 -37.89
N ILE C 302 24.65 10.23 -38.43
CA ILE C 302 24.09 11.57 -38.60
C ILE C 302 23.97 11.85 -40.10
N ILE C 303 22.75 12.14 -40.54
CA ILE C 303 22.49 12.41 -41.97
C ILE C 303 22.50 13.92 -42.13
N GLY C 304 23.67 14.46 -42.41
CA GLY C 304 23.81 15.88 -42.65
C GLY C 304 25.14 16.39 -42.15
N ASP C 305 25.25 17.71 -42.12
CA ASP C 305 26.48 18.39 -41.69
C ASP C 305 26.58 18.31 -40.17
N ILE C 306 27.82 18.23 -39.69
CA ILE C 306 28.08 18.18 -38.26
C ILE C 306 28.13 19.59 -37.70
N ARG C 307 27.24 19.88 -36.76
CA ARG C 307 27.16 21.22 -36.16
C ARG C 307 27.02 21.08 -34.65
N LYS C 308 27.36 22.16 -33.94
CA LYS C 308 27.25 22.19 -32.49
C LYS C 308 25.86 22.62 -32.07
N ALA C 309 25.52 22.34 -30.81
CA ALA C 309 24.25 22.74 -30.23
C ALA C 309 24.42 24.04 -29.46
N TYR C 310 23.52 24.99 -29.70
CA TYR C 310 23.67 26.34 -29.18
C TYR C 310 22.33 26.86 -28.69
N CYS C 311 22.39 27.92 -27.88
CA CYS C 311 21.21 28.63 -27.41
C CYS C 311 21.37 30.12 -27.68
N ASN C 312 20.28 30.74 -28.13
CA ASN C 312 20.27 32.15 -28.50
C ASN C 312 19.42 32.96 -27.53
N ILE C 313 19.98 34.08 -27.06
CA ILE C 313 19.28 35.03 -26.22
C ILE C 313 19.45 36.41 -26.83
N SER C 314 18.35 37.14 -26.98
CA SER C 314 18.42 38.51 -27.47
C SER C 314 19.15 39.40 -26.47
N SER C 315 20.10 40.19 -26.97
CA SER C 315 21.03 40.88 -26.09
C SER C 315 20.41 42.09 -25.42
N THR C 316 19.50 42.79 -26.10
CA THR C 316 18.90 43.99 -25.53
C THR C 316 17.94 43.63 -24.38
N GLN C 317 17.19 42.55 -24.54
CA GLN C 317 16.30 42.09 -23.48
C GLN C 317 17.09 41.66 -22.24
N TRP C 318 18.18 40.92 -22.45
CA TRP C 318 19.01 40.49 -21.34
C TRP C 318 19.72 41.68 -20.69
N ASN C 319 20.08 42.68 -21.48
CA ASN C 319 20.74 43.86 -20.92
C ASN C 319 19.78 44.68 -20.06
N ASN C 320 18.54 44.88 -20.53
CA ASN C 320 17.55 45.61 -19.75
C ASN C 320 17.18 44.85 -18.48
N THR C 321 17.01 43.53 -18.59
CA THR C 321 16.70 42.69 -17.43
C THR C 321 17.85 42.71 -16.42
N LEU C 322 19.09 42.68 -16.91
CA LEU C 322 20.24 42.66 -16.03
C LEU C 322 20.43 44.01 -15.36
N ARG C 323 20.09 45.10 -16.05
CA ARG C 323 20.11 46.43 -15.44
C ARG C 323 19.06 46.54 -14.34
N GLN C 324 17.87 45.99 -14.56
CA GLN C 324 16.83 46.01 -13.52
C GLN C 324 17.24 45.19 -12.30
N ILE C 325 17.84 44.02 -12.53
CA ILE C 325 18.33 43.18 -11.44
C ILE C 325 19.42 43.91 -10.65
N ALA C 326 20.34 44.57 -11.35
CA ALA C 326 21.42 45.29 -10.69
C ALA C 326 20.90 46.49 -9.90
N ARG C 327 19.89 47.19 -10.44
CA ARG C 327 19.32 48.34 -9.73
C ARG C 327 18.61 47.91 -8.45
N ARG C 328 17.78 46.86 -8.53
CA ARG C 328 17.06 46.42 -7.34
C ARG C 328 18.00 45.77 -6.33
N LEU C 329 19.06 45.11 -6.79
CA LEU C 329 20.03 44.50 -5.89
C LEU C 329 20.89 45.57 -5.22
N ARG C 330 21.14 46.68 -5.92
CA ARG C 330 21.79 47.83 -5.30
C ARG C 330 20.88 48.48 -4.26
N GLU C 331 19.57 48.53 -4.55
CA GLU C 331 18.62 49.09 -3.60
C GLU C 331 18.52 48.24 -2.33
N GLN C 332 18.58 46.92 -2.46
CA GLN C 332 18.53 46.06 -1.28
C GLN C 332 19.81 46.16 -0.47
N PHE C 333 20.95 46.20 -1.14
CA PHE C 333 22.23 46.31 -0.46
C PHE C 333 22.57 47.77 -0.19
N LYS C 334 23.82 48.01 0.23
CA LYS C 334 24.31 49.36 0.40
C LYS C 334 24.62 49.97 -0.96
N ASP C 335 24.89 51.27 -0.96
CA ASP C 335 25.19 52.00 -2.20
C ASP C 335 26.63 51.69 -2.59
N LYS C 336 26.84 50.51 -3.18
CA LYS C 336 28.15 50.08 -3.62
C LYS C 336 28.03 49.49 -5.02
N THR C 337 29.16 49.46 -5.73
CA THR C 337 29.20 48.84 -7.04
C THR C 337 29.10 47.32 -6.92
N ILE C 338 28.40 46.71 -7.88
CA ILE C 338 28.24 45.27 -7.92
C ILE C 338 28.65 44.78 -9.30
N VAL C 339 29.30 43.62 -9.34
CA VAL C 339 29.74 43.00 -10.59
C VAL C 339 29.16 41.60 -10.66
N PHE C 340 28.92 41.14 -11.89
CA PHE C 340 28.40 39.81 -12.14
C PHE C 340 29.47 38.98 -12.82
N ASN C 341 29.75 37.81 -12.26
CA ASN C 341 30.90 37.00 -12.66
C ASN C 341 30.42 35.61 -13.06
N SER C 342 31.36 34.82 -13.59
CA SER C 342 31.04 33.48 -14.03
C SER C 342 30.88 32.52 -12.86
N SER C 343 30.28 31.37 -13.13
CA SER C 343 30.01 30.36 -12.11
C SER C 343 31.27 29.64 -11.67
N ASP C 347 33.06 20.38 -12.37
CA ASP C 347 31.88 19.56 -12.60
C ASP C 347 30.89 20.28 -13.52
N PRO C 348 30.66 19.72 -14.70
CA PRO C 348 29.75 20.37 -15.67
C PRO C 348 28.30 20.39 -15.25
N GLU C 349 27.89 19.55 -14.29
CA GLU C 349 26.49 19.50 -13.90
C GLU C 349 26.09 20.62 -12.95
N ILE C 350 27.05 21.32 -12.34
CA ILE C 350 26.73 22.40 -11.39
C ILE C 350 27.28 23.72 -11.90
N VAL C 351 28.18 23.67 -12.88
CA VAL C 351 28.72 24.89 -13.45
C VAL C 351 27.87 25.35 -14.64
N MET C 352 27.56 24.43 -15.55
CA MET C 352 26.80 24.77 -16.74
C MET C 352 25.30 24.80 -16.45
N HIS C 353 24.55 25.37 -17.39
CA HIS C 353 23.10 25.45 -17.31
C HIS C 353 22.51 24.15 -17.82
N SER C 354 21.93 23.36 -16.94
CA SER C 354 21.42 22.04 -17.29
C SER C 354 19.90 22.05 -17.36
N PHE C 355 19.36 21.61 -18.49
CA PHE C 355 17.92 21.51 -18.67
C PHE C 355 17.67 20.48 -19.77
N ASN C 356 16.44 20.00 -19.85
CA ASN C 356 16.04 19.12 -20.93
C ASN C 356 15.25 19.92 -21.96
N CYS C 357 15.49 19.62 -23.23
CA CYS C 357 14.85 20.33 -24.33
C CYS C 357 14.49 19.29 -25.38
N GLY C 358 13.22 18.95 -25.47
CA GLY C 358 12.77 17.98 -26.46
C GLY C 358 13.18 16.55 -26.20
N GLY C 359 13.62 16.23 -24.98
CA GLY C 359 14.03 14.90 -24.62
C GLY C 359 15.52 14.73 -24.42
N GLU C 360 16.34 15.62 -24.98
CA GLU C 360 17.78 15.57 -24.77
C GLU C 360 18.18 16.52 -23.65
N PHE C 361 19.21 16.12 -22.90
CA PHE C 361 19.66 16.86 -21.73
C PHE C 361 20.82 17.76 -22.12
N PHE C 362 20.55 19.05 -22.27
CA PHE C 362 21.55 20.03 -22.66
C PHE C 362 22.37 20.44 -21.45
N TYR C 363 23.60 20.88 -21.71
CA TYR C 363 24.46 21.49 -20.70
C TYR C 363 25.12 22.70 -21.35
N CYS C 364 24.63 23.89 -21.04
CA CYS C 364 25.01 25.10 -21.76
C CYS C 364 25.91 25.99 -20.91
N ASN C 365 26.92 26.56 -21.55
CA ASN C 365 27.92 27.40 -20.89
C ASN C 365 27.38 28.83 -20.82
N THR C 366 27.18 29.32 -19.59
CA THR C 366 26.56 30.62 -19.36
C THR C 366 27.54 31.67 -18.86
N THR C 367 28.77 31.70 -19.37
CA THR C 367 29.71 32.71 -18.90
C THR C 367 29.60 34.00 -19.69
N GLN C 368 28.84 34.00 -20.78
CA GLN C 368 28.71 35.22 -21.57
C GLN C 368 27.63 36.13 -21.02
N LEU C 369 26.62 35.57 -20.36
CA LEU C 369 25.52 36.37 -19.83
C LEU C 369 25.97 37.16 -18.61
N PHE C 370 26.68 36.52 -17.70
CA PHE C 370 27.02 37.10 -16.40
C PHE C 370 28.43 37.67 -16.42
N ASN C 371 28.62 38.66 -17.28
CA ASN C 371 29.91 39.30 -17.51
C ASN C 371 29.73 40.81 -17.61
N SER C 372 29.03 41.39 -16.63
CA SER C 372 28.73 42.82 -16.66
C SER C 372 28.95 43.41 -15.27
N THR C 373 28.72 44.71 -15.17
CA THR C 373 28.84 45.43 -13.91
C THR C 373 27.46 45.63 -13.27
N THR C 390 20.67 42.23 -32.03
CA THR C 390 21.69 41.19 -32.07
C THR C 390 21.38 40.09 -31.05
N TYR C 391 22.16 39.02 -31.07
CA TYR C 391 21.92 37.86 -30.23
C TYR C 391 23.19 37.49 -29.47
N ILE C 392 23.01 36.82 -28.33
CA ILE C 392 24.11 36.20 -27.60
C ILE C 392 23.99 34.70 -27.73
N THR C 393 25.04 34.06 -28.25
CA THR C 393 25.03 32.63 -28.54
C THR C 393 25.82 31.89 -27.47
N LEU C 394 25.18 30.90 -26.84
CA LEU C 394 25.78 30.11 -25.79
C LEU C 394 26.07 28.71 -26.30
N PRO C 395 27.32 28.25 -26.28
CA PRO C 395 27.61 26.86 -26.69
C PRO C 395 27.09 25.87 -25.67
N CYS C 396 26.67 24.71 -26.16
CA CYS C 396 26.04 23.70 -25.31
C CYS C 396 26.61 22.34 -25.61
N ARG C 397 26.48 21.43 -24.63
CA ARG C 397 26.89 20.05 -24.75
C ARG C 397 25.70 19.15 -24.47
N ILE C 398 25.67 17.98 -25.11
CA ILE C 398 24.62 17.00 -24.93
C ILE C 398 25.19 15.83 -24.15
N LYS C 399 24.48 15.41 -23.11
CA LYS C 399 24.92 14.33 -22.23
C LYS C 399 23.77 13.34 -22.08
N GLN C 400 24.08 12.05 -22.17
CA GLN C 400 23.03 11.04 -22.07
C GLN C 400 22.98 10.35 -20.71
N ILE C 401 24.12 10.19 -20.05
CA ILE C 401 24.16 9.54 -18.74
C ILE C 401 24.11 10.64 -17.68
N ILE C 402 23.06 10.64 -16.87
CA ILE C 402 22.87 11.65 -15.84
C ILE C 402 22.67 10.96 -14.50
N ASN C 403 23.12 11.61 -13.43
CA ASN C 403 22.99 11.11 -12.07
C ASN C 403 22.60 12.24 -11.14
N MET C 404 21.58 13.01 -11.52
CA MET C 404 21.22 14.22 -10.80
C MET C 404 20.61 13.89 -9.43
N TRP C 405 20.56 14.92 -8.58
CA TRP C 405 20.26 14.93 -7.15
C TRP C 405 21.30 14.20 -6.31
N GLN C 406 22.46 13.86 -6.90
CA GLN C 406 23.64 13.32 -6.20
C GLN C 406 23.35 12.02 -5.46
N GLU C 407 22.42 11.23 -5.96
CA GLU C 407 22.05 9.97 -5.32
C GLU C 407 23.10 8.92 -5.67
N VAL C 408 24.01 8.66 -4.72
CA VAL C 408 25.02 7.64 -4.93
C VAL C 408 24.37 6.27 -4.83
N GLY C 409 24.53 5.48 -5.89
CA GLY C 409 23.84 4.21 -6.02
C GLY C 409 22.79 4.17 -7.10
N LYS C 410 22.70 5.21 -7.95
CA LYS C 410 21.76 5.22 -9.06
C LYS C 410 22.33 6.09 -10.18
N ALA C 411 21.96 5.74 -11.40
CA ALA C 411 22.31 6.51 -12.60
C ALA C 411 21.21 6.30 -13.61
N MET C 412 21.32 6.97 -14.76
CA MET C 412 20.24 6.94 -15.72
C MET C 412 20.76 7.23 -17.13
N TYR C 413 20.36 6.39 -18.08
CA TYR C 413 20.70 6.56 -19.48
C TYR C 413 19.46 7.00 -20.24
N ALA C 414 19.41 8.26 -20.63
CA ALA C 414 18.29 8.78 -21.42
C ALA C 414 18.46 8.35 -22.87
N PRO C 415 17.45 7.75 -23.49
CA PRO C 415 17.58 7.32 -24.89
C PRO C 415 17.61 8.50 -25.82
N PRO C 416 18.39 8.44 -26.90
CA PRO C 416 18.49 9.58 -27.81
C PRO C 416 17.25 9.73 -28.68
N ILE C 417 17.07 10.93 -29.20
CA ILE C 417 15.91 11.29 -29.99
C ILE C 417 16.33 11.48 -31.44
N ALA C 418 15.67 10.78 -32.35
CA ALA C 418 15.97 10.91 -33.77
C ALA C 418 15.45 12.24 -34.31
N GLY C 419 16.13 12.74 -35.34
CA GLY C 419 15.75 13.99 -35.96
C GLY C 419 16.28 15.20 -35.21
N GLN C 420 16.03 16.37 -35.79
CA GLN C 420 16.48 17.61 -35.18
C GLN C 420 15.64 17.97 -33.97
N ILE C 421 16.23 18.71 -33.04
CA ILE C 421 15.59 19.12 -31.80
C ILE C 421 15.58 20.64 -31.74
N ARG C 422 14.40 21.21 -31.47
CA ARG C 422 14.27 22.65 -31.31
C ARG C 422 13.20 22.93 -30.27
N CYS C 423 13.48 23.89 -29.39
CA CYS C 423 12.53 24.26 -28.35
C CYS C 423 12.77 25.71 -27.94
N SER C 424 11.76 26.30 -27.33
CA SER C 424 11.84 27.67 -26.85
C SER C 424 11.22 27.75 -25.46
N SER C 425 11.74 28.66 -24.64
CA SER C 425 11.30 28.77 -23.25
C SER C 425 11.44 30.21 -22.80
N ASN C 426 10.80 30.54 -21.69
CA ASN C 426 10.88 31.86 -21.08
C ASN C 426 11.76 31.76 -19.85
N ILE C 427 12.75 32.64 -19.74
CA ILE C 427 13.54 32.74 -18.52
C ILE C 427 12.75 33.56 -17.50
N THR C 428 12.46 32.95 -16.36
CA THR C 428 11.64 33.56 -15.32
C THR C 428 12.42 33.91 -14.07
N GLY C 429 13.30 33.04 -13.60
CA GLY C 429 14.06 33.33 -12.41
C GLY C 429 15.52 32.95 -12.55
N ILE C 430 16.35 33.59 -11.74
CA ILE C 430 17.79 33.34 -11.70
C ILE C 430 18.18 33.09 -10.25
N LEU C 431 19.04 32.11 -10.01
CA LEU C 431 19.58 31.83 -8.68
C LEU C 431 20.98 32.41 -8.58
N LEU C 432 21.18 33.32 -7.63
CA LEU C 432 22.47 33.97 -7.41
C LEU C 432 23.06 33.55 -6.08
N THR C 433 24.35 33.88 -5.91
CA THR C 433 25.08 33.63 -4.67
C THR C 433 26.21 34.64 -4.60
N ARG C 434 26.41 35.23 -3.42
CA ARG C 434 27.51 36.17 -3.18
C ARG C 434 28.88 35.54 -3.41
N GLU C 444 29.60 42.74 -3.48
CA GLU C 444 30.37 43.17 -4.62
C GLU C 444 30.29 42.17 -5.77
N ILE C 445 30.64 40.92 -5.50
CA ILE C 445 30.75 39.87 -6.52
C ILE C 445 29.57 38.93 -6.37
N PHE C 446 28.78 38.82 -7.45
CA PHE C 446 27.66 37.89 -7.51
C PHE C 446 27.84 36.98 -8.72
N ARG C 447 27.60 35.68 -8.50
CA ARG C 447 27.75 34.70 -9.54
C ARG C 447 26.61 33.70 -9.45
N PRO C 448 26.18 33.13 -10.58
CA PRO C 448 25.14 32.09 -10.52
C PRO C 448 25.70 30.81 -9.92
N GLU C 449 24.95 30.23 -9.01
CA GLU C 449 25.43 29.07 -8.27
C GLU C 449 24.23 28.31 -7.74
N GLY C 450 24.44 27.01 -7.52
CA GLY C 450 23.45 26.18 -6.88
C GLY C 450 23.27 24.86 -7.59
N GLY C 451 23.53 23.78 -6.88
CA GLY C 451 23.25 22.43 -7.36
C GLY C 451 21.97 21.86 -6.81
N ASN C 452 21.37 22.53 -5.83
CA ASN C 452 20.09 22.11 -5.28
C ASN C 452 18.97 22.41 -6.27
N MET C 453 18.06 21.45 -6.43
CA MET C 453 16.87 21.68 -7.24
C MET C 453 15.67 22.03 -6.37
N ARG C 454 15.87 22.15 -5.06
CA ARG C 454 14.78 22.51 -4.15
C ARG C 454 14.41 23.98 -4.26
N ASP C 455 15.37 24.84 -4.61
CA ASP C 455 15.09 26.26 -4.72
C ASP C 455 14.34 26.63 -5.99
N ASN C 456 14.28 25.71 -6.97
CA ASN C 456 13.43 25.93 -8.12
C ASN C 456 11.96 25.90 -7.73
N TRP C 457 11.59 24.97 -6.85
CA TRP C 457 10.19 24.83 -6.44
C TRP C 457 9.84 25.74 -5.28
N ARG C 458 10.84 26.30 -4.59
CA ARG C 458 10.56 27.27 -3.53
C ARG C 458 10.18 28.61 -4.12
N SER C 459 10.55 28.88 -5.38
CA SER C 459 10.14 30.11 -6.03
C SER C 459 8.71 30.04 -6.54
N GLU C 460 8.11 28.84 -6.57
CA GLU C 460 6.72 28.68 -6.98
C GLU C 460 5.79 28.58 -5.77
N LEU C 461 6.26 27.99 -4.68
CA LEU C 461 5.46 27.77 -3.48
C LEU C 461 5.71 28.80 -2.40
N TYR C 462 5.93 30.06 -2.78
CA TYR C 462 6.21 31.09 -1.78
C TYR C 462 4.95 31.74 -1.27
N LYS C 463 3.84 31.64 -2.00
CA LYS C 463 2.60 32.28 -1.60
C LYS C 463 1.78 31.42 -0.66
N TYR C 464 2.09 30.14 -0.52
CA TYR C 464 1.17 29.19 0.07
C TYR C 464 1.59 28.78 1.48
N LYS C 465 0.62 28.23 2.21
CA LYS C 465 0.78 27.80 3.60
C LYS C 465 -0.34 26.84 3.92
N VAL C 466 -0.03 25.79 4.68
CA VAL C 466 -0.99 24.75 5.02
C VAL C 466 -1.40 24.91 6.48
N VAL C 467 -2.70 25.02 6.73
CA VAL C 467 -3.24 25.18 8.07
C VAL C 467 -4.20 24.02 8.37
N LYS C 468 -4.57 23.90 9.63
CA LYS C 468 -5.43 22.83 10.13
C LYS C 468 -6.62 23.43 10.88
N ILE C 469 -7.83 23.07 10.45
CA ILE C 469 -9.04 23.66 11.02
C ILE C 469 -9.37 22.99 12.35
N GLU C 470 -9.73 23.80 13.34
CA GLU C 470 -10.09 23.34 14.68
C GLU C 470 -11.49 23.84 15.02
N PRO C 471 -12.53 23.13 14.59
CA PRO C 471 -13.87 23.72 14.61
C PRO C 471 -14.52 23.79 15.98
N LEU C 472 -13.97 23.16 17.01
CA LEU C 472 -14.60 23.20 18.33
C LEU C 472 -14.15 24.43 19.09
N GLY C 473 -15.12 25.10 19.72
CA GLY C 473 -14.84 26.29 20.49
C GLY C 473 -15.77 26.41 21.67
N VAL C 474 -15.29 27.09 22.71
CA VAL C 474 -16.06 27.30 23.93
C VAL C 474 -16.17 28.80 24.20
N ALA C 475 -17.31 29.22 24.72
CA ALA C 475 -17.58 30.63 24.97
C ALA C 475 -18.69 30.74 26.01
N PRO C 476 -18.69 31.78 26.83
CA PRO C 476 -19.75 31.95 27.81
C PRO C 476 -20.98 32.65 27.27
N THR C 477 -22.16 32.20 27.72
CA THR C 477 -23.43 32.79 27.37
C THR C 477 -24.22 32.92 28.67
N LYS C 478 -25.25 33.80 28.67
CA LYS C 478 -25.96 34.22 29.87
C LYS C 478 -26.68 33.07 30.57
N CYS C 479 -27.35 32.20 29.82
CA CYS C 479 -28.09 31.12 30.47
C CYS C 479 -28.15 29.91 29.56
N LYS C 480 -28.00 28.73 30.16
CA LYS C 480 -28.20 27.46 29.47
C LYS C 480 -28.85 26.45 30.39
N PHE D 8 -23.55 35.14 1.82
CA PHE D 8 -22.73 33.94 1.76
C PHE D 8 -21.28 34.32 1.54
N LEU D 9 -20.48 34.20 2.59
CA LEU D 9 -19.07 34.56 2.52
C LEU D 9 -18.16 33.40 2.17
N GLY D 10 -18.68 32.18 2.04
CA GLY D 10 -17.88 31.04 1.67
C GLY D 10 -17.13 30.42 2.84
N PHE D 11 -16.33 29.41 2.50
CA PHE D 11 -15.57 28.66 3.50
C PHE D 11 -14.49 29.53 4.12
N LEU D 12 -14.51 29.64 5.44
CA LEU D 12 -13.68 30.55 6.26
C LEU D 12 -13.83 32.01 5.84
N GLY D 13 -14.99 32.40 5.31
CA GLY D 13 -15.15 33.77 4.86
C GLY D 13 -15.33 34.73 6.00
N ALA D 14 -15.91 34.27 7.10
CA ALA D 14 -16.15 35.09 8.27
C ALA D 14 -15.09 34.93 9.34
N ALA D 15 -13.84 34.62 8.94
CA ALA D 15 -12.77 34.48 9.91
C ALA D 15 -12.31 35.81 10.47
N GLY D 16 -12.60 36.91 9.79
CA GLY D 16 -12.27 38.22 10.30
C GLY D 16 -13.46 38.93 10.93
N SER D 17 -14.65 38.35 10.77
CA SER D 17 -15.84 38.92 11.36
C SER D 17 -15.87 38.64 12.86
N THR D 18 -16.69 39.42 13.57
CA THR D 18 -16.78 39.30 15.02
C THR D 18 -17.49 38.00 15.41
N MET D 19 -17.40 37.67 16.71
CA MET D 19 -17.92 36.39 17.19
C MET D 19 -19.43 36.34 17.12
N GLY D 20 -20.10 37.50 17.23
CA GLY D 20 -21.53 37.53 16.99
C GLY D 20 -21.89 37.30 15.54
N ALA D 21 -21.11 37.88 14.62
CA ALA D 21 -21.41 37.75 13.20
C ALA D 21 -20.97 36.40 12.64
N ALA D 22 -19.87 35.84 13.15
CA ALA D 22 -19.36 34.58 12.63
C ALA D 22 -20.13 33.38 13.15
N SER D 23 -20.99 33.57 14.14
CA SER D 23 -21.79 32.46 14.66
C SER D 23 -22.95 32.09 13.74
N MET D 24 -23.26 32.91 12.74
CA MET D 24 -24.28 32.56 11.76
C MET D 24 -23.74 31.70 10.63
N THR D 25 -22.42 31.57 10.49
CA THR D 25 -21.82 30.80 9.42
C THR D 25 -21.16 29.52 9.91
N LEU D 26 -21.75 28.85 10.90
CA LEU D 26 -21.17 27.61 11.39
C LEU D 26 -21.40 26.46 10.41
N THR D 27 -22.54 26.46 9.72
CA THR D 27 -22.82 25.39 8.77
C THR D 27 -21.99 25.50 7.50
N VAL D 28 -21.43 26.67 7.20
CA VAL D 28 -20.57 26.83 6.05
C VAL D 28 -19.25 26.10 6.27
N GLN D 29 -18.67 26.26 7.46
CA GLN D 29 -17.45 25.53 7.78
C GLN D 29 -17.73 24.06 8.05
N ALA D 30 -18.83 23.76 8.77
CA ALA D 30 -19.04 22.40 9.27
C ALA D 30 -19.42 21.41 8.19
N ARG D 31 -19.84 21.90 7.02
CA ARG D 31 -20.18 21.02 5.92
C ARG D 31 -18.93 20.46 5.23
N LEU D 32 -17.81 21.17 5.30
CA LEU D 32 -16.63 20.84 4.51
C LEU D 32 -15.50 20.22 5.31
N LEU D 33 -15.76 19.61 6.47
CA LEU D 33 -14.71 18.89 7.17
C LEU D 33 -14.52 17.46 6.68
N LEU D 34 -15.38 16.94 5.82
CA LEU D 34 -15.34 15.53 5.49
C LEU D 34 -15.18 15.34 3.99
N SER D 35 -14.43 14.32 3.61
CA SER D 35 -14.06 14.08 2.23
C SER D 35 -15.24 13.51 1.44
N GLY D 36 -14.97 13.05 0.22
CA GLY D 36 -16.02 12.67 -0.69
C GLY D 36 -16.59 13.81 -1.50
N ILE D 37 -15.79 14.85 -1.74
CA ILE D 37 -16.24 16.05 -2.43
C ILE D 37 -16.43 15.78 -3.92
N LYS D 63 -1.18 6.09 -1.81
CA LYS D 63 -1.00 7.43 -2.36
C LYS D 63 -1.97 8.45 -1.77
N GLN D 64 -3.25 8.25 -2.06
CA GLN D 64 -4.33 9.14 -1.65
C GLN D 64 -5.12 8.63 -0.46
N LEU D 65 -4.88 7.37 -0.05
CA LEU D 65 -5.67 6.79 1.02
C LEU D 65 -5.35 7.40 2.38
N GLN D 66 -4.10 7.86 2.57
CA GLN D 66 -3.71 8.44 3.85
C GLN D 66 -4.46 9.74 4.12
N ALA D 67 -4.67 10.55 3.08
CA ALA D 67 -5.39 11.82 3.24
C ALA D 67 -6.86 11.59 3.59
N ARG D 68 -7.50 10.63 2.91
CA ARG D 68 -8.91 10.35 3.15
C ARG D 68 -9.12 9.74 4.54
N VAL D 69 -8.25 8.81 4.94
CA VAL D 69 -8.34 8.21 6.27
C VAL D 69 -8.08 9.26 7.35
N LEU D 70 -7.14 10.17 7.11
CA LEU D 70 -6.85 11.23 8.08
C LEU D 70 -8.02 12.19 8.24
N ALA D 71 -8.68 12.55 7.12
CA ALA D 71 -9.85 13.41 7.19
C ALA D 71 -11.00 12.75 7.94
N VAL D 72 -11.23 11.46 7.66
CA VAL D 72 -12.28 10.69 8.33
C VAL D 72 -12.03 10.61 9.83
N GLU D 73 -10.77 10.37 10.23
CA GLU D 73 -10.46 10.29 11.66
C GLU D 73 -10.57 11.63 12.37
N ARG D 74 -10.15 12.72 11.72
CA ARG D 74 -10.25 14.02 12.38
C ARG D 74 -11.72 14.42 12.59
N TYR D 75 -12.55 14.20 11.56
CA TYR D 75 -13.98 14.46 11.72
C TYR D 75 -14.61 13.54 12.76
N LEU D 76 -14.20 12.27 12.78
CA LEU D 76 -14.82 11.31 13.69
C LEU D 76 -14.39 11.54 15.14
N LYS D 77 -13.14 11.98 15.36
CA LYS D 77 -12.69 12.33 16.70
C LYS D 77 -13.42 13.56 17.22
N ASP D 78 -13.60 14.57 16.37
CA ASP D 78 -14.34 15.76 16.78
C ASP D 78 -15.80 15.44 17.06
N GLN D 79 -16.40 14.55 16.26
CA GLN D 79 -17.79 14.17 16.47
C GLN D 79 -17.96 13.33 17.74
N GLN D 80 -16.99 12.46 18.03
CA GLN D 80 -17.05 11.68 19.26
C GLN D 80 -16.90 12.56 20.49
N LEU D 81 -15.98 13.54 20.42
CA LEU D 81 -15.79 14.45 21.55
C LEU D 81 -17.01 15.35 21.74
N LEU D 82 -17.71 15.67 20.64
CA LEU D 82 -18.95 16.42 20.76
C LEU D 82 -20.08 15.57 21.31
N GLY D 83 -20.12 14.28 20.97
CA GLY D 83 -21.23 13.43 21.40
C GLY D 83 -21.05 12.90 22.81
N ILE D 84 -19.82 12.90 23.32
CA ILE D 84 -19.59 12.52 24.71
C ILE D 84 -20.17 13.57 25.66
N TRP D 85 -20.01 14.85 25.30
CA TRP D 85 -20.55 15.94 26.12
C TRP D 85 -22.07 16.01 26.08
N GLY D 86 -22.70 15.39 25.09
CA GLY D 86 -24.14 15.44 24.95
C GLY D 86 -24.58 16.46 23.91
N CYS D 87 -25.78 16.21 23.37
CA CYS D 87 -26.47 17.07 22.40
C CYS D 87 -25.63 17.26 21.12
N SER D 88 -25.40 16.16 20.42
CA SER D 88 -24.73 16.23 19.12
C SER D 88 -25.68 16.64 18.00
N GLY D 89 -26.95 16.25 18.09
CA GLY D 89 -27.90 16.45 17.02
C GLY D 89 -28.89 17.59 17.18
N LYS D 90 -28.70 18.47 18.14
CA LYS D 90 -29.62 19.59 18.31
C LYS D 90 -28.88 20.81 18.86
N LEU D 91 -29.52 21.97 18.72
CA LEU D 91 -28.91 23.26 19.04
C LEU D 91 -29.08 23.62 20.52
N ILE D 92 -30.32 23.77 20.97
CA ILE D 92 -30.59 24.25 22.32
C ILE D 92 -30.39 23.09 23.30
N CYS D 93 -29.45 23.26 24.23
CA CYS D 93 -29.11 22.22 25.18
C CYS D 93 -28.58 22.87 26.45
N CYS D 94 -28.68 22.12 27.55
CA CYS D 94 -28.21 22.59 28.86
C CYS D 94 -26.87 21.95 29.18
N THR D 95 -25.93 22.78 29.63
CA THR D 95 -24.57 22.36 29.95
C THR D 95 -24.24 22.42 31.43
N ALA D 96 -24.70 23.48 32.11
CA ALA D 96 -24.61 23.66 33.57
C ALA D 96 -23.16 23.63 34.07
N VAL D 97 -22.26 24.27 33.33
CA VAL D 97 -20.89 24.47 33.76
C VAL D 97 -20.70 25.97 34.02
N PRO D 98 -20.42 26.38 35.25
CA PRO D 98 -20.23 27.81 35.52
C PRO D 98 -18.92 28.34 34.95
N TRP D 99 -18.97 29.59 34.50
CA TRP D 99 -17.79 30.23 33.93
C TRP D 99 -16.98 30.89 35.03
N ASN D 100 -15.67 30.68 34.98
CA ASN D 100 -14.73 31.24 35.94
C ASN D 100 -14.16 32.52 35.36
N ALA D 101 -14.07 33.56 36.21
CA ALA D 101 -13.54 34.84 35.76
C ALA D 101 -12.02 34.80 35.56
N SER D 102 -11.35 33.79 36.11
CA SER D 102 -9.92 33.63 35.87
C SER D 102 -9.65 33.22 34.43
N TRP D 103 -10.59 32.52 33.80
CA TRP D 103 -10.44 32.17 32.39
C TRP D 103 -10.52 33.41 31.51
N SER D 104 -11.54 34.23 31.70
CA SER D 104 -11.68 35.51 30.99
C SER D 104 -12.65 36.38 31.77
N ASN D 105 -12.20 37.57 32.17
CA ASN D 105 -13.02 38.52 32.91
C ASN D 105 -13.69 39.54 32.00
N ARG D 106 -13.60 39.36 30.68
CA ARG D 106 -14.10 40.32 29.72
C ARG D 106 -15.62 40.32 29.68
N SER D 107 -16.19 41.51 29.52
CA SER D 107 -17.64 41.67 29.42
C SER D 107 -18.18 41.05 28.13
N LEU D 108 -19.45 40.67 28.15
CA LEU D 108 -20.00 39.79 27.14
C LEU D 108 -20.24 40.51 25.81
N ASP D 109 -20.56 41.81 25.87
CA ASP D 109 -20.67 42.58 24.64
C ASP D 109 -19.31 42.76 23.98
N ASN D 110 -18.26 42.88 24.80
CA ASN D 110 -16.90 42.98 24.28
C ASN D 110 -16.46 41.64 23.68
N ILE D 111 -16.93 40.52 24.23
CA ILE D 111 -16.61 39.22 23.65
C ILE D 111 -17.35 39.04 22.32
N TRP D 112 -18.64 39.33 22.30
CA TRP D 112 -19.48 38.96 21.15
C TRP D 112 -19.64 40.06 20.12
N ASN D 113 -19.02 41.23 20.29
CA ASN D 113 -19.18 42.30 19.32
C ASN D 113 -17.91 43.06 18.98
N ASN D 114 -16.75 42.64 19.49
CA ASN D 114 -15.52 43.40 19.33
C ASN D 114 -14.35 42.59 18.80
N MET D 115 -14.25 41.30 19.11
CA MET D 115 -13.11 40.48 18.74
C MET D 115 -13.57 39.31 17.87
N THR D 116 -12.60 38.58 17.32
CA THR D 116 -12.86 37.43 16.49
C THR D 116 -12.52 36.15 17.26
N TRP D 117 -12.68 35.01 16.58
CA TRP D 117 -12.50 33.73 17.26
C TRP D 117 -11.03 33.37 17.43
N MET D 118 -10.15 33.98 16.62
CA MET D 118 -8.73 33.63 16.66
C MET D 118 -8.07 34.10 17.96
N GLU D 119 -8.26 35.35 18.33
CA GLU D 119 -7.68 35.83 19.59
C GLU D 119 -8.41 35.27 20.80
N TRP D 120 -9.68 34.90 20.66
CA TRP D 120 -10.38 34.19 21.73
C TRP D 120 -9.74 32.83 21.98
N ASP D 121 -9.39 32.14 20.89
CA ASP D 121 -8.72 30.84 21.02
C ASP D 121 -7.32 31.03 21.59
N ARG D 122 -6.65 32.13 21.23
CA ARG D 122 -5.34 32.43 21.81
C ARG D 122 -5.43 32.70 23.31
N GLU D 123 -6.51 33.35 23.75
CA GLU D 123 -6.70 33.60 25.17
C GLU D 123 -7.01 32.32 25.93
N ILE D 124 -7.82 31.43 25.36
CA ILE D 124 -8.27 30.24 26.07
C ILE D 124 -7.67 28.96 25.45
N ASN D 125 -6.41 29.02 24.99
CA ASN D 125 -5.76 27.80 24.51
C ASN D 125 -5.29 26.91 25.66
N ASN D 126 -4.76 27.52 26.72
CA ASN D 126 -4.18 26.72 27.81
C ASN D 126 -5.23 26.22 28.77
N TYR D 127 -6.39 26.88 28.83
CA TYR D 127 -7.44 26.55 29.78
C TYR D 127 -8.47 25.58 29.22
N THR D 128 -8.26 25.06 28.01
CA THR D 128 -9.32 24.40 27.27
C THR D 128 -9.64 23.00 27.82
N ASN D 129 -8.62 22.27 28.26
CA ASN D 129 -8.82 20.90 28.73
C ASN D 129 -9.60 20.88 30.04
N LEU D 130 -9.42 21.90 30.87
CA LEU D 130 -10.21 22.04 32.09
C LEU D 130 -11.69 22.23 31.77
N ILE D 131 -12.00 23.06 30.77
CA ILE D 131 -13.38 23.27 30.36
C ILE D 131 -13.95 21.98 29.78
N TYR D 132 -13.13 21.23 29.03
CA TYR D 132 -13.60 19.98 28.42
C TYR D 132 -13.95 18.94 29.49
N ASN D 133 -13.09 18.78 30.50
CA ASN D 133 -13.40 17.78 31.52
C ASN D 133 -14.47 18.25 32.48
N LEU D 134 -14.65 19.57 32.67
CA LEU D 134 -15.80 20.04 33.44
C LEU D 134 -17.12 19.81 32.71
N ILE D 135 -17.13 19.98 31.38
CA ILE D 135 -18.35 19.66 30.62
C ILE D 135 -18.65 18.17 30.69
N GLU D 136 -17.60 17.33 30.61
CA GLU D 136 -17.80 15.89 30.75
C GLU D 136 -18.31 15.51 32.14
N GLU D 137 -17.78 16.17 33.18
CA GLU D 137 -18.23 15.88 34.54
C GLU D 137 -19.67 16.33 34.75
N SER D 138 -20.06 17.46 34.14
CA SER D 138 -21.43 17.93 34.29
C SER D 138 -22.41 17.11 33.45
N GLN D 139 -21.89 16.35 32.47
CA GLN D 139 -22.79 15.48 31.70
C GLN D 139 -23.40 14.36 32.55
N ASN D 140 -22.59 13.65 33.34
CA ASN D 140 -23.09 12.53 34.12
C ASN D 140 -23.63 12.94 35.48
N GLN D 141 -23.11 14.01 36.07
CA GLN D 141 -23.56 14.46 37.38
C GLN D 141 -24.94 15.11 37.31
N GLU E 2 -41.10 -6.02 40.48
CA GLU E 2 -42.36 -5.52 39.96
C GLU E 2 -42.41 -5.71 38.44
N GLN E 3 -41.68 -4.86 37.72
CA GLN E 3 -41.56 -4.99 36.27
C GLN E 3 -40.23 -4.38 35.83
N LEU E 4 -39.53 -5.10 34.97
CA LEU E 4 -38.18 -4.71 34.54
C LEU E 4 -38.13 -4.56 33.03
N TRP E 5 -37.31 -3.62 32.57
CA TRP E 5 -37.07 -3.40 31.16
C TRP E 5 -35.57 -3.38 30.90
N VAL E 6 -35.18 -3.87 29.72
CA VAL E 6 -33.77 -3.96 29.37
C VAL E 6 -33.25 -2.58 28.98
N THR E 7 -32.03 -2.27 29.40
CA THR E 7 -31.39 -0.99 29.11
C THR E 7 -30.02 -1.25 28.50
N VAL E 8 -29.56 -0.30 27.68
CA VAL E 8 -28.32 -0.43 26.93
C VAL E 8 -27.27 0.49 27.52
N TYR E 9 -26.08 -0.06 27.79
CA TYR E 9 -24.97 0.70 28.32
C TYR E 9 -23.81 0.66 27.35
N TYR E 10 -23.14 1.80 27.18
CA TYR E 10 -21.99 1.94 26.31
C TYR E 10 -20.78 2.30 27.15
N GLY E 11 -19.63 1.71 26.81
CA GLY E 11 -18.44 1.89 27.61
C GLY E 11 -18.31 0.89 28.74
N VAL E 12 -18.92 -0.28 28.61
CA VAL E 12 -18.89 -1.31 29.65
C VAL E 12 -17.49 -1.90 29.75
N PRO E 13 -16.88 -1.98 30.94
CA PRO E 13 -15.55 -2.59 31.07
C PRO E 13 -15.55 -4.13 31.12
N VAL E 14 -15.72 -4.75 29.94
CA VAL E 14 -15.53 -6.18 29.77
C VAL E 14 -14.64 -6.42 28.57
N TRP E 15 -14.08 -7.63 28.49
CA TRP E 15 -13.19 -7.96 27.40
C TRP E 15 -13.30 -9.45 27.06
N LYS E 16 -12.87 -9.78 25.85
CA LYS E 16 -12.85 -11.15 25.35
C LYS E 16 -11.46 -11.43 24.76
N GLU E 17 -11.27 -12.65 24.27
CA GLU E 17 -9.99 -13.03 23.68
C GLU E 17 -9.83 -12.38 22.31
N ALA E 18 -8.56 -12.25 21.89
CA ALA E 18 -8.25 -11.56 20.65
C ALA E 18 -6.98 -12.13 20.04
N THR E 19 -6.78 -11.81 18.76
CA THR E 19 -5.60 -12.24 18.02
C THR E 19 -5.11 -11.14 17.08
N THR E 20 -5.27 -9.88 17.48
CA THR E 20 -4.98 -8.75 16.61
C THR E 20 -3.48 -8.57 16.40
N THR E 21 -3.14 -7.72 15.43
CA THR E 21 -1.76 -7.46 15.03
C THR E 21 -1.30 -6.16 15.69
N LEU E 22 -0.35 -6.27 16.62
CA LEU E 22 0.12 -5.10 17.34
C LEU E 22 1.14 -4.34 16.50
N PHE E 23 1.37 -3.08 16.87
CA PHE E 23 2.33 -2.23 16.16
C PHE E 23 3.49 -1.88 17.07
N CYS E 24 4.68 -1.84 16.49
CA CYS E 24 5.91 -1.60 17.22
C CYS E 24 6.02 -0.13 17.65
N ALA E 25 6.89 0.10 18.63
CA ALA E 25 7.17 1.44 19.13
C ALA E 25 8.54 1.43 19.79
N SER E 26 9.37 2.41 19.44
CA SER E 26 10.70 2.52 20.03
C SER E 26 11.18 3.96 20.07
N GLN E 52 1.42 4.39 30.70
CA GLN E 52 0.33 4.31 31.66
C GLN E 52 0.11 2.87 32.12
N GLU E 53 -0.30 2.72 33.37
CA GLU E 53 -0.55 1.39 33.94
C GLU E 53 -1.59 1.52 35.04
N VAL E 54 -2.61 0.68 34.97
CA VAL E 54 -3.73 0.72 35.91
C VAL E 54 -3.75 -0.60 36.67
N VAL E 55 -3.91 -0.51 37.99
CA VAL E 55 -3.73 -1.65 38.90
C VAL E 55 -4.76 -2.77 38.71
N LEU E 56 -6.03 -2.43 38.45
CA LEU E 56 -7.14 -3.38 38.25
C LEU E 56 -7.32 -4.32 39.45
N GLU E 57 -7.79 -3.73 40.54
CA GLU E 57 -8.10 -4.53 41.72
C GLU E 57 -9.31 -5.44 41.46
N ASN E 58 -9.39 -6.50 42.28
CA ASN E 58 -10.54 -7.40 42.39
C ASN E 58 -10.82 -8.18 41.11
N VAL E 59 -9.85 -8.39 40.23
CA VAL E 59 -10.08 -9.10 38.99
C VAL E 59 -9.03 -10.19 38.82
N THR E 60 -9.44 -11.34 38.28
CA THR E 60 -8.57 -12.46 38.00
C THR E 60 -8.71 -12.85 36.52
N GLU E 61 -7.57 -13.04 35.86
CA GLU E 61 -7.54 -13.49 34.48
C GLU E 61 -6.57 -14.66 34.35
N ASN E 62 -6.97 -15.66 33.57
CA ASN E 62 -6.12 -16.79 33.27
C ASN E 62 -5.13 -16.43 32.16
N PHE E 63 -3.91 -16.93 32.27
CA PHE E 63 -2.85 -16.67 31.32
C PHE E 63 -2.29 -17.99 30.79
N ASN E 64 -1.66 -17.91 29.62
CA ASN E 64 -1.03 -19.08 29.02
C ASN E 64 0.06 -18.60 28.07
N MET E 65 1.32 -18.83 28.42
CA MET E 65 2.43 -18.34 27.61
C MET E 65 2.75 -19.26 26.44
N TRP E 66 2.20 -20.48 26.43
CA TRP E 66 2.48 -21.42 25.35
C TRP E 66 1.56 -21.23 24.15
N LYS E 67 0.31 -20.79 24.37
CA LYS E 67 -0.57 -20.40 23.28
C LYS E 67 -0.68 -18.89 23.13
N ASN E 68 0.27 -18.15 23.69
CA ASN E 68 0.30 -16.71 23.53
C ASN E 68 0.65 -16.37 22.09
N ASN E 69 -0.08 -15.41 21.52
CA ASN E 69 0.03 -15.12 20.10
C ASN E 69 1.06 -14.03 19.80
N MET E 70 1.56 -13.34 20.82
CA MET E 70 2.52 -12.28 20.59
C MET E 70 3.89 -12.82 20.19
N VAL E 71 4.18 -14.07 20.55
CA VAL E 71 5.44 -14.70 20.16
C VAL E 71 5.50 -14.91 18.65
N GLU E 72 4.41 -15.40 18.07
CA GLU E 72 4.36 -15.61 16.62
C GLU E 72 4.36 -14.28 15.86
N GLN E 73 3.70 -13.27 16.42
CA GLN E 73 3.73 -11.93 15.83
C GLN E 73 5.14 -11.35 15.83
N MET E 74 5.86 -11.52 16.95
CA MET E 74 7.23 -11.04 17.03
C MET E 74 8.14 -11.80 16.08
N HIS E 75 7.94 -13.12 15.96
CA HIS E 75 8.78 -13.92 15.08
C HIS E 75 8.55 -13.55 13.61
N GLU E 76 7.29 -13.34 13.23
CA GLU E 76 6.98 -12.94 11.86
C GLU E 76 7.52 -11.55 11.56
N ASP E 77 7.42 -10.62 12.51
CA ASP E 77 7.95 -9.28 12.30
C ASP E 77 9.48 -9.28 12.21
N ILE E 78 10.15 -10.08 13.03
CA ILE E 78 11.60 -10.16 13.00
C ILE E 78 12.09 -10.78 11.69
N ILE E 79 11.41 -11.82 11.22
CA ILE E 79 11.75 -12.45 9.95
C ILE E 79 11.52 -11.47 8.79
N SER E 80 10.42 -10.69 8.86
CA SER E 80 10.11 -9.74 7.80
C SER E 80 11.11 -8.60 7.74
N LEU E 81 11.50 -8.04 8.89
CA LEU E 81 12.51 -6.97 8.88
C LEU E 81 13.88 -7.49 8.47
N TRP E 82 14.24 -8.70 8.90
CA TRP E 82 15.54 -9.24 8.55
C TRP E 82 15.61 -9.59 7.07
N ASP E 83 14.48 -9.98 6.46
CA ASP E 83 14.45 -10.21 5.03
C ASP E 83 14.38 -8.91 4.24
N GLN E 84 13.71 -7.89 4.77
CA GLN E 84 13.62 -6.60 4.08
C GLN E 84 14.96 -5.87 4.09
N SER E 85 15.74 -6.03 5.16
CA SER E 85 17.04 -5.38 5.22
C SER E 85 18.04 -6.00 4.25
N LEU E 86 17.82 -7.24 3.82
CA LEU E 86 18.73 -7.93 2.93
C LEU E 86 18.30 -7.88 1.47
N LYS E 87 17.24 -7.12 1.16
CA LYS E 87 16.75 -7.06 -0.22
C LYS E 87 17.63 -6.23 -1.17
N PRO E 88 17.95 -4.92 -0.92
CA PRO E 88 18.49 -4.12 -2.03
C PRO E 88 19.96 -4.32 -2.36
N CYS E 89 20.78 -4.76 -1.40
CA CYS E 89 22.22 -4.74 -1.60
C CYS E 89 22.76 -6.07 -2.12
N VAL E 90 24.10 -6.20 -2.13
CA VAL E 90 24.81 -7.03 -3.09
C VAL E 90 24.69 -8.52 -2.76
N LYS E 91 24.61 -9.34 -3.81
CA LYS E 91 24.66 -10.80 -3.71
C LYS E 91 26.04 -11.30 -4.07
N LEU E 92 26.43 -12.44 -3.49
CA LEU E 92 27.74 -13.07 -3.70
C LEU E 92 27.66 -14.29 -4.61
N THR E 93 26.88 -14.23 -5.68
CA THR E 93 26.95 -15.25 -6.72
C THR E 93 28.34 -15.41 -7.36
N PRO E 94 29.12 -14.36 -7.71
CA PRO E 94 30.45 -14.63 -8.30
C PRO E 94 31.47 -15.26 -7.36
N LEU E 95 31.25 -15.26 -6.04
CA LEU E 95 32.19 -15.96 -5.16
C LEU E 95 32.08 -17.47 -5.25
N CYS E 96 31.01 -18.00 -5.85
CA CYS E 96 30.82 -19.43 -5.92
C CYS E 96 31.74 -20.05 -6.96
N VAL E 97 33.04 -20.09 -6.64
CA VAL E 97 34.08 -20.52 -7.55
C VAL E 97 35.10 -21.26 -6.69
N THR E 98 35.94 -22.08 -7.32
CA THR E 98 36.94 -22.83 -6.58
C THR E 98 38.01 -21.90 -6.00
N LEU E 99 38.44 -22.21 -4.78
CA LEU E 99 39.41 -21.40 -4.06
C LEU E 99 40.67 -22.22 -3.81
N ASN E 100 41.81 -21.62 -4.09
CA ASN E 100 43.11 -22.25 -3.87
C ASN E 100 43.65 -21.71 -2.55
N CYS E 101 43.25 -22.37 -1.45
CA CYS E 101 43.59 -21.92 -0.11
C CYS E 101 44.91 -22.55 0.35
N THR E 102 45.58 -21.87 1.26
CA THR E 102 46.85 -22.34 1.80
C THR E 102 46.65 -23.49 2.77
N ILE E 129 41.52 -21.02 10.36
CA ILE E 129 41.54 -19.87 9.46
C ILE E 129 42.47 -20.16 8.27
N LYS E 130 42.01 -19.81 7.07
CA LYS E 130 42.72 -20.12 5.84
C LYS E 130 42.93 -18.85 5.03
N ASN E 131 43.98 -18.86 4.21
CA ASN E 131 44.26 -17.79 3.26
C ASN E 131 43.96 -18.32 1.86
N CYS E 132 42.86 -17.83 1.27
CA CYS E 132 42.37 -18.35 0.01
C CYS E 132 42.54 -17.32 -1.09
N SER E 133 42.57 -17.80 -2.33
CA SER E 133 42.66 -16.95 -3.52
C SER E 133 41.66 -17.42 -4.56
N PHE E 134 41.23 -16.51 -5.42
CA PHE E 134 40.19 -16.80 -6.40
C PHE E 134 40.34 -15.85 -7.58
N ASN E 135 39.57 -16.11 -8.62
CA ASN E 135 39.54 -15.27 -9.82
C ASN E 135 38.15 -14.72 -10.05
N ILE E 136 38.07 -13.40 -10.18
CA ILE E 136 36.82 -12.69 -10.45
C ILE E 136 37.07 -11.73 -11.61
N THR E 137 35.99 -11.13 -12.09
CA THR E 137 36.07 -10.12 -13.13
C THR E 137 36.36 -8.74 -12.52
N THR E 138 36.83 -7.83 -13.35
CA THR E 138 37.07 -6.47 -12.92
C THR E 138 35.77 -5.67 -12.95
N VAL E 139 35.89 -4.35 -12.72
CA VAL E 139 34.76 -3.46 -12.96
C VAL E 139 34.43 -3.43 -14.45
N ILE E 140 35.43 -3.55 -15.31
CA ILE E 140 35.24 -3.80 -16.73
C ILE E 140 34.88 -5.26 -16.89
N LYS E 141 33.85 -5.55 -17.69
CA LYS E 141 33.40 -6.93 -17.86
C LYS E 141 34.35 -7.75 -18.72
N ASP E 142 35.24 -7.10 -19.48
CA ASP E 142 36.07 -7.82 -20.45
C ASP E 142 37.18 -8.59 -19.74
N LYS E 143 37.86 -7.96 -18.79
CA LYS E 143 39.08 -8.50 -18.21
C LYS E 143 38.82 -9.04 -16.80
N ILE E 144 39.73 -9.89 -16.34
CA ILE E 144 39.65 -10.53 -15.03
C ILE E 144 40.96 -10.24 -14.29
N GLN E 145 40.92 -10.45 -12.97
CA GLN E 145 42.12 -10.30 -12.16
C GLN E 145 42.05 -11.25 -10.97
N LYS E 146 43.19 -11.42 -10.32
CA LYS E 146 43.34 -12.35 -9.20
C LYS E 146 43.37 -11.59 -7.88
N ASN E 147 42.59 -12.06 -6.92
CA ASN E 147 42.57 -11.48 -5.59
C ASN E 147 42.73 -12.59 -4.56
N TYR E 148 42.81 -12.18 -3.29
CA TYR E 148 42.96 -13.11 -2.19
C TYR E 148 42.19 -12.57 -0.99
N ALA E 149 41.77 -13.48 -0.12
CA ALA E 149 41.02 -13.10 1.06
C ALA E 149 41.21 -14.16 2.14
N LEU E 150 41.02 -13.74 3.39
CA LEU E 150 41.12 -14.63 4.53
C LEU E 150 39.72 -15.08 4.94
N PHE E 151 39.49 -16.39 4.90
CA PHE E 151 38.23 -16.99 5.32
C PHE E 151 38.45 -17.87 6.53
N ASN E 152 37.45 -17.93 7.41
CA ASN E 152 37.50 -18.86 8.52
C ASN E 152 37.22 -20.28 8.04
N ARG E 153 37.48 -21.25 8.92
CA ARG E 153 37.37 -22.65 8.54
C ARG E 153 35.90 -23.07 8.37
N LEU E 154 35.00 -22.49 9.14
CA LEU E 154 33.60 -22.91 9.10
C LEU E 154 32.85 -22.39 7.87
N ASP E 155 33.44 -21.49 7.09
CA ASP E 155 32.78 -20.94 5.91
C ASP E 155 33.14 -21.64 4.62
N ILE E 156 34.03 -22.64 4.66
CA ILE E 156 34.48 -23.31 3.44
C ILE E 156 34.39 -24.83 3.63
N VAL E 157 34.23 -25.53 2.51
CA VAL E 157 34.20 -27.00 2.51
C VAL E 157 35.15 -27.52 1.46
N PRO E 158 35.76 -28.68 1.72
CA PRO E 158 36.57 -29.35 0.69
C PRO E 158 35.69 -30.18 -0.25
N TYR E 172 38.45 -26.19 -2.51
CA TYR E 172 37.69 -25.47 -1.49
C TYR E 172 36.65 -24.55 -2.11
N ARG E 173 35.40 -24.71 -1.69
CA ARG E 173 34.30 -23.85 -2.12
C ARG E 173 33.56 -23.35 -0.89
N LEU E 174 32.67 -22.38 -1.10
CA LEU E 174 31.99 -21.73 0.01
C LEU E 174 30.92 -22.64 0.62
N ILE E 175 30.44 -22.25 1.80
CA ILE E 175 29.61 -23.12 2.63
C ILE E 175 28.23 -23.30 2.03
N SER E 176 27.69 -22.28 1.36
CA SER E 176 26.29 -22.29 0.96
C SER E 176 26.07 -21.90 -0.49
N CYS E 177 27.07 -22.03 -1.35
CA CYS E 177 26.83 -21.85 -2.78
C CYS E 177 26.06 -23.02 -3.37
N ASN E 178 26.20 -24.21 -2.81
CA ASN E 178 25.57 -25.40 -3.39
C ASN E 178 24.06 -25.41 -3.17
N THR E 179 23.55 -24.69 -2.18
CA THR E 179 22.14 -24.82 -1.83
C THR E 179 21.44 -23.46 -1.72
N SER E 180 22.17 -22.43 -1.31
CA SER E 180 21.57 -21.17 -0.88
C SER E 180 22.04 -20.02 -1.74
N VAL E 181 21.36 -18.89 -1.61
CA VAL E 181 21.72 -17.66 -2.30
C VAL E 181 22.33 -16.70 -1.28
N ILE E 182 23.62 -16.43 -1.43
CA ILE E 182 24.35 -15.60 -0.47
C ILE E 182 24.14 -14.14 -0.81
N THR E 183 23.60 -13.39 0.15
CA THR E 183 23.42 -11.95 0.00
C THR E 183 24.24 -11.25 1.07
N GLN E 184 25.03 -10.27 0.67
CA GLN E 184 25.85 -9.52 1.61
C GLN E 184 24.96 -8.64 2.47
N ALA E 185 25.22 -8.60 3.77
CA ALA E 185 24.56 -7.62 4.62
C ALA E 185 25.04 -6.22 4.24
N CYS E 186 24.10 -5.28 4.20
CA CYS E 186 24.40 -3.94 3.69
C CYS E 186 25.34 -3.22 4.66
N PRO E 187 26.38 -2.53 4.15
CA PRO E 187 27.36 -1.91 5.06
C PRO E 187 26.81 -0.79 5.93
N LYS E 188 25.68 -0.20 5.56
CA LYS E 188 25.11 0.88 6.35
C LYS E 188 24.43 0.39 7.62
N ILE E 189 23.83 -0.80 7.59
CA ILE E 189 23.05 -1.29 8.73
C ILE E 189 23.98 -1.95 9.74
N SER E 190 23.46 -2.09 10.97
CA SER E 190 24.21 -2.69 12.06
C SER E 190 23.31 -3.67 12.80
N PHE E 191 23.94 -4.64 13.44
CA PHE E 191 23.23 -5.72 14.12
C PHE E 191 23.02 -5.44 15.61
N GLU E 192 23.23 -4.21 16.06
CA GLU E 192 23.08 -3.88 17.47
C GLU E 192 21.60 -3.86 17.85
N PRO E 193 21.16 -4.64 18.82
CA PRO E 193 19.74 -4.65 19.18
C PRO E 193 19.34 -3.41 19.96
N ILE E 194 18.10 -2.99 19.74
CA ILE E 194 17.50 -1.85 20.44
C ILE E 194 16.20 -2.34 21.08
N PRO E 195 15.77 -1.70 22.18
CA PRO E 195 14.50 -2.10 22.79
C PRO E 195 13.31 -1.85 21.88
N ILE E 196 12.35 -2.77 21.93
CA ILE E 196 11.16 -2.74 21.09
C ILE E 196 9.95 -2.90 21.99
N HIS E 197 9.01 -1.96 21.92
CA HIS E 197 7.78 -2.01 22.68
C HIS E 197 6.63 -2.35 21.74
N TYR E 198 5.82 -3.32 22.13
CA TYR E 198 4.62 -3.70 21.39
C TYR E 198 3.41 -3.04 22.02
N CYS E 199 2.68 -2.26 21.24
CA CYS E 199 1.51 -1.54 21.72
C CYS E 199 0.27 -2.06 21.01
N ALA E 200 -0.79 -2.26 21.78
CA ALA E 200 -2.06 -2.71 21.23
C ALA E 200 -2.73 -1.58 20.44
N PRO E 201 -3.43 -1.89 19.36
CA PRO E 201 -4.16 -0.84 18.62
C PRO E 201 -5.40 -0.39 19.37
N ALA E 202 -6.11 0.55 18.76
CA ALA E 202 -7.30 1.11 19.38
C ALA E 202 -8.43 0.09 19.43
N GLY E 203 -9.08 -0.01 20.59
CA GLY E 203 -10.10 -0.99 20.82
C GLY E 203 -9.62 -2.26 21.51
N PHE E 204 -8.31 -2.45 21.63
CA PHE E 204 -7.72 -3.61 22.29
C PHE E 204 -6.91 -3.13 23.49
N ALA E 205 -6.57 -4.08 24.36
CA ALA E 205 -5.78 -3.77 25.54
C ALA E 205 -4.85 -4.94 25.82
N ILE E 206 -3.75 -4.66 26.50
CA ILE E 206 -2.76 -5.67 26.87
C ILE E 206 -2.79 -5.84 28.38
N LEU E 207 -3.04 -7.07 28.83
CA LEU E 207 -3.06 -7.38 30.25
C LEU E 207 -1.72 -7.96 30.69
N LYS E 208 -1.31 -7.61 31.90
CA LYS E 208 -0.04 -8.05 32.47
C LYS E 208 -0.28 -8.68 33.82
N CYS E 209 0.28 -9.87 34.03
CA CYS E 209 0.17 -10.59 35.29
C CYS E 209 1.36 -10.24 36.17
N ASN E 210 1.07 -9.69 37.35
CA ASN E 210 2.11 -9.23 38.26
C ASN E 210 2.42 -10.22 39.38
N ASP E 211 1.95 -11.46 39.26
CA ASP E 211 2.19 -12.45 40.30
C ASP E 211 3.63 -12.94 40.24
N LYS E 212 4.30 -12.96 41.40
CA LYS E 212 5.70 -13.36 41.46
C LYS E 212 5.88 -14.87 41.38
N LYS E 213 4.83 -15.64 41.64
CA LYS E 213 4.90 -17.10 41.63
C LYS E 213 4.28 -17.71 40.38
N PHE E 214 4.18 -16.92 39.30
CA PHE E 214 3.51 -17.38 38.09
C PHE E 214 4.36 -18.42 37.36
N ASN E 215 3.75 -19.57 37.07
CA ASN E 215 4.47 -20.72 36.53
C ASN E 215 4.26 -20.90 35.03
N GLY E 216 3.66 -19.92 34.35
CA GLY E 216 3.50 -19.98 32.92
C GLY E 216 2.09 -20.23 32.43
N THR E 217 1.27 -20.97 33.18
CA THR E 217 -0.12 -21.16 32.78
C THR E 217 -0.96 -21.33 34.04
N GLY E 218 -2.18 -20.78 34.02
CA GLY E 218 -3.04 -20.82 35.17
C GLY E 218 -3.62 -19.47 35.51
N PRO E 219 -4.42 -19.40 36.56
CA PRO E 219 -5.04 -18.13 36.94
C PRO E 219 -4.04 -17.19 37.60
N CYS E 220 -4.22 -15.90 37.33
CA CYS E 220 -3.40 -14.85 37.92
C CYS E 220 -4.26 -13.98 38.84
N THR E 221 -3.74 -13.71 40.03
CA THR E 221 -4.46 -12.92 41.02
C THR E 221 -4.31 -11.42 40.82
N ASN E 222 -3.11 -10.97 40.46
CA ASN E 222 -2.80 -9.55 40.31
C ASN E 222 -2.65 -9.24 38.82
N VAL E 223 -3.75 -8.86 38.18
CA VAL E 223 -3.76 -8.56 36.76
C VAL E 223 -3.79 -7.04 36.59
N SER E 224 -2.96 -6.52 35.68
CA SER E 224 -2.93 -5.09 35.43
C SER E 224 -2.92 -4.83 33.93
N THR E 225 -3.43 -3.66 33.55
CA THR E 225 -3.51 -3.25 32.15
C THR E 225 -2.42 -2.24 31.85
N VAL E 226 -1.69 -2.47 30.76
CA VAL E 226 -0.61 -1.58 30.35
C VAL E 226 -0.83 -1.19 28.90
N GLN E 227 -0.37 0.02 28.54
CA GLN E 227 -0.51 0.48 27.16
C GLN E 227 0.43 -0.27 26.23
N CYS E 228 1.71 -0.38 26.60
CA CYS E 228 2.70 -1.06 25.78
C CYS E 228 3.56 -1.94 26.67
N THR E 229 4.18 -2.94 26.06
CA THR E 229 5.05 -3.84 26.79
C THR E 229 6.38 -3.14 27.14
N HIS E 230 7.14 -3.78 28.01
CA HIS E 230 8.46 -3.27 28.36
C HIS E 230 9.43 -3.47 27.21
N GLY E 231 10.58 -2.80 27.31
CA GLY E 231 11.59 -2.84 26.27
C GLY E 231 12.24 -4.20 26.10
N ILE E 232 11.92 -4.88 25.00
CA ILE E 232 12.44 -6.21 24.71
C ILE E 232 13.49 -6.08 23.60
N LYS E 233 14.69 -6.56 23.87
CA LYS E 233 15.76 -6.52 22.90
C LYS E 233 15.78 -7.81 22.09
N PRO E 234 15.63 -7.76 20.77
CA PRO E 234 15.64 -9.01 19.96
C PRO E 234 17.05 -9.57 19.78
N VAL E 235 17.60 -10.12 20.87
CA VAL E 235 18.94 -10.68 20.84
C VAL E 235 18.91 -12.03 20.15
N VAL E 236 20.07 -12.50 19.72
CA VAL E 236 20.20 -13.81 19.08
C VAL E 236 21.03 -14.69 20.00
N SER E 237 20.44 -15.82 20.42
CA SER E 237 21.12 -16.74 21.31
C SER E 237 20.53 -18.12 21.09
N THR E 238 21.29 -19.14 21.48
CA THR E 238 20.80 -20.50 21.30
C THR E 238 20.69 -21.23 22.63
N GLN E 239 21.75 -21.22 23.43
CA GLN E 239 21.76 -22.02 24.66
C GLN E 239 21.63 -21.18 25.91
N LEU E 240 22.28 -20.02 25.96
CA LEU E 240 22.23 -19.14 27.11
C LEU E 240 21.51 -17.85 26.72
N LEU E 241 20.44 -17.52 27.44
CA LEU E 241 19.68 -16.31 27.19
C LEU E 241 20.50 -15.12 27.67
N LEU E 242 20.76 -14.18 26.77
CA LEU E 242 21.58 -13.02 27.08
C LEU E 242 20.72 -11.78 27.16
N ASN E 243 20.98 -10.96 28.20
CA ASN E 243 20.37 -9.65 28.42
C ASN E 243 18.85 -9.73 28.55
N GLY E 244 18.36 -10.80 29.16
CA GLY E 244 16.94 -10.99 29.37
C GLY E 244 16.46 -10.36 30.68
N SER E 245 15.20 -10.62 30.99
CA SER E 245 14.58 -10.11 32.21
C SER E 245 14.80 -11.11 33.35
N LEU E 246 15.40 -10.63 34.43
CA LEU E 246 15.67 -11.48 35.58
C LEU E 246 14.39 -11.76 36.35
N ALA E 247 14.42 -12.86 37.11
CA ALA E 247 13.30 -13.20 37.96
C ALA E 247 13.27 -12.29 39.19
N GLU E 248 12.11 -12.26 39.86
CA GLU E 248 11.88 -11.28 40.92
C GLU E 248 12.63 -11.66 42.20
N GLU E 249 12.52 -12.91 42.64
CA GLU E 249 13.08 -13.28 43.94
C GLU E 249 13.86 -14.58 43.95
N GLU E 250 13.66 -15.50 43.01
CA GLU E 250 14.23 -16.83 43.08
C GLU E 250 14.30 -17.37 41.65
N VAL E 251 15.23 -18.30 41.41
CA VAL E 251 15.32 -18.99 40.13
C VAL E 251 14.02 -19.75 39.87
N VAL E 252 13.39 -19.47 38.72
CA VAL E 252 12.10 -20.03 38.38
C VAL E 252 12.22 -20.87 37.12
N ILE E 253 11.75 -22.11 37.22
CA ILE E 253 11.61 -23.02 36.08
C ILE E 253 10.14 -23.06 35.65
N ARG E 254 9.91 -23.07 34.35
CA ARG E 254 8.55 -23.19 33.82
C ARG E 254 8.61 -23.93 32.49
N SER E 255 7.63 -24.80 32.25
CA SER E 255 7.56 -25.59 31.04
C SER E 255 6.11 -25.97 30.78
N GLU E 256 5.85 -26.44 29.57
CA GLU E 256 4.50 -26.84 29.20
C GLU E 256 4.10 -28.15 29.86
N ASN E 257 5.00 -29.13 29.85
CA ASN E 257 4.72 -30.46 30.38
C ASN E 257 6.04 -31.06 30.84
N PHE E 258 6.23 -31.16 32.15
CA PHE E 258 7.48 -31.68 32.69
C PHE E 258 7.63 -33.17 32.43
N THR E 259 6.51 -33.90 32.37
CA THR E 259 6.57 -35.34 32.14
C THR E 259 6.77 -35.68 30.67
N ASP E 260 6.70 -34.71 29.78
CA ASP E 260 6.89 -34.95 28.35
C ASP E 260 8.34 -34.67 27.98
N ASN E 261 8.95 -35.61 27.26
CA ASN E 261 10.34 -35.45 26.86
C ASN E 261 10.51 -34.44 25.73
N VAL E 262 9.49 -34.29 24.89
CA VAL E 262 9.61 -33.44 23.70
C VAL E 262 9.64 -31.96 24.08
N LYS E 263 8.83 -31.57 25.07
CA LYS E 263 8.67 -30.17 25.41
C LYS E 263 9.92 -29.60 26.07
N THR E 264 10.30 -28.39 25.66
CA THR E 264 11.51 -27.77 26.16
C THR E 264 11.29 -27.23 27.58
N ILE E 265 12.39 -26.80 28.19
CA ILE E 265 12.40 -26.30 29.56
C ILE E 265 13.07 -24.94 29.56
N ILE E 266 12.40 -23.93 30.10
CA ILE E 266 12.93 -22.59 30.23
C ILE E 266 13.28 -22.34 31.68
N VAL E 267 14.53 -21.93 31.92
CA VAL E 267 15.02 -21.63 33.26
C VAL E 267 15.33 -20.15 33.32
N GLN E 268 14.83 -19.46 34.34
CA GLN E 268 15.09 -18.05 34.55
C GLN E 268 15.85 -17.87 35.85
N LEU E 269 16.83 -16.97 35.85
CA LEU E 269 17.71 -16.78 36.99
C LEU E 269 17.39 -15.48 37.72
N ASN E 270 17.55 -15.48 39.04
CA ASN E 270 17.28 -14.28 39.83
C ASN E 270 18.49 -13.37 39.97
N GLU E 271 19.71 -13.90 39.79
CA GLU E 271 20.90 -13.08 39.71
C GLU E 271 21.69 -13.48 38.46
N SER E 272 22.25 -12.49 37.77
CA SER E 272 22.85 -12.74 36.48
C SER E 272 24.30 -13.19 36.63
N VAL E 273 24.82 -13.82 35.58
CA VAL E 273 26.21 -14.24 35.49
C VAL E 273 26.86 -13.45 34.37
N ILE E 274 28.00 -12.83 34.67
CA ILE E 274 28.67 -11.97 33.70
C ILE E 274 29.58 -12.83 32.82
N ILE E 275 29.43 -12.68 31.50
CA ILE E 275 30.25 -13.39 30.53
C ILE E 275 30.99 -12.35 29.67
N ASN E 276 32.29 -12.56 29.51
CA ASN E 276 33.14 -11.66 28.75
C ASN E 276 33.73 -12.40 27.56
N CYS E 277 33.59 -11.82 26.37
CA CYS E 277 34.05 -12.46 25.14
C CYS E 277 34.89 -11.45 24.36
N THR E 278 35.88 -11.97 23.64
CA THR E 278 36.82 -11.11 22.94
C THR E 278 37.33 -11.79 21.68
N ARG E 279 37.83 -10.97 20.76
CA ARG E 279 38.44 -11.43 19.51
C ARG E 279 39.82 -10.76 19.42
N PRO E 280 40.88 -11.46 19.82
CA PRO E 280 42.19 -10.79 19.95
C PRO E 280 42.92 -10.54 18.63
N ASN E 281 42.42 -11.05 17.51
CA ASN E 281 43.09 -10.82 16.23
C ASN E 281 42.84 -9.40 15.74
N ASN E 282 43.86 -8.81 15.10
CA ASN E 282 43.76 -7.46 14.55
C ASN E 282 43.52 -7.57 13.04
N ASN E 283 42.26 -7.74 12.67
CA ASN E 283 41.92 -7.87 11.27
C ASN E 283 41.88 -6.51 10.57
N THR E 284 42.03 -6.54 9.26
CA THR E 284 42.02 -5.34 8.42
C THR E 284 41.05 -5.56 7.27
N ARG E 285 40.19 -4.57 7.03
CA ARG E 285 39.16 -4.68 6.01
C ARG E 285 39.73 -4.37 4.62
N LYS E 286 39.29 -5.13 3.63
CA LYS E 286 39.70 -4.95 2.24
C LYS E 286 38.47 -4.92 1.35
N SER E 287 38.53 -4.13 0.29
CA SER E 287 37.42 -3.94 -0.63
C SER E 287 37.68 -4.65 -1.95
N ILE E 288 36.65 -5.31 -2.46
CA ILE E 288 36.74 -6.11 -3.68
C ILE E 288 35.50 -5.84 -4.53
N THR E 289 35.69 -5.56 -5.82
CA THR E 289 34.60 -5.24 -6.73
C THR E 289 34.51 -6.26 -7.86
N PHE E 290 33.29 -6.53 -8.31
CA PHE E 290 33.05 -7.43 -9.43
C PHE E 290 32.53 -6.73 -10.67
N GLY E 291 32.09 -5.49 -10.54
CA GLY E 291 31.49 -4.79 -11.65
C GLY E 291 30.93 -3.44 -11.24
N PRO E 292 29.96 -2.94 -11.99
CA PRO E 292 29.42 -1.61 -11.71
C PRO E 292 28.55 -1.56 -10.45
N GLY E 293 29.08 -0.95 -9.39
CA GLY E 293 28.32 -0.68 -8.20
C GLY E 293 28.16 -1.85 -7.25
N ARG E 294 28.84 -2.96 -7.48
CA ARG E 294 28.72 -4.15 -6.64
C ARG E 294 30.05 -4.37 -5.92
N ALA E 295 30.13 -3.91 -4.68
CA ALA E 295 31.33 -4.03 -3.86
C ALA E 295 31.18 -5.19 -2.88
N PHE E 296 32.29 -5.47 -2.18
CA PHE E 296 32.37 -6.66 -1.33
C PHE E 296 33.54 -6.46 -0.37
N TYR E 297 33.28 -6.66 0.92
CA TYR E 297 34.26 -6.40 1.97
C TYR E 297 34.66 -7.70 2.65
N THR E 298 35.95 -7.86 2.90
CA THR E 298 36.49 -9.06 3.52
C THR E 298 37.80 -8.71 4.21
N THR E 299 38.26 -9.62 5.06
CA THR E 299 39.52 -9.42 5.76
C THR E 299 40.71 -9.54 4.81
N GLY E 300 41.62 -8.60 4.89
CA GLY E 300 42.80 -8.61 4.05
C GLY E 300 43.98 -9.31 4.68
N ASP E 301 44.36 -8.88 5.88
CA ASP E 301 45.47 -9.51 6.59
C ASP E 301 45.30 -9.24 8.08
N ILE E 302 46.06 -9.99 8.88
CA ILE E 302 46.04 -9.89 10.34
C ILE E 302 47.38 -9.33 10.79
N ILE E 303 47.34 -8.23 11.55
CA ILE E 303 48.53 -7.58 12.06
C ILE E 303 48.84 -8.14 13.44
N GLY E 304 50.04 -8.68 13.62
CA GLY E 304 50.43 -9.25 14.88
C GLY E 304 50.23 -10.76 14.93
N ASP E 305 50.52 -11.31 16.10
CA ASP E 305 50.37 -12.74 16.32
C ASP E 305 48.89 -13.11 16.43
N ILE E 306 48.54 -14.28 15.91
CA ILE E 306 47.16 -14.74 15.90
C ILE E 306 46.86 -15.50 17.18
N ARG E 307 45.61 -15.44 17.61
CA ARG E 307 45.16 -16.12 18.82
C ARG E 307 43.67 -16.38 18.69
N LYS E 308 43.21 -17.49 19.26
CA LYS E 308 41.82 -17.90 19.12
C LYS E 308 40.90 -17.00 19.96
N ALA E 309 39.63 -16.96 19.57
CA ALA E 309 38.62 -16.25 20.32
C ALA E 309 38.05 -17.13 21.42
N TYR E 310 37.66 -16.52 22.52
CA TYR E 310 37.27 -17.26 23.70
C TYR E 310 36.33 -16.42 24.54
N CYS E 311 35.66 -17.08 25.49
CA CYS E 311 34.76 -16.41 26.42
C CYS E 311 35.09 -16.82 27.85
N ASN E 312 34.96 -15.86 28.78
CA ASN E 312 35.33 -16.04 30.17
C ASN E 312 34.09 -15.99 31.05
N ILE E 313 34.00 -16.92 32.00
CA ILE E 313 32.89 -17.02 32.94
C ILE E 313 33.46 -17.35 34.32
N SER E 314 32.97 -16.67 35.35
CA SER E 314 33.38 -16.97 36.71
C SER E 314 32.88 -18.36 37.10
N SER E 315 33.79 -19.19 37.63
CA SER E 315 33.47 -20.60 37.85
C SER E 315 32.60 -20.80 39.08
N THR E 316 32.86 -20.05 40.16
CA THR E 316 32.13 -20.25 41.40
C THR E 316 30.69 -19.76 41.28
N GLN E 317 30.49 -18.63 40.59
CA GLN E 317 29.16 -18.10 40.36
C GLN E 317 28.32 -19.04 39.51
N TRP E 318 28.93 -19.62 38.47
CA TRP E 318 28.25 -20.59 37.65
C TRP E 318 27.96 -21.87 38.41
N ASN E 319 28.86 -22.28 39.32
CA ASN E 319 28.63 -23.47 40.13
C ASN E 319 27.47 -23.27 41.09
N ASN E 320 27.37 -22.08 41.71
CA ASN E 320 26.25 -21.78 42.58
C ASN E 320 24.94 -21.68 41.80
N THR E 321 25.00 -21.14 40.57
CA THR E 321 23.83 -21.09 39.70
C THR E 321 23.35 -22.49 39.34
N LEU E 322 24.28 -23.40 39.02
CA LEU E 322 23.90 -24.78 38.73
C LEU E 322 23.37 -25.49 39.97
N ARG E 323 23.87 -25.12 41.16
CA ARG E 323 23.35 -25.73 42.39
C ARG E 323 21.91 -25.31 42.65
N GLN E 324 21.61 -24.02 42.46
CA GLN E 324 20.23 -23.54 42.62
C GLN E 324 19.31 -24.14 41.56
N ILE E 325 19.80 -24.24 40.32
CA ILE E 325 19.04 -24.85 39.24
C ILE E 325 18.75 -26.32 39.53
N ALA E 326 19.76 -27.04 40.04
CA ALA E 326 19.57 -28.44 40.39
C ALA E 326 18.61 -28.62 41.55
N ARG E 327 18.61 -27.66 42.49
CA ARG E 327 17.65 -27.71 43.60
C ARG E 327 16.22 -27.53 43.09
N ARG E 328 16.01 -26.59 42.18
CA ARG E 328 14.65 -26.36 41.68
C ARG E 328 14.20 -27.49 40.74
N LEU E 329 15.13 -28.08 39.98
CA LEU E 329 14.79 -29.27 39.20
C LEU E 329 14.49 -30.47 40.09
N ARG E 330 15.13 -30.55 41.26
CA ARG E 330 14.77 -31.62 42.21
C ARG E 330 13.40 -31.36 42.84
N GLU E 331 13.04 -30.09 43.03
CA GLU E 331 11.70 -29.80 43.53
C GLU E 331 10.62 -30.14 42.51
N GLN E 332 10.82 -29.77 41.24
CA GLN E 332 9.78 -30.01 40.24
C GLN E 332 9.68 -31.48 39.87
N PHE E 333 10.81 -32.16 39.69
CA PHE E 333 10.80 -33.60 39.46
C PHE E 333 10.76 -34.33 40.81
N LYS E 334 11.02 -35.63 40.77
CA LYS E 334 11.13 -36.39 42.00
C LYS E 334 12.52 -36.22 42.61
N ASP E 335 12.62 -36.57 43.89
CA ASP E 335 13.85 -36.42 44.65
C ASP E 335 14.89 -37.43 44.21
N LYS E 336 15.69 -37.09 43.20
CA LYS E 336 16.66 -38.01 42.63
C LYS E 336 17.84 -37.23 42.06
N THR E 337 18.73 -37.97 41.41
CA THR E 337 19.99 -37.38 40.93
C THR E 337 19.76 -36.62 39.63
N ILE E 338 20.12 -35.34 39.64
CA ILE E 338 20.04 -34.49 38.45
C ILE E 338 21.45 -34.33 37.90
N VAL E 339 21.63 -34.65 36.61
CA VAL E 339 22.93 -34.58 35.96
C VAL E 339 22.79 -33.80 34.66
N PHE E 340 23.75 -32.91 34.39
CA PHE E 340 23.78 -32.11 33.17
C PHE E 340 24.83 -32.68 32.23
N ASN E 341 24.47 -32.77 30.95
CA ASN E 341 25.35 -33.32 29.94
C ASN E 341 25.47 -32.33 28.78
N SER E 342 26.48 -32.56 27.95
CA SER E 342 26.72 -31.69 26.80
C SER E 342 25.68 -31.94 25.71
N SER E 343 25.54 -30.95 24.82
CA SER E 343 24.58 -31.03 23.73
C SER E 343 25.06 -31.99 22.65
N ASP E 347 26.56 -30.32 14.02
CA ASP E 347 26.03 -29.05 13.53
C ASP E 347 26.38 -27.92 14.49
N PRO E 348 27.22 -26.98 14.03
CA PRO E 348 27.60 -25.84 14.90
C PRO E 348 26.45 -24.90 15.22
N GLU E 349 25.33 -24.94 14.48
CA GLU E 349 24.22 -24.04 14.74
C GLU E 349 23.51 -24.37 16.05
N ILE E 350 23.40 -25.65 16.39
CA ILE E 350 22.56 -26.05 17.53
C ILE E 350 23.40 -26.63 18.67
N VAL E 351 24.60 -27.13 18.36
CA VAL E 351 25.43 -27.71 19.41
C VAL E 351 26.13 -26.62 20.21
N MET E 352 26.70 -25.63 19.53
CA MET E 352 27.48 -24.58 20.19
C MET E 352 26.61 -23.36 20.47
N HIS E 353 27.12 -22.51 21.36
CA HIS E 353 26.47 -21.25 21.73
C HIS E 353 26.62 -20.26 20.57
N SER E 354 25.53 -20.05 19.84
CA SER E 354 25.54 -19.11 18.72
C SER E 354 24.97 -17.77 19.18
N PHE E 355 25.80 -16.74 19.15
CA PHE E 355 25.36 -15.40 19.55
C PHE E 355 26.22 -14.36 18.86
N ASN E 356 25.83 -13.11 19.02
CA ASN E 356 26.50 -11.98 18.39
C ASN E 356 27.25 -11.18 19.44
N CYS E 357 28.47 -10.78 19.11
CA CYS E 357 29.31 -10.02 20.04
C CYS E 357 30.11 -9.00 19.23
N GLY E 358 29.64 -7.76 19.23
CA GLY E 358 30.37 -6.69 18.58
C GLY E 358 30.32 -6.70 17.07
N GLY E 359 29.36 -7.40 16.48
CA GLY E 359 29.21 -7.45 15.04
C GLY E 359 29.64 -8.75 14.39
N GLU E 360 30.35 -9.61 15.11
CA GLU E 360 30.78 -10.90 14.59
C GLU E 360 30.04 -12.02 15.32
N PHE E 361 29.59 -13.01 14.56
CA PHE E 361 28.73 -14.07 15.09
C PHE E 361 29.61 -15.15 15.70
N PHE E 362 29.66 -15.19 17.02
CA PHE E 362 30.49 -16.16 17.73
C PHE E 362 29.78 -17.50 17.82
N TYR E 363 30.58 -18.58 17.85
CA TYR E 363 30.06 -19.93 18.02
C TYR E 363 30.95 -20.60 19.06
N CYS E 364 30.48 -20.66 20.30
CA CYS E 364 31.30 -21.08 21.42
C CYS E 364 30.91 -22.47 21.93
N ASN E 365 31.92 -23.31 22.14
CA ASN E 365 31.73 -24.65 22.68
C ASN E 365 31.38 -24.53 24.15
N THR E 366 30.27 -25.15 24.55
CA THR E 366 29.79 -25.06 25.92
C THR E 366 29.77 -26.41 26.64
N THR E 367 30.76 -27.27 26.39
CA THR E 367 30.76 -28.56 27.07
C THR E 367 31.38 -28.48 28.46
N GLN E 368 32.04 -27.36 28.78
CA GLN E 368 32.62 -27.21 30.11
C GLN E 368 31.57 -26.81 31.13
N LEU E 369 30.57 -26.02 30.72
CA LEU E 369 29.56 -25.55 31.65
C LEU E 369 28.60 -26.67 32.04
N PHE E 370 28.11 -27.43 31.07
CA PHE E 370 27.10 -28.45 31.32
C PHE E 370 27.73 -29.82 31.51
N ASN E 371 28.64 -29.90 32.48
CA ASN E 371 29.30 -31.15 32.85
C ASN E 371 29.50 -31.12 34.36
N SER E 372 28.50 -31.66 35.08
CA SER E 372 28.48 -31.69 36.55
C SER E 372 27.38 -32.65 36.95
N THR E 373 27.12 -32.71 38.26
CA THR E 373 26.03 -33.52 38.78
C THR E 373 25.07 -32.66 39.61
N THR E 390 38.31 -18.36 40.45
CA THR E 390 38.98 -18.54 39.17
C THR E 390 37.98 -18.51 38.03
N TYR E 391 38.49 -18.31 36.81
CA TYR E 391 37.64 -18.24 35.63
C TYR E 391 37.66 -19.57 34.87
N ILE E 392 36.70 -19.72 33.98
CA ILE E 392 36.65 -20.86 33.06
C ILE E 392 36.60 -20.29 31.64
N THR E 393 37.27 -20.97 30.71
CA THR E 393 37.46 -20.47 29.36
C THR E 393 36.84 -21.43 28.35
N LEU E 394 35.98 -20.89 27.47
CA LEU E 394 35.33 -21.67 26.43
C LEU E 394 35.88 -21.26 25.06
N PRO E 395 36.38 -22.19 24.27
CA PRO E 395 36.85 -21.83 22.92
C PRO E 395 35.70 -21.52 21.99
N CYS E 396 35.93 -20.56 21.08
CA CYS E 396 34.90 -20.07 20.19
C CYS E 396 35.40 -20.02 18.77
N ARG E 397 34.51 -20.28 17.83
CA ARG E 397 34.79 -20.11 16.40
C ARG E 397 33.94 -18.96 15.85
N ILE E 398 34.32 -18.48 14.66
CA ILE E 398 33.66 -17.34 14.04
C ILE E 398 33.15 -17.77 12.67
N LYS E 399 31.89 -17.45 12.38
CA LYS E 399 31.30 -17.67 11.08
C LYS E 399 30.99 -16.34 10.42
N GLN E 400 31.31 -16.22 9.14
CA GLN E 400 30.92 -15.05 8.38
C GLN E 400 29.61 -15.25 7.64
N ILE E 401 29.26 -16.47 7.29
CA ILE E 401 28.03 -16.78 6.56
C ILE E 401 27.09 -17.52 7.50
N ILE E 402 25.94 -16.93 7.79
CA ILE E 402 24.93 -17.55 8.63
C ILE E 402 23.60 -17.58 7.89
N ASN E 403 22.67 -18.37 8.42
CA ASN E 403 21.31 -18.46 7.93
C ASN E 403 20.30 -18.57 9.08
N MET E 404 19.74 -17.42 9.46
CA MET E 404 18.80 -17.36 10.57
C MET E 404 17.48 -18.03 10.17
N TRP E 405 16.95 -18.84 11.10
CA TRP E 405 15.74 -19.67 10.99
C TRP E 405 15.88 -20.80 9.96
N GLN E 406 17.08 -20.99 9.38
CA GLN E 406 17.37 -21.98 8.35
C GLN E 406 16.40 -21.87 7.17
N GLU E 407 16.38 -20.70 6.55
CA GLU E 407 15.52 -20.46 5.40
C GLU E 407 15.99 -21.28 4.20
N VAL E 408 15.03 -21.67 3.36
CA VAL E 408 15.33 -22.50 2.20
C VAL E 408 15.90 -21.63 1.10
N GLY E 409 17.20 -21.78 0.85
CA GLY E 409 17.84 -21.13 -0.27
C GLY E 409 18.26 -19.70 -0.05
N LYS E 410 18.13 -19.15 1.16
CA LYS E 410 18.52 -17.78 1.43
C LYS E 410 19.41 -17.72 2.66
N ALA E 411 20.56 -17.05 2.54
CA ALA E 411 21.52 -16.94 3.62
C ALA E 411 21.98 -15.49 3.72
N MET E 412 23.04 -15.26 4.49
CA MET E 412 23.55 -13.92 4.74
C MET E 412 25.05 -13.96 4.93
N TYR E 413 25.75 -13.01 4.32
CA TYR E 413 27.18 -12.80 4.54
C TYR E 413 27.35 -11.56 5.40
N ALA E 414 27.82 -11.75 6.63
CA ALA E 414 28.07 -10.63 7.53
C ALA E 414 29.46 -10.06 7.24
N PRO E 415 29.59 -8.79 6.92
CA PRO E 415 30.90 -8.21 6.64
C PRO E 415 31.74 -8.12 7.89
N PRO E 416 33.02 -8.45 7.81
CA PRO E 416 33.87 -8.46 9.00
C PRO E 416 34.20 -7.04 9.46
N ILE E 417 34.52 -6.94 10.75
CA ILE E 417 34.87 -5.66 11.37
C ILE E 417 36.38 -5.63 11.57
N ALA E 418 36.97 -4.45 11.44
CA ALA E 418 38.41 -4.30 11.55
C ALA E 418 38.82 -4.03 12.99
N GLY E 419 39.90 -4.67 13.41
CA GLY E 419 40.44 -4.48 14.74
C GLY E 419 39.84 -5.44 15.76
N GLN E 420 40.34 -5.33 16.98
CA GLN E 420 39.87 -6.17 18.07
C GLN E 420 38.53 -5.69 18.59
N ILE E 421 37.69 -6.64 19.00
CA ILE E 421 36.38 -6.36 19.57
C ILE E 421 36.20 -7.13 20.87
N ARG E 422 35.62 -6.46 21.86
CA ARG E 422 35.25 -7.07 23.12
C ARG E 422 33.81 -6.72 23.45
N CYS E 423 33.17 -7.58 24.23
CA CYS E 423 31.80 -7.34 24.65
C CYS E 423 31.56 -8.03 25.98
N SER E 424 30.51 -7.57 26.67
CA SER E 424 30.10 -8.15 27.94
C SER E 424 28.59 -8.27 27.94
N SER E 425 28.09 -9.33 28.58
CA SER E 425 26.66 -9.59 28.59
C SER E 425 26.26 -10.26 29.89
N ASN E 426 24.98 -10.15 30.22
CA ASN E 426 24.40 -10.83 31.37
C ASN E 426 23.98 -12.21 30.90
N ILE E 427 24.06 -13.20 31.79
CA ILE E 427 23.41 -14.49 31.54
C ILE E 427 22.20 -14.58 32.44
N THR E 428 21.00 -14.57 31.86
CA THR E 428 19.77 -14.57 32.63
C THR E 428 18.92 -15.81 32.44
N GLY E 429 19.27 -16.69 31.52
CA GLY E 429 18.42 -17.84 31.27
C GLY E 429 19.14 -18.93 30.51
N ILE E 430 18.72 -20.17 30.80
CA ILE E 430 19.22 -21.36 30.12
C ILE E 430 18.01 -22.13 29.57
N LEU E 431 18.11 -22.57 28.33
CA LEU E 431 17.11 -23.47 27.75
C LEU E 431 17.63 -24.89 27.89
N LEU E 432 16.79 -25.79 28.39
CA LEU E 432 17.20 -27.16 28.65
C LEU E 432 16.22 -28.13 28.01
N THR E 433 16.64 -29.40 27.94
CA THR E 433 15.81 -30.47 27.43
C THR E 433 16.20 -31.75 28.17
N ARG E 434 15.20 -32.47 28.68
CA ARG E 434 15.43 -33.66 29.50
C ARG E 434 16.07 -34.80 28.70
N GLU E 444 17.69 -37.93 36.37
CA GLU E 444 17.41 -37.62 34.97
C GLU E 444 18.57 -36.86 34.34
N ILE E 445 18.69 -36.97 33.02
CA ILE E 445 19.72 -36.26 32.26
C ILE E 445 19.10 -35.02 31.65
N PHE E 446 19.89 -33.95 31.53
CA PHE E 446 19.43 -32.69 30.99
C PHE E 446 20.50 -32.08 30.09
N ARG E 447 20.12 -31.77 28.86
CA ARG E 447 21.02 -31.24 27.85
C ARG E 447 20.44 -29.95 27.29
N PRO E 448 21.27 -28.94 27.05
CA PRO E 448 20.75 -27.69 26.49
C PRO E 448 20.63 -27.75 24.98
N GLU E 449 19.46 -27.37 24.48
CA GLU E 449 19.26 -27.18 23.04
C GLU E 449 18.18 -26.12 22.85
N GLY E 450 18.46 -25.16 21.98
CA GLY E 450 17.60 -24.02 21.80
C GLY E 450 17.45 -23.54 20.38
N GLY E 451 17.44 -24.46 19.42
CA GLY E 451 17.50 -24.11 18.00
C GLY E 451 16.34 -23.26 17.51
N ASN E 452 15.17 -23.38 18.13
CA ASN E 452 14.07 -22.47 17.83
C ASN E 452 14.27 -21.14 18.55
N MET E 453 13.97 -20.04 17.86
CA MET E 453 14.11 -18.73 18.45
C MET E 453 12.83 -18.20 19.07
N ARG E 454 11.73 -18.96 19.00
CA ARG E 454 10.50 -18.53 19.67
C ARG E 454 10.57 -18.75 21.18
N ASP E 455 11.32 -19.76 21.62
CA ASP E 455 11.51 -19.96 23.05
C ASP E 455 12.42 -18.91 23.67
N ASN E 456 13.19 -18.18 22.85
CA ASN E 456 13.92 -17.03 23.34
C ASN E 456 12.95 -15.92 23.75
N TRP E 457 11.91 -15.70 22.95
CA TRP E 457 10.95 -14.63 23.18
C TRP E 457 9.78 -15.06 24.05
N ARG E 458 9.63 -16.35 24.36
CA ARG E 458 8.63 -16.74 25.34
C ARG E 458 9.04 -16.37 26.76
N SER E 459 10.34 -16.16 26.97
CA SER E 459 10.81 -15.73 28.30
C SER E 459 10.59 -14.26 28.54
N GLU E 460 10.25 -13.48 27.51
CA GLU E 460 10.00 -12.06 27.65
C GLU E 460 8.52 -11.70 27.59
N LEU E 461 7.71 -12.50 26.90
CA LEU E 461 6.29 -12.26 26.76
C LEU E 461 5.45 -13.24 27.55
N TYR E 462 5.97 -13.76 28.66
CA TYR E 462 5.19 -14.70 29.47
C TYR E 462 4.20 -13.98 30.36
N LYS E 463 4.44 -12.70 30.64
CA LYS E 463 3.56 -11.93 31.51
C LYS E 463 2.37 -11.33 30.77
N TYR E 464 2.38 -11.32 29.45
CA TYR E 464 1.46 -10.50 28.68
C TYR E 464 0.38 -11.32 28.01
N LYS E 465 -0.71 -10.63 27.67
CA LYS E 465 -1.90 -11.19 27.03
C LYS E 465 -2.67 -10.04 26.42
N VAL E 466 -3.18 -10.25 25.20
CA VAL E 466 -3.92 -9.22 24.47
C VAL E 466 -5.40 -9.59 24.48
N VAL E 467 -6.25 -8.59 24.74
CA VAL E 467 -7.69 -8.79 24.84
C VAL E 467 -8.41 -7.74 23.99
N LYS E 468 -9.68 -8.02 23.70
CA LYS E 468 -10.50 -7.16 22.87
C LYS E 468 -11.66 -6.60 23.69
N ILE E 469 -11.77 -5.27 23.71
CA ILE E 469 -12.80 -4.60 24.50
C ILE E 469 -14.14 -4.72 23.79
N GLU E 470 -15.19 -5.06 24.54
CA GLU E 470 -16.55 -5.15 24.03
C GLU E 470 -17.40 -4.14 24.80
N PRO E 471 -17.50 -2.90 24.30
CA PRO E 471 -18.06 -1.83 25.13
C PRO E 471 -19.57 -1.88 25.31
N LEU E 472 -20.29 -2.69 24.55
CA LEU E 472 -21.75 -2.73 24.65
C LEU E 472 -22.19 -3.79 25.65
N GLY E 473 -23.29 -3.52 26.35
CA GLY E 473 -23.84 -4.46 27.29
C GLY E 473 -25.26 -4.09 27.66
N VAL E 474 -26.02 -5.10 28.07
CA VAL E 474 -27.43 -4.93 28.40
C VAL E 474 -27.67 -5.44 29.81
N ALA E 475 -28.56 -4.76 30.53
CA ALA E 475 -28.88 -5.10 31.91
C ALA E 475 -30.25 -4.53 32.24
N PRO E 476 -31.07 -5.25 32.99
CA PRO E 476 -32.42 -4.77 33.30
C PRO E 476 -32.42 -3.64 34.33
N THR E 477 -33.34 -2.70 34.12
CA THR E 477 -33.52 -1.57 35.02
C THR E 477 -35.01 -1.33 35.14
N LYS E 478 -35.43 -0.75 36.27
CA LYS E 478 -36.85 -0.53 36.55
C LYS E 478 -37.47 0.47 35.60
N CYS E 479 -36.73 1.51 35.21
CA CYS E 479 -37.29 2.60 34.43
C CYS E 479 -37.48 2.19 32.97
N LYS E 480 -38.57 2.68 32.38
CA LYS E 480 -38.87 2.46 30.97
C LYS E 480 -37.93 3.35 30.17
N PHE F 8 -10.86 8.76 37.34
CA PHE F 8 -10.19 8.57 38.62
C PHE F 8 -9.44 7.24 38.64
N LEU F 9 -10.13 6.17 38.22
CA LEU F 9 -9.51 4.86 38.18
C LEU F 9 -8.79 4.58 36.87
N GLY F 10 -8.80 5.52 35.92
CA GLY F 10 -8.13 5.32 34.66
C GLY F 10 -8.90 4.44 33.71
N PHE F 11 -8.25 4.08 32.62
CA PHE F 11 -8.87 3.24 31.60
C PHE F 11 -9.03 1.82 32.14
N LEU F 12 -10.25 1.28 32.04
CA LEU F 12 -10.61 -0.09 32.39
C LEU F 12 -10.37 -0.41 33.86
N GLY F 13 -10.31 0.61 34.72
CA GLY F 13 -9.95 0.39 36.12
C GLY F 13 -11.07 -0.11 36.99
N ALA F 14 -12.32 0.03 36.54
CA ALA F 14 -13.48 -0.43 37.30
C ALA F 14 -13.96 -1.80 36.86
N ALA F 15 -13.07 -2.62 36.30
CA ALA F 15 -13.48 -3.95 35.83
C ALA F 15 -13.77 -4.88 36.99
N GLY F 16 -13.11 -4.68 38.13
CA GLY F 16 -13.38 -5.51 39.29
C GLY F 16 -14.48 -5.00 40.19
N SER F 17 -14.89 -3.75 40.02
CA SER F 17 -15.95 -3.20 40.85
C SER F 17 -17.31 -3.70 40.39
N THR F 18 -18.33 -3.38 41.18
CA THR F 18 -19.69 -3.76 40.84
C THR F 18 -20.25 -2.83 39.76
N MET F 19 -21.45 -3.16 39.29
CA MET F 19 -22.09 -2.37 38.24
C MET F 19 -22.46 -0.98 38.71
N GLY F 20 -22.94 -0.87 39.95
CA GLY F 20 -23.35 0.43 40.48
C GLY F 20 -22.19 1.38 40.63
N ALA F 21 -21.01 0.86 40.95
CA ALA F 21 -19.82 1.69 41.02
C ALA F 21 -19.29 2.03 39.63
N ALA F 22 -19.36 1.08 38.69
CA ALA F 22 -18.74 1.26 37.38
C ALA F 22 -19.64 1.95 36.38
N SER F 23 -20.90 2.22 36.71
CA SER F 23 -21.78 2.87 35.76
C SER F 23 -21.55 4.37 35.67
N MET F 24 -20.85 4.96 36.63
CA MET F 24 -20.55 6.39 36.55
C MET F 24 -19.26 6.69 35.80
N THR F 25 -18.50 5.67 35.42
CA THR F 25 -17.19 5.85 34.81
C THR F 25 -17.10 5.24 33.41
N LEU F 26 -18.21 5.23 32.68
CA LEU F 26 -18.24 4.63 31.35
C LEU F 26 -17.49 5.44 30.31
N THR F 27 -17.18 6.70 30.60
CA THR F 27 -16.55 7.57 29.61
C THR F 27 -15.10 7.16 29.34
N VAL F 28 -14.38 6.75 30.38
CA VAL F 28 -12.94 6.47 30.24
C VAL F 28 -12.71 5.20 29.42
N GLN F 29 -13.71 4.34 29.32
CA GLN F 29 -13.65 3.27 28.33
C GLN F 29 -14.25 3.72 27.01
N ALA F 30 -15.20 4.66 27.05
CA ALA F 30 -15.84 5.11 25.82
C ALA F 30 -14.94 6.04 25.01
N ARG F 31 -14.07 6.80 25.68
CA ARG F 31 -13.26 7.80 24.99
C ARG F 31 -12.13 7.16 24.20
N LEU F 32 -11.46 6.16 24.78
CA LEU F 32 -10.24 5.61 24.22
C LEU F 32 -10.48 4.50 23.20
N LEU F 33 -11.64 4.47 22.55
CA LEU F 33 -11.86 3.50 21.48
C LEU F 33 -11.38 4.02 20.13
N LEU F 34 -10.99 5.28 20.04
CA LEU F 34 -10.46 5.84 18.81
C LEU F 34 -8.93 5.82 18.83
N SER F 35 -8.35 6.23 17.71
CA SER F 35 -6.89 6.26 17.59
C SER F 35 -6.33 7.50 18.28
N GLY F 36 -5.01 7.65 18.22
CA GLY F 36 -4.35 8.80 18.82
C GLY F 36 -3.17 8.42 19.69
N ILE F 37 -3.04 7.13 19.99
CA ILE F 37 -1.97 6.65 20.85
C ILE F 37 -0.70 6.45 20.06
N LYS F 63 1.34 -3.20 6.48
CA LYS F 63 1.37 -1.78 6.80
C LYS F 63 0.41 -1.45 7.93
N GLN F 64 0.51 -0.24 8.45
CA GLN F 64 -0.37 0.19 9.54
C GLN F 64 -1.61 0.92 9.04
N LEU F 65 -1.81 1.01 7.73
CA LEU F 65 -3.06 1.58 7.21
C LEU F 65 -4.23 0.65 7.49
N GLN F 66 -4.00 -0.66 7.37
CA GLN F 66 -5.09 -1.62 7.51
C GLN F 66 -5.61 -1.71 8.94
N ALA F 67 -4.70 -1.70 9.92
CA ALA F 67 -5.13 -1.75 11.32
C ALA F 67 -5.82 -0.45 11.72
N ARG F 68 -5.43 0.65 11.09
CA ARG F 68 -6.01 1.95 11.41
C ARG F 68 -7.43 2.06 10.85
N VAL F 69 -7.62 1.60 9.60
CA VAL F 69 -8.96 1.49 9.01
C VAL F 69 -9.82 0.49 9.79
N LEU F 70 -9.18 -0.58 10.31
CA LEU F 70 -9.91 -1.55 11.13
C LEU F 70 -10.40 -0.94 12.43
N ALA F 71 -9.59 -0.08 13.06
CA ALA F 71 -10.02 0.61 14.27
C ALA F 71 -11.20 1.53 14.01
N VAL F 72 -11.15 2.27 12.88
CA VAL F 72 -12.26 3.14 12.49
C VAL F 72 -13.53 2.32 12.24
N GLU F 73 -13.38 1.18 11.57
CA GLU F 73 -14.53 0.35 11.24
C GLU F 73 -15.14 -0.31 12.47
N ARG F 74 -14.31 -0.71 13.44
CA ARG F 74 -14.83 -1.29 14.68
C ARG F 74 -15.61 -0.25 15.49
N TYR F 75 -15.08 0.97 15.59
CA TYR F 75 -15.78 2.03 16.31
C TYR F 75 -17.10 2.37 15.62
N LEU F 76 -17.09 2.45 14.29
CA LEU F 76 -18.32 2.74 13.55
C LEU F 76 -19.33 1.62 13.67
N LYS F 77 -18.88 0.36 13.71
CA LYS F 77 -19.79 -0.76 13.89
C LYS F 77 -20.50 -0.70 15.23
N ASP F 78 -19.75 -0.43 16.30
CA ASP F 78 -20.37 -0.28 17.61
C ASP F 78 -21.31 0.92 17.65
N GLN F 79 -20.92 2.03 17.01
CA GLN F 79 -21.72 3.25 17.06
C GLN F 79 -23.04 3.09 16.31
N GLN F 80 -23.04 2.47 15.13
CA GLN F 80 -24.30 2.35 14.41
C GLN F 80 -25.12 1.16 14.89
N LEU F 81 -24.49 0.17 15.54
CA LEU F 81 -25.27 -0.85 16.23
C LEU F 81 -26.03 -0.23 17.39
N LEU F 82 -25.41 0.74 18.07
CA LEU F 82 -26.12 1.54 19.06
C LEU F 82 -27.19 2.42 18.40
N GLY F 83 -26.89 2.96 17.22
CA GLY F 83 -27.79 3.94 16.62
C GLY F 83 -29.01 3.33 15.97
N ILE F 84 -28.95 2.05 15.60
CA ILE F 84 -30.14 1.36 15.10
C ILE F 84 -31.20 1.24 16.18
N TRP F 85 -30.78 0.93 17.40
CA TRP F 85 -31.67 0.78 18.54
C TRP F 85 -32.24 2.09 19.05
N GLY F 86 -31.79 3.23 18.54
CA GLY F 86 -32.10 4.50 19.14
C GLY F 86 -31.06 4.88 20.17
N CYS F 87 -31.19 6.10 20.68
CA CYS F 87 -30.26 6.70 21.65
C CYS F 87 -28.82 6.73 21.11
N SER F 88 -28.63 7.40 19.97
CA SER F 88 -27.31 7.47 19.36
C SER F 88 -26.39 8.42 20.10
N GLY F 89 -26.94 9.43 20.76
CA GLY F 89 -26.12 10.47 21.35
C GLY F 89 -25.93 10.39 22.85
N LYS F 90 -26.16 9.22 23.44
CA LYS F 90 -26.04 9.08 24.89
C LYS F 90 -25.43 7.73 25.23
N LEU F 91 -24.85 7.66 26.42
CA LEU F 91 -24.17 6.46 26.88
C LEU F 91 -25.09 5.50 27.63
N ILE F 92 -26.15 6.00 28.25
CA ILE F 92 -27.13 5.17 28.93
C ILE F 92 -28.49 5.41 28.27
N CYS F 93 -29.09 4.34 27.75
CA CYS F 93 -30.39 4.43 27.10
C CYS F 93 -31.33 3.41 27.72
N CYS F 94 -32.63 3.68 27.59
CA CYS F 94 -33.66 2.82 28.13
C CYS F 94 -34.63 2.45 27.02
N THR F 95 -34.94 1.16 26.91
CA THR F 95 -35.74 0.63 25.84
C THR F 95 -37.06 0.09 26.39
N ALA F 96 -37.96 -0.25 25.47
CA ALA F 96 -39.30 -0.70 25.86
C ALA F 96 -39.45 -2.21 25.93
N VAL F 97 -38.40 -2.97 25.63
CA VAL F 97 -38.47 -4.43 25.62
C VAL F 97 -38.50 -4.94 27.05
N PRO F 98 -39.49 -5.74 27.43
CA PRO F 98 -39.55 -6.26 28.80
C PRO F 98 -38.49 -7.33 29.06
N TRP F 99 -38.02 -7.36 30.31
CA TRP F 99 -37.03 -8.33 30.70
C TRP F 99 -37.65 -9.69 30.93
N ASN F 100 -37.04 -10.72 30.34
CA ASN F 100 -37.53 -12.09 30.41
C ASN F 100 -36.74 -12.82 31.48
N ALA F 101 -37.44 -13.61 32.31
CA ALA F 101 -36.80 -14.34 33.38
C ALA F 101 -36.03 -15.56 32.88
N SER F 102 -36.26 -15.98 31.63
CA SER F 102 -35.50 -17.11 31.09
C SER F 102 -34.06 -16.73 30.81
N TRP F 103 -33.81 -15.46 30.48
CA TRP F 103 -32.44 -14.98 30.32
C TRP F 103 -31.69 -14.99 31.65
N SER F 104 -32.29 -14.38 32.68
CA SER F 104 -31.78 -14.36 34.04
C SER F 104 -32.92 -13.95 34.95
N ASN F 105 -32.92 -14.48 36.17
CA ASN F 105 -34.03 -14.26 37.08
C ASN F 105 -33.64 -13.87 38.50
N ARG F 106 -32.38 -13.54 38.75
CA ARG F 106 -31.98 -13.19 40.10
C ARG F 106 -32.39 -11.74 40.43
N SER F 107 -32.28 -11.40 41.72
CA SER F 107 -32.81 -10.15 42.22
C SER F 107 -31.99 -8.96 41.74
N LEU F 108 -32.63 -7.78 41.75
CA LEU F 108 -32.04 -6.60 41.12
C LEU F 108 -30.88 -6.04 41.95
N ASP F 109 -30.97 -6.13 43.28
CA ASP F 109 -29.88 -5.63 44.11
C ASP F 109 -28.65 -6.52 44.01
N ASN F 110 -28.86 -7.83 43.80
CA ASN F 110 -27.74 -8.74 43.55
C ASN F 110 -27.04 -8.42 42.24
N ILE F 111 -27.81 -8.04 41.22
CA ILE F 111 -27.21 -7.69 39.93
C ILE F 111 -26.47 -6.37 40.02
N TRP F 112 -27.09 -5.36 40.62
CA TRP F 112 -26.61 -3.99 40.52
C TRP F 112 -25.74 -3.56 41.69
N ASN F 113 -25.57 -4.39 42.71
CA ASN F 113 -24.74 -4.02 43.86
C ASN F 113 -23.72 -5.07 44.26
N ASN F 114 -23.76 -6.26 43.67
CA ASN F 114 -22.89 -7.36 44.07
C ASN F 114 -22.08 -7.93 42.92
N MET F 115 -22.53 -7.77 41.68
CA MET F 115 -21.95 -8.48 40.56
C MET F 115 -21.15 -7.52 39.68
N THR F 116 -20.02 -8.03 39.17
CA THR F 116 -19.21 -7.32 38.20
C THR F 116 -19.83 -7.45 36.81
N TRP F 117 -19.35 -6.62 35.88
CA TRP F 117 -19.91 -6.65 34.53
C TRP F 117 -19.51 -7.92 33.78
N MET F 118 -18.34 -8.49 34.10
CA MET F 118 -17.86 -9.65 33.37
C MET F 118 -18.65 -10.91 33.72
N GLU F 119 -19.04 -11.04 34.98
CA GLU F 119 -19.86 -12.18 35.40
C GLU F 119 -21.24 -12.12 34.76
N TRP F 120 -21.77 -10.91 34.57
CA TRP F 120 -23.04 -10.76 33.90
C TRP F 120 -22.92 -11.03 32.41
N ASP F 121 -21.80 -10.62 31.81
CA ASP F 121 -21.55 -10.94 30.41
C ASP F 121 -21.39 -12.44 30.20
N ARG F 122 -20.92 -13.15 31.22
CA ARG F 122 -20.83 -14.61 31.13
C ARG F 122 -22.20 -15.26 31.20
N GLU F 123 -23.11 -14.70 32.00
CA GLU F 123 -24.40 -15.36 32.23
C GLU F 123 -25.34 -15.24 31.03
N ILE F 124 -25.42 -14.06 30.43
CA ILE F 124 -26.42 -13.83 29.39
C ILE F 124 -25.79 -13.95 28.01
N ASN F 125 -24.63 -14.63 27.94
CA ASN F 125 -23.90 -14.75 26.68
C ASN F 125 -24.64 -15.59 25.66
N ASN F 126 -25.53 -16.47 26.10
CA ASN F 126 -26.34 -17.25 25.18
C ASN F 126 -27.54 -16.50 24.64
N TYR F 127 -27.85 -15.32 25.18
CA TYR F 127 -29.06 -14.60 24.81
C TYR F 127 -28.83 -13.17 24.34
N THR F 128 -27.57 -12.75 24.12
CA THR F 128 -27.31 -11.36 23.75
C THR F 128 -27.83 -11.02 22.37
N ASN F 129 -27.71 -11.95 21.42
CA ASN F 129 -28.18 -11.70 20.06
C ASN F 129 -29.70 -11.61 20.00
N LEU F 130 -30.39 -12.43 20.82
CA LEU F 130 -31.84 -12.39 20.85
C LEU F 130 -32.35 -11.09 21.46
N ILE F 131 -31.68 -10.60 22.50
CA ILE F 131 -32.04 -9.31 23.10
C ILE F 131 -31.75 -8.17 22.13
N TYR F 132 -30.65 -8.27 21.37
CA TYR F 132 -30.35 -7.26 20.36
C TYR F 132 -31.41 -7.23 19.26
N ASN F 133 -31.88 -8.40 18.84
CA ASN F 133 -32.93 -8.46 17.82
C ASN F 133 -34.26 -7.94 18.34
N LEU F 134 -34.58 -8.21 19.61
CA LEU F 134 -35.82 -7.67 20.17
C LEU F 134 -35.76 -6.16 20.36
N ILE F 135 -34.58 -5.63 20.71
CA ILE F 135 -34.43 -4.18 20.83
C ILE F 135 -34.52 -3.52 19.46
N GLU F 136 -33.94 -4.17 18.44
CA GLU F 136 -34.02 -3.67 17.07
C GLU F 136 -35.46 -3.70 16.55
N GLU F 137 -36.22 -4.73 16.91
CA GLU F 137 -37.61 -4.84 16.46
C GLU F 137 -38.49 -3.78 17.10
N SER F 138 -38.24 -3.47 18.38
CA SER F 138 -39.10 -2.52 19.09
C SER F 138 -38.86 -1.09 18.64
N GLN F 139 -37.63 -0.76 18.26
CA GLN F 139 -37.34 0.57 17.73
C GLN F 139 -37.92 0.78 16.34
N ASN F 140 -38.13 -0.32 15.59
CA ASN F 140 -38.74 -0.23 14.26
C ASN F 140 -40.16 0.31 14.30
N GLN F 141 -40.88 0.11 15.39
CA GLN F 141 -42.19 0.73 15.57
C GLN F 141 -42.03 2.17 16.03
#